data_2PK7
# 
_entry.id   2PK7 
# 
_audit_conform.dict_name       mmcif_pdbx.dic 
_audit_conform.dict_version    5.397 
_audit_conform.dict_location   http://mmcif.pdb.org/dictionaries/ascii/mmcif_pdbx.dic 
# 
loop_
_database_2.database_id 
_database_2.database_code 
_database_2.pdbx_database_accession 
_database_2.pdbx_DOI 
PDB   2PK7         pdb_00002pk7 10.2210/pdb2pk7/pdb 
RCSB  RCSB042468   ?            ?                   
WWPDB D_1000042468 ?            ?                   
# 
loop_
_pdbx_audit_revision_history.ordinal 
_pdbx_audit_revision_history.data_content_type 
_pdbx_audit_revision_history.major_revision 
_pdbx_audit_revision_history.minor_revision 
_pdbx_audit_revision_history.revision_date 
1 'Structure model' 1 0 2007-05-01 
2 'Structure model' 1 1 2008-05-01 
3 'Structure model' 1 2 2011-07-13 
4 'Structure model' 1 3 2017-10-18 
5 'Structure model' 1 4 2024-10-16 
# 
_pdbx_audit_revision_details.ordinal             1 
_pdbx_audit_revision_details.revision_ordinal    1 
_pdbx_audit_revision_details.data_content_type   'Structure model' 
_pdbx_audit_revision_details.provider            repository 
_pdbx_audit_revision_details.type                'Initial release' 
_pdbx_audit_revision_details.description         ? 
_pdbx_audit_revision_details.details             ? 
# 
loop_
_pdbx_audit_revision_group.ordinal 
_pdbx_audit_revision_group.revision_ordinal 
_pdbx_audit_revision_group.data_content_type 
_pdbx_audit_revision_group.group 
1 2 'Structure model' 'Version format compliance' 
2 3 'Structure model' 'Source and taxonomy'       
3 3 'Structure model' 'Version format compliance' 
4 4 'Structure model' 'Refinement description'    
5 5 'Structure model' 'Data collection'           
6 5 'Structure model' 'Database references'       
7 5 'Structure model' 'Derived calculations'      
8 5 'Structure model' 'Structure summary'         
# 
loop_
_pdbx_audit_revision_category.ordinal 
_pdbx_audit_revision_category.revision_ordinal 
_pdbx_audit_revision_category.data_content_type 
_pdbx_audit_revision_category.category 
1 4 'Structure model' software                  
2 5 'Structure model' chem_comp_atom            
3 5 'Structure model' chem_comp_bond            
4 5 'Structure model' database_2                
5 5 'Structure model' pdbx_entry_details        
6 5 'Structure model' pdbx_modification_feature 
7 5 'Structure model' struct_conn               
8 5 'Structure model' struct_ref_seq_dif        
# 
loop_
_pdbx_audit_revision_item.ordinal 
_pdbx_audit_revision_item.revision_ordinal 
_pdbx_audit_revision_item.data_content_type 
_pdbx_audit_revision_item.item 
1 4 'Structure model' '_software.name'                      
2 5 'Structure model' '_database_2.pdbx_DOI'                
3 5 'Structure model' '_database_2.pdbx_database_accession' 
4 5 'Structure model' '_struct_conn.pdbx_leaving_atom_flag' 
5 5 'Structure model' '_struct_ref_seq_dif.details'         
# 
_pdbx_database_status.status_code                     REL 
_pdbx_database_status.entry_id                        2PK7 
_pdbx_database_status.recvd_initial_deposition_date   2007-04-17 
_pdbx_database_status.deposit_site                    RCSB 
_pdbx_database_status.process_site                    RCSB 
_pdbx_database_status.status_code_sf                  REL 
_pdbx_database_status.status_code_mr                  ? 
_pdbx_database_status.SG_entry                        Y 
_pdbx_database_status.pdb_format_compatible           Y 
_pdbx_database_status.status_code_cs                  ? 
_pdbx_database_status.methods_development_category    ? 
_pdbx_database_status.status_code_nmr_data            ? 
# 
loop_
_pdbx_database_related.db_name 
_pdbx_database_related.db_id 
_pdbx_database_related.details 
_pdbx_database_related.content_type 
TargetDB PlR1 . unspecified 
PDB      2HF1 
'Homolog: Crystal structure of putative Tetraacyldisaccharide-1-P 4-kinase from Chromobacterium violaceum. NESG target CvR39.' 
unspecified 
# 
loop_
_audit_author.name 
_audit_author.pdbx_ordinal 
'Vorobiev, S.M.'                                  1  
'Neely, H.'                                       2  
'Jayaraman, S.'                                   3  
'Chen, C.X.'                                      4  
'Janjua, H.'                                      5  
'Xiao, R.'                                        6  
'Acton, T.'                                       7  
'Montelione, G.T.'                                8  
'Hunt, J.F.'                                      9  
'Tong, L.'                                        10 
'Northeast Structural Genomics Consortium (NESG)' 11 
# 
_citation.id                        primary 
_citation.title                     'Crystal structure of the Q4KFT4_PSEF5 protein from Pseudomonas fluorescens.' 
_citation.journal_abbrev            'To be Published' 
_citation.journal_volume            ? 
_citation.page_first                ? 
_citation.page_last                 ? 
_citation.year                      ? 
_citation.journal_id_ASTM           ? 
_citation.country                   ? 
_citation.journal_id_ISSN           ? 
_citation.journal_id_CSD            0353 
_citation.book_publisher            ? 
_citation.pdbx_database_id_PubMed   ? 
_citation.pdbx_database_id_DOI      ? 
# 
loop_
_citation_author.citation_id 
_citation_author.name 
_citation_author.ordinal 
_citation_author.identifier_ORCID 
primary 'Vorobiev, S.M.'   1  ? 
primary 'Neely, H.'        2  ? 
primary 'Jayaraman, S.'    3  ? 
primary 'Chen, C.X.'       4  ? 
primary 'Janjua, H.'       5  ? 
primary 'Xiao, R.'         6  ? 
primary 'Acton, T.'        7  ? 
primary 'Montelione, G.T.' 8  ? 
primary 'Hunt, J.F.'       9  ? 
primary 'Tong, L.'         10 ? 
# 
loop_
_entity.id 
_entity.type 
_entity.src_method 
_entity.pdbx_description 
_entity.formula_weight 
_entity.pdbx_number_of_molecules 
_entity.pdbx_ec 
_entity.pdbx_mutation 
_entity.pdbx_fragment 
_entity.details 
1 polymer man 'Uncharacterized protein' 7817.781 2  ? ? ? ? 
2 water   nat water                     18.015   68 ? ? ? ? 
# 
_entity_poly.entity_id                      1 
_entity_poly.type                           'polypeptide(L)' 
_entity_poly.nstd_linkage                   no 
_entity_poly.nstd_monomer                   yes 
_entity_poly.pdbx_seq_one_letter_code       '(MSE)DTKLLDILACPICKGPLKLSADKTELISKGAGLAYPIRDGIPV(MSE)LESEARTLTTEERLDKLEHHHHHH' 
_entity_poly.pdbx_seq_one_letter_code_can   MDTKLLDILACPICKGPLKLSADKTELISKGAGLAYPIRDGIPVMLESEARTLTTEERLDKLEHHHHHH 
_entity_poly.pdbx_strand_id                 A,B 
_entity_poly.pdbx_target_identifier         PlR1 
# 
_pdbx_entity_nonpoly.entity_id   2 
_pdbx_entity_nonpoly.name        water 
_pdbx_entity_nonpoly.comp_id     HOH 
# 
loop_
_entity_poly_seq.entity_id 
_entity_poly_seq.num 
_entity_poly_seq.mon_id 
_entity_poly_seq.hetero 
1 1  MSE n 
1 2  ASP n 
1 3  THR n 
1 4  LYS n 
1 5  LEU n 
1 6  LEU n 
1 7  ASP n 
1 8  ILE n 
1 9  LEU n 
1 10 ALA n 
1 11 CYS n 
1 12 PRO n 
1 13 ILE n 
1 14 CYS n 
1 15 LYS n 
1 16 GLY n 
1 17 PRO n 
1 18 LEU n 
1 19 LYS n 
1 20 LEU n 
1 21 SER n 
1 22 ALA n 
1 23 ASP n 
1 24 LYS n 
1 25 THR n 
1 26 GLU n 
1 27 LEU n 
1 28 ILE n 
1 29 SER n 
1 30 LYS n 
1 31 GLY n 
1 32 ALA n 
1 33 GLY n 
1 34 LEU n 
1 35 ALA n 
1 36 TYR n 
1 37 PRO n 
1 38 ILE n 
1 39 ARG n 
1 40 ASP n 
1 41 GLY n 
1 42 ILE n 
1 43 PRO n 
1 44 VAL n 
1 45 MSE n 
1 46 LEU n 
1 47 GLU n 
1 48 SER n 
1 49 GLU n 
1 50 ALA n 
1 51 ARG n 
1 52 THR n 
1 53 LEU n 
1 54 THR n 
1 55 THR n 
1 56 GLU n 
1 57 GLU n 
1 58 ARG n 
1 59 LEU n 
1 60 ASP n 
1 61 LYS n 
1 62 LEU n 
1 63 GLU n 
1 64 HIS n 
1 65 HIS n 
1 66 HIS n 
1 67 HIS n 
1 68 HIS n 
1 69 HIS n 
# 
_entity_src_gen.entity_id                          1 
_entity_src_gen.pdbx_src_id                        1 
_entity_src_gen.pdbx_alt_source_flag               sample 
_entity_src_gen.pdbx_seq_type                      ? 
_entity_src_gen.pdbx_beg_seq_num                   ? 
_entity_src_gen.pdbx_end_seq_num                   ? 
_entity_src_gen.gene_src_common_name               ? 
_entity_src_gen.gene_src_genus                     Pseudomonas 
_entity_src_gen.pdbx_gene_src_gene                 PFL_1779 
_entity_src_gen.gene_src_species                   'Pseudomonas fluorescens' 
_entity_src_gen.gene_src_strain                    Pf-5 
_entity_src_gen.gene_src_tissue                    ? 
_entity_src_gen.gene_src_tissue_fraction           ? 
_entity_src_gen.gene_src_details                   ? 
_entity_src_gen.pdbx_gene_src_fragment             ? 
_entity_src_gen.pdbx_gene_src_scientific_name      'Pseudomonas fluorescens' 
_entity_src_gen.pdbx_gene_src_ncbi_taxonomy_id     220664 
_entity_src_gen.pdbx_gene_src_variant              ? 
_entity_src_gen.pdbx_gene_src_cell_line            ? 
_entity_src_gen.pdbx_gene_src_atcc                 BAA-477 
_entity_src_gen.pdbx_gene_src_organ                ? 
_entity_src_gen.pdbx_gene_src_organelle            ? 
_entity_src_gen.pdbx_gene_src_cell                 ? 
_entity_src_gen.pdbx_gene_src_cellular_location    ? 
_entity_src_gen.host_org_common_name               ? 
_entity_src_gen.pdbx_host_org_scientific_name      'Escherichia coli' 
_entity_src_gen.pdbx_host_org_ncbi_taxonomy_id     562 
_entity_src_gen.host_org_genus                     Escherichia 
_entity_src_gen.pdbx_host_org_gene                 ? 
_entity_src_gen.pdbx_host_org_organ                ? 
_entity_src_gen.host_org_species                   ? 
_entity_src_gen.pdbx_host_org_tissue               ? 
_entity_src_gen.pdbx_host_org_tissue_fraction      ? 
_entity_src_gen.pdbx_host_org_strain               'BL21(DE3)+Magic' 
_entity_src_gen.pdbx_host_org_variant              ? 
_entity_src_gen.pdbx_host_org_cell_line            ? 
_entity_src_gen.pdbx_host_org_atcc                 ? 
_entity_src_gen.pdbx_host_org_culture_collection   ? 
_entity_src_gen.pdbx_host_org_cell                 ? 
_entity_src_gen.pdbx_host_org_organelle            ? 
_entity_src_gen.pdbx_host_org_cellular_location    ? 
_entity_src_gen.pdbx_host_org_vector_type          Plasmid 
_entity_src_gen.pdbx_host_org_vector               ? 
_entity_src_gen.host_org_details                   ? 
_entity_src_gen.expression_system_id               ? 
_entity_src_gen.plasmid_name                       pET21 
_entity_src_gen.plasmid_details                    ? 
_entity_src_gen.pdbx_description                   ? 
# 
loop_
_chem_comp.id 
_chem_comp.type 
_chem_comp.mon_nstd_flag 
_chem_comp.name 
_chem_comp.pdbx_synonyms 
_chem_comp.formula 
_chem_comp.formula_weight 
ALA 'L-peptide linking' y ALANINE          ? 'C3 H7 N O2'     89.093  
ARG 'L-peptide linking' y ARGININE         ? 'C6 H15 N4 O2 1' 175.209 
ASP 'L-peptide linking' y 'ASPARTIC ACID'  ? 'C4 H7 N O4'     133.103 
CYS 'L-peptide linking' y CYSTEINE         ? 'C3 H7 N O2 S'   121.158 
GLU 'L-peptide linking' y 'GLUTAMIC ACID'  ? 'C5 H9 N O4'     147.129 
GLY 'peptide linking'   y GLYCINE          ? 'C2 H5 N O2'     75.067  
HIS 'L-peptide linking' y HISTIDINE        ? 'C6 H10 N3 O2 1' 156.162 
HOH non-polymer         . WATER            ? 'H2 O'           18.015  
ILE 'L-peptide linking' y ISOLEUCINE       ? 'C6 H13 N O2'    131.173 
LEU 'L-peptide linking' y LEUCINE          ? 'C6 H13 N O2'    131.173 
LYS 'L-peptide linking' y LYSINE           ? 'C6 H15 N2 O2 1' 147.195 
MET 'L-peptide linking' y METHIONINE       ? 'C5 H11 N O2 S'  149.211 
MSE 'L-peptide linking' n SELENOMETHIONINE ? 'C5 H11 N O2 Se' 196.106 
PRO 'L-peptide linking' y PROLINE          ? 'C5 H9 N O2'     115.130 
SER 'L-peptide linking' y SERINE           ? 'C3 H7 N O3'     105.093 
THR 'L-peptide linking' y THREONINE        ? 'C4 H9 N O3'     119.119 
TYR 'L-peptide linking' y TYROSINE         ? 'C9 H11 N O3'    181.189 
VAL 'L-peptide linking' y VALINE           ? 'C5 H11 N O2'    117.146 
# 
loop_
_pdbx_poly_seq_scheme.asym_id 
_pdbx_poly_seq_scheme.entity_id 
_pdbx_poly_seq_scheme.seq_id 
_pdbx_poly_seq_scheme.mon_id 
_pdbx_poly_seq_scheme.ndb_seq_num 
_pdbx_poly_seq_scheme.pdb_seq_num 
_pdbx_poly_seq_scheme.auth_seq_num 
_pdbx_poly_seq_scheme.pdb_mon_id 
_pdbx_poly_seq_scheme.auth_mon_id 
_pdbx_poly_seq_scheme.pdb_strand_id 
_pdbx_poly_seq_scheme.pdb_ins_code 
_pdbx_poly_seq_scheme.hetero 
A 1 1  MSE 1  1  ?  ?   ?   A . n 
A 1 2  ASP 2  2  ?  ?   ?   A . n 
A 1 3  THR 3  3  3  THR ALA A . n 
A 1 4  LYS 4  4  4  LYS ALA A . n 
A 1 5  LEU 5  5  5  LEU LEU A . n 
A 1 6  LEU 6  6  6  LEU LEU A . n 
A 1 7  ASP 7  7  7  ASP ASP A . n 
A 1 8  ILE 8  8  8  ILE ILE A . n 
A 1 9  LEU 9  9  9  LEU LEU A . n 
A 1 10 ALA 10 10 10 ALA ALA A . n 
A 1 11 CYS 11 11 11 CYS CYS A . n 
A 1 12 PRO 12 12 12 PRO PRO A . n 
A 1 13 ILE 13 13 13 ILE ILE A . n 
A 1 14 CYS 14 14 14 CYS CYS A . n 
A 1 15 LYS 15 15 15 LYS LYS A . n 
A 1 16 GLY 16 16 16 GLY GLY A . n 
A 1 17 PRO 17 17 17 PRO PRO A . n 
A 1 18 LEU 18 18 18 LEU LEU A . n 
A 1 19 LYS 19 19 19 LYS LYS A . n 
A 1 20 LEU 20 20 20 LEU LEU A . n 
A 1 21 SER 21 21 21 SER SER A . n 
A 1 22 ALA 22 22 22 ALA ALA A . n 
A 1 23 ASP 23 23 23 ASP ASP A . n 
A 1 24 LYS 24 24 24 LYS LYS A . n 
A 1 25 THR 25 25 25 THR THR A . n 
A 1 26 GLU 26 26 26 GLU GLU A . n 
A 1 27 LEU 27 27 27 LEU LEU A . n 
A 1 28 ILE 28 28 28 ILE ILE A . n 
A 1 29 SER 29 29 29 SER SER A . n 
A 1 30 LYS 30 30 30 LYS ALA A . n 
A 1 31 GLY 31 31 31 GLY GLY A . n 
A 1 32 ALA 32 32 32 ALA ALA A . n 
A 1 33 GLY 33 33 33 GLY GLY A . n 
A 1 34 LEU 34 34 34 LEU LEU A . n 
A 1 35 ALA 35 35 35 ALA ALA A . n 
A 1 36 TYR 36 36 36 TYR TYR A . n 
A 1 37 PRO 37 37 37 PRO PRO A . n 
A 1 38 ILE 38 38 38 ILE ILE A . n 
A 1 39 ARG 39 39 39 ARG ARG A . n 
A 1 40 ASP 40 40 40 ASP ASP A . n 
A 1 41 GLY 41 41 41 GLY GLY A . n 
A 1 42 ILE 42 42 42 ILE ILE A . n 
A 1 43 PRO 43 43 43 PRO PRO A . n 
A 1 44 VAL 44 44 44 VAL VAL A . n 
A 1 45 MSE 45 45 45 MSE MSE A . n 
A 1 46 LEU 46 46 46 LEU LEU A . n 
A 1 47 GLU 47 47 47 GLU GLU A . n 
A 1 48 SER 48 48 48 SER SER A . n 
A 1 49 GLU 49 49 49 GLU GLU A . n 
A 1 50 ALA 50 50 50 ALA ALA A . n 
A 1 51 ARG 51 51 51 ARG ARG A . n 
A 1 52 THR 52 52 52 THR THR A . n 
A 1 53 LEU 53 53 53 LEU LEU A . n 
A 1 54 THR 54 54 54 THR THR A . n 
A 1 55 THR 55 55 55 THR THR A . n 
A 1 56 GLU 56 56 56 GLU ALA A . n 
A 1 57 GLU 57 57 57 GLU GLU A . n 
A 1 58 ARG 58 58 58 ARG ARG A . n 
A 1 59 LEU 59 59 59 LEU LEU A . n 
A 1 60 ASP 60 60 60 ASP ASP A . n 
A 1 61 LYS 61 61 61 LYS ALA A . n 
A 1 62 LEU 62 62 62 LEU ALA A . n 
A 1 63 GLU 63 63 63 GLU GLU A . n 
A 1 64 HIS 64 64 64 HIS HIS A . n 
A 1 65 HIS 65 65 65 HIS HIS A . n 
A 1 66 HIS 66 66 66 HIS ALA A . n 
A 1 67 HIS 67 67 ?  ?   ?   A . n 
A 1 68 HIS 68 68 ?  ?   ?   A . n 
A 1 69 HIS 69 69 ?  ?   ?   A . n 
B 1 1  MSE 1  1  ?  ?   ?   B . n 
B 1 2  ASP 2  2  ?  ?   ?   B . n 
B 1 3  THR 3  3  3  THR ALA B . n 
B 1 4  LYS 4  4  4  LYS LYS B . n 
B 1 5  LEU 5  5  5  LEU LEU B . n 
B 1 6  LEU 6  6  6  LEU LEU B . n 
B 1 7  ASP 7  7  7  ASP ASP B . n 
B 1 8  ILE 8  8  8  ILE ILE B . n 
B 1 9  LEU 9  9  9  LEU LEU B . n 
B 1 10 ALA 10 10 10 ALA ALA B . n 
B 1 11 CYS 11 11 11 CYS CYS B . n 
B 1 12 PRO 12 12 12 PRO PRO B . n 
B 1 13 ILE 13 13 13 ILE ILE B . n 
B 1 14 CYS 14 14 14 CYS CYS B . n 
B 1 15 LYS 15 15 15 LYS LYS B . n 
B 1 16 GLY 16 16 16 GLY GLY B . n 
B 1 17 PRO 17 17 17 PRO PRO B . n 
B 1 18 LEU 18 18 18 LEU LEU B . n 
B 1 19 LYS 19 19 19 LYS LYS B . n 
B 1 20 LEU 20 20 20 LEU LEU B . n 
B 1 21 SER 21 21 21 SER SER B . n 
B 1 22 ALA 22 22 22 ALA ALA B . n 
B 1 23 ASP 23 23 23 ASP ASP B . n 
B 1 24 LYS 24 24 24 LYS LYS B . n 
B 1 25 THR 25 25 25 THR THR B . n 
B 1 26 GLU 26 26 26 GLU GLU B . n 
B 1 27 LEU 27 27 27 LEU LEU B . n 
B 1 28 ILE 28 28 28 ILE ILE B . n 
B 1 29 SER 29 29 29 SER SER B . n 
B 1 30 LYS 30 30 30 LYS LYS B . n 
B 1 31 GLY 31 31 31 GLY GLY B . n 
B 1 32 ALA 32 32 32 ALA ALA B . n 
B 1 33 GLY 33 33 33 GLY GLY B . n 
B 1 34 LEU 34 34 34 LEU LEU B . n 
B 1 35 ALA 35 35 35 ALA ALA B . n 
B 1 36 TYR 36 36 36 TYR TYR B . n 
B 1 37 PRO 37 37 37 PRO PRO B . n 
B 1 38 ILE 38 38 38 ILE ILE B . n 
B 1 39 ARG 39 39 39 ARG ARG B . n 
B 1 40 ASP 40 40 40 ASP ASP B . n 
B 1 41 GLY 41 41 41 GLY GLY B . n 
B 1 42 ILE 42 42 42 ILE ILE B . n 
B 1 43 PRO 43 43 43 PRO PRO B . n 
B 1 44 VAL 44 44 44 VAL VAL B . n 
B 1 45 MSE 45 45 45 MSE MSE B . n 
B 1 46 LEU 46 46 46 LEU LEU B . n 
B 1 47 GLU 47 47 47 GLU GLU B . n 
B 1 48 SER 48 48 48 SER SER B . n 
B 1 49 GLU 49 49 49 GLU GLU B . n 
B 1 50 ALA 50 50 50 ALA ALA B . n 
B 1 51 ARG 51 51 51 ARG ARG B . n 
B 1 52 THR 52 52 52 THR THR B . n 
B 1 53 LEU 53 53 53 LEU LEU B . n 
B 1 54 THR 54 54 54 THR THR B . n 
B 1 55 THR 55 55 55 THR THR B . n 
B 1 56 GLU 56 56 56 GLU ALA B . n 
B 1 57 GLU 57 57 57 GLU GLU B . n 
B 1 58 ARG 58 58 58 ARG ARG B . n 
B 1 59 LEU 59 59 59 LEU LEU B . n 
B 1 60 ASP 60 60 60 ASP ALA B . n 
B 1 61 LYS 61 61 61 LYS ALA B . n 
B 1 62 LEU 62 62 62 LEU ALA B . n 
B 1 63 GLU 63 63 ?  ?   ?   B . n 
B 1 64 HIS 64 64 ?  ?   ?   B . n 
B 1 65 HIS 65 65 ?  ?   ?   B . n 
B 1 66 HIS 66 66 ?  ?   ?   B . n 
B 1 67 HIS 67 67 ?  ?   ?   B . n 
B 1 68 HIS 68 68 ?  ?   ?   B . n 
B 1 69 HIS 69 69 ?  ?   ?   B . n 
# 
loop_
_pdbx_nonpoly_scheme.asym_id 
_pdbx_nonpoly_scheme.entity_id 
_pdbx_nonpoly_scheme.mon_id 
_pdbx_nonpoly_scheme.ndb_seq_num 
_pdbx_nonpoly_scheme.pdb_seq_num 
_pdbx_nonpoly_scheme.auth_seq_num 
_pdbx_nonpoly_scheme.pdb_mon_id 
_pdbx_nonpoly_scheme.auth_mon_id 
_pdbx_nonpoly_scheme.pdb_strand_id 
_pdbx_nonpoly_scheme.pdb_ins_code 
C 2 HOH 1  103 103 HOH WAT A . 
C 2 HOH 2  107 107 HOH WAT A . 
C 2 HOH 3  110 110 HOH WAT A . 
C 2 HOH 4  111 111 HOH WAT A . 
C 2 HOH 5  112 112 HOH WAT A . 
C 2 HOH 6  113 113 HOH WAT A . 
C 2 HOH 7  114 114 HOH WAT A . 
C 2 HOH 8  115 115 HOH WAT A . 
C 2 HOH 9  116 116 HOH WAT A . 
C 2 HOH 10 117 117 HOH WAT A . 
C 2 HOH 11 119 119 HOH WAT A . 
C 2 HOH 12 121 121 HOH WAT A . 
C 2 HOH 13 122 122 HOH WAT A . 
C 2 HOH 14 124 124 HOH WAT A . 
C 2 HOH 15 130 130 HOH WAT A . 
C 2 HOH 16 138 138 HOH WAT A . 
C 2 HOH 17 140 140 HOH WAT A . 
C 2 HOH 18 142 142 HOH WAT A . 
C 2 HOH 19 148 148 HOH WAT A . 
C 2 HOH 20 150 150 HOH WAT A . 
C 2 HOH 21 151 151 HOH WAT A . 
C 2 HOH 22 152 152 HOH WAT A . 
C 2 HOH 23 155 155 HOH WAT A . 
C 2 HOH 24 159 159 HOH WAT A . 
C 2 HOH 25 160 160 HOH WAT A . 
C 2 HOH 26 165 165 HOH WAT A . 
C 2 HOH 27 167 167 HOH WAT A . 
C 2 HOH 28 168 168 HOH WAT A . 
C 2 HOH 29 172 172 HOH WAT A . 
C 2 HOH 30 174 174 HOH WAT A . 
C 2 HOH 31 177 177 HOH WAT A . 
C 2 HOH 32 178 178 HOH WAT A . 
C 2 HOH 33 188 188 HOH WAT A . 
C 2 HOH 34 189 189 HOH WAT A . 
D 2 HOH 1  101 101 HOH WAT B . 
D 2 HOH 2  102 102 HOH WAT B . 
D 2 HOH 3  104 104 HOH WAT B . 
D 2 HOH 4  106 106 HOH WAT B . 
D 2 HOH 5  109 109 HOH WAT B . 
D 2 HOH 6  118 118 HOH WAT B . 
D 2 HOH 7  128 128 HOH WAT B . 
D 2 HOH 8  129 129 HOH WAT B . 
D 2 HOH 9  131 131 HOH WAT B . 
D 2 HOH 10 132 132 HOH WAT B . 
D 2 HOH 11 133 133 HOH WAT B . 
D 2 HOH 12 134 134 HOH WAT B . 
D 2 HOH 13 135 135 HOH WAT B . 
D 2 HOH 14 136 136 HOH WAT B . 
D 2 HOH 15 137 137 HOH WAT B . 
D 2 HOH 16 141 141 HOH WAT B . 
D 2 HOH 17 146 146 HOH WAT B . 
D 2 HOH 18 149 149 HOH WAT B . 
D 2 HOH 19 153 153 HOH WAT B . 
D 2 HOH 20 154 154 HOH WAT B . 
D 2 HOH 21 156 156 HOH WAT B . 
D 2 HOH 22 158 158 HOH WAT B . 
D 2 HOH 23 162 162 HOH WAT B . 
D 2 HOH 24 166 166 HOH WAT B . 
D 2 HOH 25 171 171 HOH WAT B . 
D 2 HOH 26 173 173 HOH WAT B . 
D 2 HOH 27 176 176 HOH WAT B . 
D 2 HOH 28 179 179 HOH WAT B . 
D 2 HOH 29 180 180 HOH WAT B . 
D 2 HOH 30 181 181 HOH WAT B . 
D 2 HOH 31 183 183 HOH WAT B . 
D 2 HOH 32 184 184 HOH WAT B . 
D 2 HOH 33 186 186 HOH WAT B . 
D 2 HOH 34 192 192 HOH WAT B . 
# 
loop_
_pdbx_unobs_or_zero_occ_atoms.id 
_pdbx_unobs_or_zero_occ_atoms.PDB_model_num 
_pdbx_unobs_or_zero_occ_atoms.polymer_flag 
_pdbx_unobs_or_zero_occ_atoms.occupancy_flag 
_pdbx_unobs_or_zero_occ_atoms.auth_asym_id 
_pdbx_unobs_or_zero_occ_atoms.auth_comp_id 
_pdbx_unobs_or_zero_occ_atoms.auth_seq_id 
_pdbx_unobs_or_zero_occ_atoms.PDB_ins_code 
_pdbx_unobs_or_zero_occ_atoms.auth_atom_id 
_pdbx_unobs_or_zero_occ_atoms.label_alt_id 
_pdbx_unobs_or_zero_occ_atoms.label_asym_id 
_pdbx_unobs_or_zero_occ_atoms.label_comp_id 
_pdbx_unobs_or_zero_occ_atoms.label_seq_id 
_pdbx_unobs_or_zero_occ_atoms.label_atom_id 
1  1 Y 1 A THR 3  ? OG1 ? A THR 3  OG1 
2  1 Y 1 A THR 3  ? CG2 ? A THR 3  CG2 
3  1 Y 1 A LYS 4  ? CG  ? A LYS 4  CG  
4  1 Y 1 A LYS 4  ? CD  ? A LYS 4  CD  
5  1 Y 1 A LYS 4  ? CE  ? A LYS 4  CE  
6  1 Y 1 A LYS 4  ? NZ  ? A LYS 4  NZ  
7  1 Y 1 A LYS 30 ? CG  ? A LYS 30 CG  
8  1 Y 1 A LYS 30 ? CD  ? A LYS 30 CD  
9  1 Y 1 A LYS 30 ? CE  ? A LYS 30 CE  
10 1 Y 1 A LYS 30 ? NZ  ? A LYS 30 NZ  
11 1 Y 1 A GLU 56 ? CG  ? A GLU 56 CG  
12 1 Y 1 A GLU 56 ? CD  ? A GLU 56 CD  
13 1 Y 1 A GLU 56 ? OE1 ? A GLU 56 OE1 
14 1 Y 1 A GLU 56 ? OE2 ? A GLU 56 OE2 
15 1 Y 1 A LYS 61 ? CG  ? A LYS 61 CG  
16 1 Y 1 A LYS 61 ? CD  ? A LYS 61 CD  
17 1 Y 1 A LYS 61 ? CE  ? A LYS 61 CE  
18 1 Y 1 A LYS 61 ? NZ  ? A LYS 61 NZ  
19 1 Y 1 A LEU 62 ? CG  ? A LEU 62 CG  
20 1 Y 1 A LEU 62 ? CD1 ? A LEU 62 CD1 
21 1 Y 1 A LEU 62 ? CD2 ? A LEU 62 CD2 
22 1 Y 1 A HIS 66 ? CG  ? A HIS 66 CG  
23 1 Y 1 A HIS 66 ? ND1 ? A HIS 66 ND1 
24 1 Y 1 A HIS 66 ? CD2 ? A HIS 66 CD2 
25 1 Y 1 A HIS 66 ? CE1 ? A HIS 66 CE1 
26 1 Y 1 A HIS 66 ? NE2 ? A HIS 66 NE2 
27 1 Y 1 B THR 3  ? OG1 ? B THR 3  OG1 
28 1 Y 1 B THR 3  ? CG2 ? B THR 3  CG2 
29 1 Y 1 B GLU 56 ? CG  ? B GLU 56 CG  
30 1 Y 1 B GLU 56 ? CD  ? B GLU 56 CD  
31 1 Y 1 B GLU 56 ? OE1 ? B GLU 56 OE1 
32 1 Y 1 B GLU 56 ? OE2 ? B GLU 56 OE2 
33 1 Y 1 B ASP 60 ? CG  ? B ASP 60 CG  
34 1 Y 1 B ASP 60 ? OD1 ? B ASP 60 OD1 
35 1 Y 1 B ASP 60 ? OD2 ? B ASP 60 OD2 
36 1 Y 1 B LYS 61 ? CG  ? B LYS 61 CG  
37 1 Y 1 B LYS 61 ? CD  ? B LYS 61 CD  
38 1 Y 1 B LYS 61 ? CE  ? B LYS 61 CE  
39 1 Y 1 B LYS 61 ? NZ  ? B LYS 61 NZ  
40 1 Y 1 B LEU 62 ? CG  ? B LEU 62 CG  
41 1 Y 1 B LEU 62 ? CD1 ? B LEU 62 CD1 
42 1 Y 1 B LEU 62 ? CD2 ? B LEU 62 CD2 
# 
loop_
_software.name 
_software.classification 
_software.version 
_software.citation_id 
_software.pdbx_ordinal 
CNS      refinement        1.1 ? 1 
HKL-2000 'data collection' .   ? 2 
HKL-2000 'data reduction'  .   ? 3 
HKL-2000 'data scaling'    .   ? 4 
SnB      phasing           .   ? 5 
RESOLVE  phasing           .   ? 6 
# 
_cell.entry_id           2PK7 
_cell.length_a           29.415 
_cell.length_b           34.363 
_cell.length_c           35.832 
_cell.angle_alpha        76.39 
_cell.angle_beta         76.12 
_cell.angle_gamma        73.58 
_cell.Z_PDB              2 
_cell.pdbx_unique_axis   ? 
_cell.length_a_esd       ? 
_cell.length_b_esd       ? 
_cell.length_c_esd       ? 
_cell.angle_alpha_esd    ? 
_cell.angle_beta_esd     ? 
_cell.angle_gamma_esd    ? 
# 
_symmetry.entry_id                         2PK7 
_symmetry.space_group_name_H-M             'P 1' 
_symmetry.pdbx_full_space_group_name_H-M   ? 
_symmetry.cell_setting                     ? 
_symmetry.Int_Tables_number                1 
_symmetry.space_group_name_Hall            ? 
# 
_exptl.entry_id          2PK7 
_exptl.method            'X-RAY DIFFRACTION' 
_exptl.crystals_number   1 
# 
_exptl_crystal.id                    1 
_exptl_crystal.density_meas          ? 
_exptl_crystal.density_Matthews      2.12 
_exptl_crystal.density_percent_sol   42.00 
_exptl_crystal.description           'THE STRUCTURE FACTOR FILE CONTAINS FRIEDEL PAIRS' 
_exptl_crystal.F_000                 ? 
_exptl_crystal.preparation           ? 
# 
_exptl_crystal_grow.crystal_id      1 
_exptl_crystal_grow.method          'VAPOR DIFFUSION, HANGING DROP' 
_exptl_crystal_grow.temp            277 
_exptl_crystal_grow.temp_details    ? 
_exptl_crystal_grow.pH              6.0 
_exptl_crystal_grow.pdbx_details    
'24-28% PEG 3350, 0.2M Sodium chloride, 0.1M Bis-Tris, pH 6.0, VAPOR DIFFUSION, HANGING DROP, temperature 277K' 
_exptl_crystal_grow.pdbx_pH_range   . 
# 
_diffrn.id                     1 
_diffrn.ambient_temp           100 
_diffrn.ambient_temp_details   ? 
_diffrn.crystal_id             1 
# 
_diffrn_detector.diffrn_id              1 
_diffrn_detector.detector               CCD 
_diffrn_detector.type                   'ADSC QUANTUM 210' 
_diffrn_detector.pdbx_collection_date   2007-03-03 
_diffrn_detector.details                Mirrors 
# 
_diffrn_radiation.diffrn_id                        1 
_diffrn_radiation.wavelength_id                    1 
_diffrn_radiation.pdbx_monochromatic_or_laue_m_l   M 
_diffrn_radiation.monochromator                    'Si 111 CHANNEL' 
_diffrn_radiation.pdbx_diffrn_protocol             MAD 
_diffrn_radiation.pdbx_scattering_type             x-ray 
# 
loop_
_diffrn_radiation_wavelength.id 
_diffrn_radiation_wavelength.wavelength 
_diffrn_radiation_wavelength.wt 
1 0.97907 1.0 
2 0.97940 1.0 
3 0.96791 1.0 
# 
_diffrn_source.diffrn_id                   1 
_diffrn_source.source                      SYNCHROTRON 
_diffrn_source.type                        'NSLS BEAMLINE X12C' 
_diffrn_source.pdbx_synchrotron_site       NSLS 
_diffrn_source.pdbx_synchrotron_beamline   X12C 
_diffrn_source.pdbx_wavelength             ? 
_diffrn_source.pdbx_wavelength_list        '0.97907, 0.97940, 0.96791' 
# 
_reflns.entry_id                     2PK7 
_reflns.observed_criterion_sigma_I   0.0 
_reflns.observed_criterion_sigma_F   0.0 
_reflns.d_resolution_low             50.0 
_reflns.d_resolution_high            2.2 
_reflns.number_obs                   11707 
_reflns.number_all                   11707 
_reflns.percent_possible_obs         88.4 
_reflns.pdbx_Rmerge_I_obs            0.031 
_reflns.pdbx_Rsym_value              ? 
_reflns.pdbx_netI_over_sigmaI        25.5 
_reflns.B_iso_Wilson_estimate        16.5 
_reflns.pdbx_redundancy              1.9 
_reflns.R_free_details               ? 
_reflns.limit_h_max                  ? 
_reflns.limit_h_min                  ? 
_reflns.limit_k_max                  ? 
_reflns.limit_k_min                  ? 
_reflns.limit_l_max                  ? 
_reflns.limit_l_min                  ? 
_reflns.observed_criterion_F_max     ? 
_reflns.observed_criterion_F_min     ? 
_reflns.pdbx_chi_squared             ? 
_reflns.pdbx_scaling_rejects         ? 
_reflns.pdbx_ordinal                 1 
_reflns.pdbx_diffrn_id               1 
# 
_reflns_shell.d_res_high             2.20 
_reflns_shell.d_res_low              2.28 
_reflns_shell.percent_possible_all   83.9 
_reflns_shell.Rmerge_I_obs           0.062 
_reflns_shell.pdbx_Rsym_value        ? 
_reflns_shell.meanI_over_sigI_obs    12.6 
_reflns_shell.pdbx_redundancy        1.9 
_reflns_shell.percent_possible_obs   ? 
_reflns_shell.number_unique_all      1168 
_reflns_shell.number_measured_all    ? 
_reflns_shell.number_measured_obs    ? 
_reflns_shell.number_unique_obs      ? 
_reflns_shell.pdbx_chi_squared       ? 
_reflns_shell.pdbx_ordinal           1 
_reflns_shell.pdbx_diffrn_id         1 
# 
_refine.entry_id                                 2PK7 
_refine.ls_number_reflns_obs                     11007 
_refine.ls_number_reflns_all                     ? 
_refine.pdbx_ls_sigma_I                          ? 
_refine.pdbx_ls_sigma_F                          2.0 
_refine.pdbx_data_cutoff_high_absF               1145535.28 
_refine.pdbx_data_cutoff_low_absF                0.000000 
_refine.pdbx_data_cutoff_high_rms_absF           ? 
_refine.ls_d_res_low                             25.99 
_refine.ls_d_res_high                            2.20 
_refine.ls_percent_reflns_obs                    84.1 
_refine.ls_R_factor_obs                          0.223 
_refine.ls_R_factor_all                          ? 
_refine.ls_R_factor_R_work                       0.223 
_refine.ls_R_factor_R_free                       0.246 
_refine.ls_R_factor_R_free_error                 0.011 
_refine.ls_R_factor_R_free_error_details         ? 
_refine.ls_percent_reflns_R_free                 4.9 
_refine.ls_number_reflns_R_free                  540 
_refine.ls_number_parameters                     ? 
_refine.ls_number_restraints                     ? 
_refine.occupancy_min                            ? 
_refine.occupancy_max                            ? 
_refine.correlation_coeff_Fo_to_Fc               ? 
_refine.correlation_coeff_Fo_to_Fc_free          ? 
_refine.B_iso_mean                               33.3 
_refine.aniso_B[1][1]                            14.53 
_refine.aniso_B[2][2]                            -5.59 
_refine.aniso_B[3][3]                            -8.94 
_refine.aniso_B[1][2]                            -2.41 
_refine.aniso_B[1][3]                            2.10 
_refine.aniso_B[2][3]                            6.33 
_refine.solvent_model_details                    'FLAT MODEL' 
_refine.solvent_model_param_ksol                 0.37228 
_refine.solvent_model_param_bsol                 62.2219 
_refine.pdbx_solvent_vdw_probe_radii             ? 
_refine.pdbx_solvent_ion_probe_radii             ? 
_refine.pdbx_solvent_shrinkage_radii             ? 
_refine.pdbx_ls_cross_valid_method               THROUGHOUT 
_refine.details                                  'THE FRIEDEL PAIRS WERE USED FOR PHASING' 
_refine.pdbx_starting_model                      ? 
_refine.pdbx_method_to_determine_struct          MAD 
_refine.pdbx_isotropic_thermal_model             RESTRAINED 
_refine.pdbx_stereochemistry_target_values       'Engh & Huber' 
_refine.pdbx_stereochem_target_val_spec_case     ? 
_refine.pdbx_R_Free_selection_details            RANDOM 
_refine.pdbx_overall_ESU_R                       ? 
_refine.pdbx_overall_ESU_R_Free                  ? 
_refine.overall_SU_ML                            ? 
_refine.overall_SU_B                             ? 
_refine.ls_redundancy_reflns_obs                 ? 
_refine.B_iso_min                                ? 
_refine.B_iso_max                                ? 
_refine.overall_SU_R_Cruickshank_DPI             ? 
_refine.overall_SU_R_free                        ? 
_refine.ls_wR_factor_R_free                      ? 
_refine.ls_wR_factor_R_work                      ? 
_refine.overall_FOM_free_R_set                   ? 
_refine.overall_FOM_work_R_set                   ? 
_refine.pdbx_refine_id                           'X-RAY DIFFRACTION' 
_refine.pdbx_diffrn_id                           1 
_refine.pdbx_TLS_residual_ADP_flag               ? 
_refine.pdbx_overall_phase_error                 ? 
_refine.pdbx_overall_SU_R_free_Cruickshank_DPI   ? 
_refine.pdbx_overall_SU_R_Blow_DPI               ? 
_refine.pdbx_overall_SU_R_free_Blow_DPI          ? 
# 
_refine_analyze.entry_id                        2PK7 
_refine_analyze.Luzzati_coordinate_error_obs    0.28 
_refine_analyze.Luzzati_sigma_a_obs             0.11 
_refine_analyze.Luzzati_d_res_low_obs           5.00 
_refine_analyze.Luzzati_coordinate_error_free   0.33 
_refine_analyze.Luzzati_sigma_a_free            0.05 
_refine_analyze.Luzzati_d_res_low_free          ? 
_refine_analyze.number_disordered_residues      ? 
_refine_analyze.occupancy_sum_hydrogen          ? 
_refine_analyze.occupancy_sum_non_hydrogen      ? 
_refine_analyze.pdbx_Luzzati_d_res_high_obs     ? 
_refine_analyze.pdbx_refine_id                  'X-RAY DIFFRACTION' 
# 
_refine_hist.pdbx_refine_id                   'X-RAY DIFFRACTION' 
_refine_hist.cycle_id                         LAST 
_refine_hist.pdbx_number_atoms_protein        903 
_refine_hist.pdbx_number_atoms_nucleic_acid   0 
_refine_hist.pdbx_number_atoms_ligand         0 
_refine_hist.number_atoms_solvent             68 
_refine_hist.number_atoms_total               971 
_refine_hist.d_res_high                       2.20 
_refine_hist.d_res_low                        25.99 
# 
loop_
_refine_ls_restr.type 
_refine_ls_restr.dev_ideal 
_refine_ls_restr.dev_ideal_target 
_refine_ls_restr.weight 
_refine_ls_restr.number 
_refine_ls_restr.pdbx_refine_id 
_refine_ls_restr.pdbx_restraint_function 
c_bond_d                0.019 ? ? ? 'X-RAY DIFFRACTION' ? 
c_bond_d_na             ?     ? ? ? 'X-RAY DIFFRACTION' ? 
c_bond_d_prot           ?     ? ? ? 'X-RAY DIFFRACTION' ? 
c_angle_d               ?     ? ? ? 'X-RAY DIFFRACTION' ? 
c_angle_d_na            ?     ? ? ? 'X-RAY DIFFRACTION' ? 
c_angle_d_prot          ?     ? ? ? 'X-RAY DIFFRACTION' ? 
c_angle_deg             1.6   ? ? ? 'X-RAY DIFFRACTION' ? 
c_angle_deg_na          ?     ? ? ? 'X-RAY DIFFRACTION' ? 
c_angle_deg_prot        ?     ? ? ? 'X-RAY DIFFRACTION' ? 
c_dihedral_angle_d      25.2  ? ? ? 'X-RAY DIFFRACTION' ? 
c_dihedral_angle_d_na   ?     ? ? ? 'X-RAY DIFFRACTION' ? 
c_dihedral_angle_d_prot ?     ? ? ? 'X-RAY DIFFRACTION' ? 
c_improper_angle_d      1.18  ? ? ? 'X-RAY DIFFRACTION' ? 
c_improper_angle_d_na   ?     ? ? ? 'X-RAY DIFFRACTION' ? 
c_improper_angle_d_prot ?     ? ? ? 'X-RAY DIFFRACTION' ? 
c_mcbond_it             ?     ? ? ? 'X-RAY DIFFRACTION' ? 
c_mcangle_it            ?     ? ? ? 'X-RAY DIFFRACTION' ? 
c_scbond_it             ?     ? ? ? 'X-RAY DIFFRACTION' ? 
c_scangle_it            ?     ? ? ? 'X-RAY DIFFRACTION' ? 
# 
_refine_ls_shell.pdbx_total_number_of_bins_used   6 
_refine_ls_shell.d_res_high                       2.20 
_refine_ls_shell.d_res_low                        2.34 
_refine_ls_shell.number_reflns_R_work             1651 
_refine_ls_shell.R_factor_R_work                  0.216 
_refine_ls_shell.percent_reflns_obs               79.1 
_refine_ls_shell.R_factor_R_free                  0.204 
_refine_ls_shell.R_factor_R_free_error            0.023 
_refine_ls_shell.percent_reflns_R_free            4.6 
_refine_ls_shell.number_reflns_R_free             80 
_refine_ls_shell.number_reflns_all                ? 
_refine_ls_shell.R_factor_all                     ? 
_refine_ls_shell.number_reflns_obs                ? 
_refine_ls_shell.redundancy_reflns_obs            ? 
_refine_ls_shell.pdbx_refine_id                   'X-RAY DIFFRACTION' 
# 
loop_
_pdbx_xplor_file.serial_no 
_pdbx_xplor_file.param_file 
_pdbx_xplor_file.topol_file 
_pdbx_xplor_file.pdbx_refine_id 
1 protein_rep.param protein.top 'X-RAY DIFFRACTION' 
2 water_rep.param   water.top   'X-RAY DIFFRACTION' 
3 ion.param         ion.top     'X-RAY DIFFRACTION' 
# 
_struct.entry_id                  2PK7 
_struct.title                     'Crystal structure of the Q4KFT4_PSEF5 protein from Pseudomonas fluorescens. NESG target PlR1' 
_struct.pdbx_model_details        ? 
_struct.pdbx_CASP_flag            ? 
_struct.pdbx_model_type_details   ? 
# 
_struct_keywords.entry_id        2PK7 
_struct_keywords.pdbx_keywords   'STRUCTURAL GENOMICS, UNKNOWN FUNCTION' 
_struct_keywords.text            
;NESG, PlR1, putative Tetraacyldisaccharide-1-P 4-kinase, Q4KFT4, Structural Genomics, PSI-2, Protein Structure Initiative, Northeast Structural Genomics Consortium, UNKNOWN FUNCTION
;
# 
loop_
_struct_asym.id 
_struct_asym.pdbx_blank_PDB_chainid_flag 
_struct_asym.pdbx_modified 
_struct_asym.entity_id 
_struct_asym.details 
A N N 1 ? 
B N N 1 ? 
C N N 2 ? 
D N N 2 ? 
# 
_struct_ref.id                         1 
_struct_ref.db_name                    UNP 
_struct_ref.db_code                    Q4KFT4_PSEF5 
_struct_ref.pdbx_db_accession          Q4KFT4 
_struct_ref.entity_id                  1 
_struct_ref.pdbx_seq_one_letter_code   MDTKLLDILACPICKGPLKLSADKTELISKGAGLAYPIRDGIPVMLESEARTLTTEERLDK 
_struct_ref.pdbx_align_begin           1 
_struct_ref.pdbx_db_isoform            ? 
# 
loop_
_struct_ref_seq.align_id 
_struct_ref_seq.ref_id 
_struct_ref_seq.pdbx_PDB_id_code 
_struct_ref_seq.pdbx_strand_id 
_struct_ref_seq.seq_align_beg 
_struct_ref_seq.pdbx_seq_align_beg_ins_code 
_struct_ref_seq.seq_align_end 
_struct_ref_seq.pdbx_seq_align_end_ins_code 
_struct_ref_seq.pdbx_db_accession 
_struct_ref_seq.db_align_beg 
_struct_ref_seq.pdbx_db_align_beg_ins_code 
_struct_ref_seq.db_align_end 
_struct_ref_seq.pdbx_db_align_end_ins_code 
_struct_ref_seq.pdbx_auth_seq_align_beg 
_struct_ref_seq.pdbx_auth_seq_align_end 
1 1 2PK7 A 1 ? 61 ? Q4KFT4 1 ? 61 ? 1 61 
2 1 2PK7 B 1 ? 61 ? Q4KFT4 1 ? 61 ? 1 61 
# 
loop_
_struct_ref_seq_dif.align_id 
_struct_ref_seq_dif.pdbx_pdb_id_code 
_struct_ref_seq_dif.mon_id 
_struct_ref_seq_dif.pdbx_pdb_strand_id 
_struct_ref_seq_dif.seq_num 
_struct_ref_seq_dif.pdbx_pdb_ins_code 
_struct_ref_seq_dif.pdbx_seq_db_name 
_struct_ref_seq_dif.pdbx_seq_db_accession_code 
_struct_ref_seq_dif.db_mon_id 
_struct_ref_seq_dif.pdbx_seq_db_seq_num 
_struct_ref_seq_dif.details 
_struct_ref_seq_dif.pdbx_auth_seq_num 
_struct_ref_seq_dif.pdbx_ordinal 
1 2PK7 MSE A 1  ? UNP Q4KFT4 MET 1  'modified residue' 1  1  
1 2PK7 MSE A 45 ? UNP Q4KFT4 MET 45 'modified residue' 45 2  
1 2PK7 LEU A 62 ? UNP Q4KFT4 ?   ?  'cloning artifact' 62 3  
1 2PK7 GLU A 63 ? UNP Q4KFT4 ?   ?  'cloning artifact' 63 4  
1 2PK7 HIS A 64 ? UNP Q4KFT4 ?   ?  'cloning artifact' 64 5  
1 2PK7 HIS A 65 ? UNP Q4KFT4 ?   ?  'cloning artifact' 65 6  
1 2PK7 HIS A 66 ? UNP Q4KFT4 ?   ?  'cloning artifact' 66 7  
1 2PK7 HIS A 67 ? UNP Q4KFT4 ?   ?  'cloning artifact' 67 8  
1 2PK7 HIS A 68 ? UNP Q4KFT4 ?   ?  'cloning artifact' 68 9  
1 2PK7 HIS A 69 ? UNP Q4KFT4 ?   ?  'cloning artifact' 69 10 
2 2PK7 MSE B 1  ? UNP Q4KFT4 MET 1  'modified residue' 1  11 
2 2PK7 MSE B 45 ? UNP Q4KFT4 MET 45 'modified residue' 45 12 
2 2PK7 LEU B 62 ? UNP Q4KFT4 ?   ?  'cloning artifact' 62 13 
2 2PK7 GLU B 63 ? UNP Q4KFT4 ?   ?  'cloning artifact' 63 14 
2 2PK7 HIS B 64 ? UNP Q4KFT4 ?   ?  'cloning artifact' 64 15 
2 2PK7 HIS B 65 ? UNP Q4KFT4 ?   ?  'cloning artifact' 65 16 
2 2PK7 HIS B 66 ? UNP Q4KFT4 ?   ?  'cloning artifact' 66 17 
2 2PK7 HIS B 67 ? UNP Q4KFT4 ?   ?  'cloning artifact' 67 18 
2 2PK7 HIS B 68 ? UNP Q4KFT4 ?   ?  'cloning artifact' 68 19 
2 2PK7 HIS B 69 ? UNP Q4KFT4 ?   ?  'cloning artifact' 69 20 
# 
_pdbx_struct_assembly.id                   1 
_pdbx_struct_assembly.details              author_and_software_defined_assembly 
_pdbx_struct_assembly.method_details       PISA 
_pdbx_struct_assembly.oligomeric_details   dimeric 
_pdbx_struct_assembly.oligomeric_count     2 
# 
loop_
_pdbx_struct_assembly_prop.biol_id 
_pdbx_struct_assembly_prop.type 
_pdbx_struct_assembly_prop.value 
_pdbx_struct_assembly_prop.details 
1 'ABSA (A^2)' 1440 ? 
1 MORE         -15  ? 
1 'SSA (A^2)'  7600 ? 
# 
_pdbx_struct_assembly_gen.assembly_id       1 
_pdbx_struct_assembly_gen.oper_expression   1 
_pdbx_struct_assembly_gen.asym_id_list      A,B,C,D 
# 
_pdbx_struct_oper_list.id                   1 
_pdbx_struct_oper_list.type                 'identity operation' 
_pdbx_struct_oper_list.name                 1_555 
_pdbx_struct_oper_list.symmetry_operation   x,y,z 
_pdbx_struct_oper_list.matrix[1][1]         1.0000000000 
_pdbx_struct_oper_list.matrix[1][2]         0.0000000000 
_pdbx_struct_oper_list.matrix[1][3]         0.0000000000 
_pdbx_struct_oper_list.vector[1]            0.0000000000 
_pdbx_struct_oper_list.matrix[2][1]         0.0000000000 
_pdbx_struct_oper_list.matrix[2][2]         1.0000000000 
_pdbx_struct_oper_list.matrix[2][3]         0.0000000000 
_pdbx_struct_oper_list.vector[2]            0.0000000000 
_pdbx_struct_oper_list.matrix[3][1]         0.0000000000 
_pdbx_struct_oper_list.matrix[3][2]         0.0000000000 
_pdbx_struct_oper_list.matrix[3][3]         1.0000000000 
_pdbx_struct_oper_list.vector[3]            0.0000000000 
# 
_struct_biol.id   1 
# 
loop_
_struct_conf.conf_type_id 
_struct_conf.id 
_struct_conf.pdbx_PDB_helix_id 
_struct_conf.beg_label_comp_id 
_struct_conf.beg_label_asym_id 
_struct_conf.beg_label_seq_id 
_struct_conf.pdbx_beg_PDB_ins_code 
_struct_conf.end_label_comp_id 
_struct_conf.end_label_asym_id 
_struct_conf.end_label_seq_id 
_struct_conf.pdbx_end_PDB_ins_code 
_struct_conf.beg_auth_comp_id 
_struct_conf.beg_auth_asym_id 
_struct_conf.beg_auth_seq_id 
_struct_conf.end_auth_comp_id 
_struct_conf.end_auth_asym_id 
_struct_conf.end_auth_seq_id 
_struct_conf.pdbx_PDB_helix_class 
_struct_conf.details 
_struct_conf.pdbx_PDB_helix_length 
HELX_P HELX_P1 1 LYS A 4  ? ILE A 8  ? LYS A 4  ILE A 8  5 ? 5 
HELX_P HELX_P2 2 LEU A 46 ? ALA A 50 ? LEU A 46 ALA A 50 5 ? 5 
HELX_P HELX_P3 3 THR A 54 ? LEU A 59 ? THR A 54 LEU A 59 1 ? 6 
HELX_P HELX_P4 4 LYS B 4  ? LEU B 9  ? LYS B 4  LEU B 9  1 ? 6 
HELX_P HELX_P5 5 THR B 54 ? LEU B 59 ? THR B 54 LEU B 59 1 ? 6 
# 
_struct_conf_type.id          HELX_P 
_struct_conf_type.criteria    ? 
_struct_conf_type.reference   ? 
# 
loop_
_struct_conn.id 
_struct_conn.conn_type_id 
_struct_conn.pdbx_leaving_atom_flag 
_struct_conn.pdbx_PDB_id 
_struct_conn.ptnr1_label_asym_id 
_struct_conn.ptnr1_label_comp_id 
_struct_conn.ptnr1_label_seq_id 
_struct_conn.ptnr1_label_atom_id 
_struct_conn.pdbx_ptnr1_label_alt_id 
_struct_conn.pdbx_ptnr1_PDB_ins_code 
_struct_conn.pdbx_ptnr1_standard_comp_id 
_struct_conn.ptnr1_symmetry 
_struct_conn.ptnr2_label_asym_id 
_struct_conn.ptnr2_label_comp_id 
_struct_conn.ptnr2_label_seq_id 
_struct_conn.ptnr2_label_atom_id 
_struct_conn.pdbx_ptnr2_label_alt_id 
_struct_conn.pdbx_ptnr2_PDB_ins_code 
_struct_conn.ptnr1_auth_asym_id 
_struct_conn.ptnr1_auth_comp_id 
_struct_conn.ptnr1_auth_seq_id 
_struct_conn.ptnr2_auth_asym_id 
_struct_conn.ptnr2_auth_comp_id 
_struct_conn.ptnr2_auth_seq_id 
_struct_conn.ptnr2_symmetry 
_struct_conn.pdbx_ptnr3_label_atom_id 
_struct_conn.pdbx_ptnr3_label_seq_id 
_struct_conn.pdbx_ptnr3_label_comp_id 
_struct_conn.pdbx_ptnr3_label_asym_id 
_struct_conn.pdbx_ptnr3_label_alt_id 
_struct_conn.pdbx_ptnr3_PDB_ins_code 
_struct_conn.details 
_struct_conn.pdbx_dist_value 
_struct_conn.pdbx_value_order 
_struct_conn.pdbx_role 
covale1 covale both ? A VAL 44 C ? ? ? 1_555 A MSE 45 N ? ? A VAL 44 A MSE 45 1_555 ? ? ? ? ? ? ? 1.323 ? ? 
covale2 covale both ? A MSE 45 C ? ? ? 1_555 A LEU 46 N ? ? A MSE 45 A LEU 46 1_555 ? ? ? ? ? ? ? 1.321 ? ? 
covale3 covale both ? B VAL 44 C ? ? ? 1_555 B MSE 45 N ? ? B VAL 44 B MSE 45 1_555 ? ? ? ? ? ? ? 1.329 ? ? 
covale4 covale both ? B MSE 45 C ? ? ? 1_555 B LEU 46 N ? ? B MSE 45 B LEU 46 1_555 ? ? ? ? ? ? ? 1.329 ? ? 
# 
_struct_conn_type.id          covale 
_struct_conn_type.criteria    ? 
_struct_conn_type.reference   ? 
# 
loop_
_pdbx_modification_feature.ordinal 
_pdbx_modification_feature.label_comp_id 
_pdbx_modification_feature.label_asym_id 
_pdbx_modification_feature.label_seq_id 
_pdbx_modification_feature.label_alt_id 
_pdbx_modification_feature.modified_residue_label_comp_id 
_pdbx_modification_feature.modified_residue_label_asym_id 
_pdbx_modification_feature.modified_residue_label_seq_id 
_pdbx_modification_feature.modified_residue_label_alt_id 
_pdbx_modification_feature.auth_comp_id 
_pdbx_modification_feature.auth_asym_id 
_pdbx_modification_feature.auth_seq_id 
_pdbx_modification_feature.PDB_ins_code 
_pdbx_modification_feature.symmetry 
_pdbx_modification_feature.modified_residue_auth_comp_id 
_pdbx_modification_feature.modified_residue_auth_asym_id 
_pdbx_modification_feature.modified_residue_auth_seq_id 
_pdbx_modification_feature.modified_residue_PDB_ins_code 
_pdbx_modification_feature.modified_residue_symmetry 
_pdbx_modification_feature.comp_id_linking_atom 
_pdbx_modification_feature.modified_residue_id_linking_atom 
_pdbx_modification_feature.modified_residue_id 
_pdbx_modification_feature.ref_pcm_id 
_pdbx_modification_feature.ref_comp_id 
_pdbx_modification_feature.type 
_pdbx_modification_feature.category 
1 MSE A 45 ? . . . . MSE A 45 ? 1_555 . . . . . . . MET 1 MSE Selenomethionine 'Named protein modification' 
2 MSE B 45 ? . . . . MSE B 45 ? 1_555 . . . . . . . MET 1 MSE Selenomethionine 'Named protein modification' 
# 
loop_
_struct_sheet.id 
_struct_sheet.type 
_struct_sheet.number_strands 
_struct_sheet.details 
A ? 4 ? 
B ? 4 ? 
C ? 4 ? 
D ? 4 ? 
# 
loop_
_struct_sheet_order.sheet_id 
_struct_sheet_order.range_id_1 
_struct_sheet_order.range_id_2 
_struct_sheet_order.offset 
_struct_sheet_order.sense 
A 1 2 ? anti-parallel 
A 2 3 ? anti-parallel 
A 3 4 ? anti-parallel 
B 1 2 ? anti-parallel 
B 2 3 ? anti-parallel 
B 3 4 ? anti-parallel 
C 1 2 ? anti-parallel 
C 2 3 ? anti-parallel 
C 3 4 ? anti-parallel 
D 1 2 ? anti-parallel 
D 2 3 ? anti-parallel 
D 3 4 ? anti-parallel 
# 
loop_
_struct_sheet_range.sheet_id 
_struct_sheet_range.id 
_struct_sheet_range.beg_label_comp_id 
_struct_sheet_range.beg_label_asym_id 
_struct_sheet_range.beg_label_seq_id 
_struct_sheet_range.pdbx_beg_PDB_ins_code 
_struct_sheet_range.end_label_comp_id 
_struct_sheet_range.end_label_asym_id 
_struct_sheet_range.end_label_seq_id 
_struct_sheet_range.pdbx_end_PDB_ins_code 
_struct_sheet_range.beg_auth_comp_id 
_struct_sheet_range.beg_auth_asym_id 
_struct_sheet_range.beg_auth_seq_id 
_struct_sheet_range.end_auth_comp_id 
_struct_sheet_range.end_auth_asym_id 
_struct_sheet_range.end_auth_seq_id 
A 1 LYS A 19 ? LEU A 20 ? LYS A 19 LEU A 20 
A 2 GLU A 26 ? SER A 29 ? GLU A 26 SER A 29 
A 3 LEU A 34 ? ARG A 39 ? LEU A 34 ARG A 39 
A 4 ILE A 42 ? PRO A 43 ? ILE A 42 PRO A 43 
B 1 LYS A 19 ? LEU A 20 ? LYS A 19 LEU A 20 
B 2 GLU A 26 ? SER A 29 ? GLU A 26 SER A 29 
B 3 LEU A 34 ? ARG A 39 ? LEU A 34 ARG A 39 
B 4 ARG A 51 ? THR A 52 ? ARG A 51 THR A 52 
C 1 LYS B 19 ? LEU B 20 ? LYS B 19 LEU B 20 
C 2 GLU B 26 ? SER B 29 ? GLU B 26 SER B 29 
C 3 LEU B 34 ? ARG B 39 ? LEU B 34 ARG B 39 
C 4 ILE B 42 ? PRO B 43 ? ILE B 42 PRO B 43 
D 1 LYS B 19 ? LEU B 20 ? LYS B 19 LEU B 20 
D 2 GLU B 26 ? SER B 29 ? GLU B 26 SER B 29 
D 3 LEU B 34 ? ARG B 39 ? LEU B 34 ARG B 39 
D 4 ARG B 51 ? THR B 52 ? ARG B 51 THR B 52 
# 
loop_
_pdbx_struct_sheet_hbond.sheet_id 
_pdbx_struct_sheet_hbond.range_id_1 
_pdbx_struct_sheet_hbond.range_id_2 
_pdbx_struct_sheet_hbond.range_1_label_atom_id 
_pdbx_struct_sheet_hbond.range_1_label_comp_id 
_pdbx_struct_sheet_hbond.range_1_label_asym_id 
_pdbx_struct_sheet_hbond.range_1_label_seq_id 
_pdbx_struct_sheet_hbond.range_1_PDB_ins_code 
_pdbx_struct_sheet_hbond.range_1_auth_atom_id 
_pdbx_struct_sheet_hbond.range_1_auth_comp_id 
_pdbx_struct_sheet_hbond.range_1_auth_asym_id 
_pdbx_struct_sheet_hbond.range_1_auth_seq_id 
_pdbx_struct_sheet_hbond.range_2_label_atom_id 
_pdbx_struct_sheet_hbond.range_2_label_comp_id 
_pdbx_struct_sheet_hbond.range_2_label_asym_id 
_pdbx_struct_sheet_hbond.range_2_label_seq_id 
_pdbx_struct_sheet_hbond.range_2_PDB_ins_code 
_pdbx_struct_sheet_hbond.range_2_auth_atom_id 
_pdbx_struct_sheet_hbond.range_2_auth_comp_id 
_pdbx_struct_sheet_hbond.range_2_auth_asym_id 
_pdbx_struct_sheet_hbond.range_2_auth_seq_id 
A 1 2 N LYS A 19 ? N LYS A 19 O ILE A 28 ? O ILE A 28 
A 2 3 N SER A 29 ? N SER A 29 O LEU A 34 ? O LEU A 34 
A 3 4 N ARG A 39 ? N ARG A 39 O ILE A 42 ? O ILE A 42 
B 1 2 N LYS A 19 ? N LYS A 19 O ILE A 28 ? O ILE A 28 
B 2 3 N SER A 29 ? N SER A 29 O LEU A 34 ? O LEU A 34 
B 3 4 N ALA A 35 ? N ALA A 35 O ARG A 51 ? O ARG A 51 
C 1 2 N LYS B 19 ? N LYS B 19 O ILE B 28 ? O ILE B 28 
C 2 3 N SER B 29 ? N SER B 29 O LEU B 34 ? O LEU B 34 
C 3 4 N ARG B 39 ? N ARG B 39 O ILE B 42 ? O ILE B 42 
D 1 2 N LYS B 19 ? N LYS B 19 O ILE B 28 ? O ILE B 28 
D 2 3 N SER B 29 ? N SER B 29 O LEU B 34 ? O LEU B 34 
D 3 4 N ALA B 35 ? N ALA B 35 O ARG B 51 ? O ARG B 51 
# 
_pdbx_entry_details.entry_id                   2PK7 
_pdbx_entry_details.compound_details           ? 
_pdbx_entry_details.source_details             ? 
_pdbx_entry_details.nonpolymer_details         ? 
_pdbx_entry_details.sequence_details           ? 
_pdbx_entry_details.has_ligand_of_interest     ? 
_pdbx_entry_details.has_protein_modification   Y 
# 
loop_
_pdbx_validate_rmsd_bond.id 
_pdbx_validate_rmsd_bond.PDB_model_num 
_pdbx_validate_rmsd_bond.auth_atom_id_1 
_pdbx_validate_rmsd_bond.auth_asym_id_1 
_pdbx_validate_rmsd_bond.auth_comp_id_1 
_pdbx_validate_rmsd_bond.auth_seq_id_1 
_pdbx_validate_rmsd_bond.PDB_ins_code_1 
_pdbx_validate_rmsd_bond.label_alt_id_1 
_pdbx_validate_rmsd_bond.auth_atom_id_2 
_pdbx_validate_rmsd_bond.auth_asym_id_2 
_pdbx_validate_rmsd_bond.auth_comp_id_2 
_pdbx_validate_rmsd_bond.auth_seq_id_2 
_pdbx_validate_rmsd_bond.PDB_ins_code_2 
_pdbx_validate_rmsd_bond.label_alt_id_2 
_pdbx_validate_rmsd_bond.bond_value 
_pdbx_validate_rmsd_bond.bond_target_value 
_pdbx_validate_rmsd_bond.bond_deviation 
_pdbx_validate_rmsd_bond.bond_standard_deviation 
_pdbx_validate_rmsd_bond.linker_flag 
1 1 CG B MSE 45 ? ? SE B MSE 45 ? ? 2.319 1.950 0.369 0.034 N 
2 1 SE B MSE 45 ? ? CE B MSE 45 ? ? 2.326 1.950 0.376 0.059 N 
# 
_pdbx_validate_torsion.id              1 
_pdbx_validate_torsion.PDB_model_num   1 
_pdbx_validate_torsion.auth_comp_id    LYS 
_pdbx_validate_torsion.auth_asym_id    A 
_pdbx_validate_torsion.auth_seq_id     4 
_pdbx_validate_torsion.PDB_ins_code    ? 
_pdbx_validate_torsion.label_alt_id    ? 
_pdbx_validate_torsion.phi             -43.94 
_pdbx_validate_torsion.psi             157.69 
# 
_pdbx_validate_peptide_omega.id               1 
_pdbx_validate_peptide_omega.PDB_model_num    1 
_pdbx_validate_peptide_omega.auth_comp_id_1   HIS 
_pdbx_validate_peptide_omega.auth_asym_id_1   A 
_pdbx_validate_peptide_omega.auth_seq_id_1    64 
_pdbx_validate_peptide_omega.PDB_ins_code_1   ? 
_pdbx_validate_peptide_omega.label_alt_id_1   ? 
_pdbx_validate_peptide_omega.auth_comp_id_2   HIS 
_pdbx_validate_peptide_omega.auth_asym_id_2   A 
_pdbx_validate_peptide_omega.auth_seq_id_2    65 
_pdbx_validate_peptide_omega.PDB_ins_code_2   ? 
_pdbx_validate_peptide_omega.label_alt_id_2   ? 
_pdbx_validate_peptide_omega.omega            -145.09 
# 
_pdbx_SG_project.id                    1 
_pdbx_SG_project.project_name          'PSI, Protein Structure Initiative' 
_pdbx_SG_project.full_name_of_center   'Northeast Structural Genomics Consortium' 
_pdbx_SG_project.initial_of_center     NESG 
# 
loop_
_pdbx_struct_mod_residue.id 
_pdbx_struct_mod_residue.label_asym_id 
_pdbx_struct_mod_residue.label_comp_id 
_pdbx_struct_mod_residue.label_seq_id 
_pdbx_struct_mod_residue.auth_asym_id 
_pdbx_struct_mod_residue.auth_comp_id 
_pdbx_struct_mod_residue.auth_seq_id 
_pdbx_struct_mod_residue.PDB_ins_code 
_pdbx_struct_mod_residue.parent_comp_id 
_pdbx_struct_mod_residue.details 
1 A MSE 45 A MSE 45 ? MET SELENOMETHIONINE 
2 B MSE 45 B MSE 45 ? MET SELENOMETHIONINE 
# 
_pdbx_database_remark.id     300 
_pdbx_database_remark.text   
;
BIOMOLECULE: 1
THIS ENTRY CONTAINS THE CRYSTALLOGRAPHIC ASYMMETRIC UNIT
WHICH CONSISTS OF 2 CHAIN(S). AUTHORS STATE THAT THIS
PROTEIN IS A DIMER IN SOLUTION ACCORDING TO LIGHT
SCATTERING DATA. SEE REMARK 350 FOR INFORMATION ON
GENERATING THE BIOLOGICAL MOLECULE(S).
;
# 
loop_
_pdbx_unobs_or_zero_occ_residues.id 
_pdbx_unobs_or_zero_occ_residues.PDB_model_num 
_pdbx_unobs_or_zero_occ_residues.polymer_flag 
_pdbx_unobs_or_zero_occ_residues.occupancy_flag 
_pdbx_unobs_or_zero_occ_residues.auth_asym_id 
_pdbx_unobs_or_zero_occ_residues.auth_comp_id 
_pdbx_unobs_or_zero_occ_residues.auth_seq_id 
_pdbx_unobs_or_zero_occ_residues.PDB_ins_code 
_pdbx_unobs_or_zero_occ_residues.label_asym_id 
_pdbx_unobs_or_zero_occ_residues.label_comp_id 
_pdbx_unobs_or_zero_occ_residues.label_seq_id 
1  1 Y 1 A MSE 1  ? A MSE 1  
2  1 Y 1 A ASP 2  ? A ASP 2  
3  1 Y 1 A HIS 67 ? A HIS 67 
4  1 Y 1 A HIS 68 ? A HIS 68 
5  1 Y 1 A HIS 69 ? A HIS 69 
6  1 Y 1 B MSE 1  ? B MSE 1  
7  1 Y 1 B ASP 2  ? B ASP 2  
8  1 Y 1 B GLU 63 ? B GLU 63 
9  1 Y 1 B HIS 64 ? B HIS 64 
10 1 Y 1 B HIS 65 ? B HIS 65 
11 1 Y 1 B HIS 66 ? B HIS 66 
12 1 Y 1 B HIS 67 ? B HIS 67 
13 1 Y 1 B HIS 68 ? B HIS 68 
14 1 Y 1 B HIS 69 ? B HIS 69 
# 
loop_
_chem_comp_atom.comp_id 
_chem_comp_atom.atom_id 
_chem_comp_atom.type_symbol 
_chem_comp_atom.pdbx_aromatic_flag 
_chem_comp_atom.pdbx_stereo_config 
_chem_comp_atom.pdbx_ordinal 
ALA N    N  N N 1   
ALA CA   C  N S 2   
ALA C    C  N N 3   
ALA O    O  N N 4   
ALA CB   C  N N 5   
ALA OXT  O  N N 6   
ALA H    H  N N 7   
ALA H2   H  N N 8   
ALA HA   H  N N 9   
ALA HB1  H  N N 10  
ALA HB2  H  N N 11  
ALA HB3  H  N N 12  
ALA HXT  H  N N 13  
ARG N    N  N N 14  
ARG CA   C  N S 15  
ARG C    C  N N 16  
ARG O    O  N N 17  
ARG CB   C  N N 18  
ARG CG   C  N N 19  
ARG CD   C  N N 20  
ARG NE   N  N N 21  
ARG CZ   C  N N 22  
ARG NH1  N  N N 23  
ARG NH2  N  N N 24  
ARG OXT  O  N N 25  
ARG H    H  N N 26  
ARG H2   H  N N 27  
ARG HA   H  N N 28  
ARG HB2  H  N N 29  
ARG HB3  H  N N 30  
ARG HG2  H  N N 31  
ARG HG3  H  N N 32  
ARG HD2  H  N N 33  
ARG HD3  H  N N 34  
ARG HE   H  N N 35  
ARG HH11 H  N N 36  
ARG HH12 H  N N 37  
ARG HH21 H  N N 38  
ARG HH22 H  N N 39  
ARG HXT  H  N N 40  
ASP N    N  N N 41  
ASP CA   C  N S 42  
ASP C    C  N N 43  
ASP O    O  N N 44  
ASP CB   C  N N 45  
ASP CG   C  N N 46  
ASP OD1  O  N N 47  
ASP OD2  O  N N 48  
ASP OXT  O  N N 49  
ASP H    H  N N 50  
ASP H2   H  N N 51  
ASP HA   H  N N 52  
ASP HB2  H  N N 53  
ASP HB3  H  N N 54  
ASP HD2  H  N N 55  
ASP HXT  H  N N 56  
CYS N    N  N N 57  
CYS CA   C  N R 58  
CYS C    C  N N 59  
CYS O    O  N N 60  
CYS CB   C  N N 61  
CYS SG   S  N N 62  
CYS OXT  O  N N 63  
CYS H    H  N N 64  
CYS H2   H  N N 65  
CYS HA   H  N N 66  
CYS HB2  H  N N 67  
CYS HB3  H  N N 68  
CYS HG   H  N N 69  
CYS HXT  H  N N 70  
GLU N    N  N N 71  
GLU CA   C  N S 72  
GLU C    C  N N 73  
GLU O    O  N N 74  
GLU CB   C  N N 75  
GLU CG   C  N N 76  
GLU CD   C  N N 77  
GLU OE1  O  N N 78  
GLU OE2  O  N N 79  
GLU OXT  O  N N 80  
GLU H    H  N N 81  
GLU H2   H  N N 82  
GLU HA   H  N N 83  
GLU HB2  H  N N 84  
GLU HB3  H  N N 85  
GLU HG2  H  N N 86  
GLU HG3  H  N N 87  
GLU HE2  H  N N 88  
GLU HXT  H  N N 89  
GLY N    N  N N 90  
GLY CA   C  N N 91  
GLY C    C  N N 92  
GLY O    O  N N 93  
GLY OXT  O  N N 94  
GLY H    H  N N 95  
GLY H2   H  N N 96  
GLY HA2  H  N N 97  
GLY HA3  H  N N 98  
GLY HXT  H  N N 99  
HIS N    N  N N 100 
HIS CA   C  N S 101 
HIS C    C  N N 102 
HIS O    O  N N 103 
HIS CB   C  N N 104 
HIS CG   C  Y N 105 
HIS ND1  N  Y N 106 
HIS CD2  C  Y N 107 
HIS CE1  C  Y N 108 
HIS NE2  N  Y N 109 
HIS OXT  O  N N 110 
HIS H    H  N N 111 
HIS H2   H  N N 112 
HIS HA   H  N N 113 
HIS HB2  H  N N 114 
HIS HB3  H  N N 115 
HIS HD1  H  N N 116 
HIS HD2  H  N N 117 
HIS HE1  H  N N 118 
HIS HE2  H  N N 119 
HIS HXT  H  N N 120 
HOH O    O  N N 121 
HOH H1   H  N N 122 
HOH H2   H  N N 123 
ILE N    N  N N 124 
ILE CA   C  N S 125 
ILE C    C  N N 126 
ILE O    O  N N 127 
ILE CB   C  N S 128 
ILE CG1  C  N N 129 
ILE CG2  C  N N 130 
ILE CD1  C  N N 131 
ILE OXT  O  N N 132 
ILE H    H  N N 133 
ILE H2   H  N N 134 
ILE HA   H  N N 135 
ILE HB   H  N N 136 
ILE HG12 H  N N 137 
ILE HG13 H  N N 138 
ILE HG21 H  N N 139 
ILE HG22 H  N N 140 
ILE HG23 H  N N 141 
ILE HD11 H  N N 142 
ILE HD12 H  N N 143 
ILE HD13 H  N N 144 
ILE HXT  H  N N 145 
LEU N    N  N N 146 
LEU CA   C  N S 147 
LEU C    C  N N 148 
LEU O    O  N N 149 
LEU CB   C  N N 150 
LEU CG   C  N N 151 
LEU CD1  C  N N 152 
LEU CD2  C  N N 153 
LEU OXT  O  N N 154 
LEU H    H  N N 155 
LEU H2   H  N N 156 
LEU HA   H  N N 157 
LEU HB2  H  N N 158 
LEU HB3  H  N N 159 
LEU HG   H  N N 160 
LEU HD11 H  N N 161 
LEU HD12 H  N N 162 
LEU HD13 H  N N 163 
LEU HD21 H  N N 164 
LEU HD22 H  N N 165 
LEU HD23 H  N N 166 
LEU HXT  H  N N 167 
LYS N    N  N N 168 
LYS CA   C  N S 169 
LYS C    C  N N 170 
LYS O    O  N N 171 
LYS CB   C  N N 172 
LYS CG   C  N N 173 
LYS CD   C  N N 174 
LYS CE   C  N N 175 
LYS NZ   N  N N 176 
LYS OXT  O  N N 177 
LYS H    H  N N 178 
LYS H2   H  N N 179 
LYS HA   H  N N 180 
LYS HB2  H  N N 181 
LYS HB3  H  N N 182 
LYS HG2  H  N N 183 
LYS HG3  H  N N 184 
LYS HD2  H  N N 185 
LYS HD3  H  N N 186 
LYS HE2  H  N N 187 
LYS HE3  H  N N 188 
LYS HZ1  H  N N 189 
LYS HZ2  H  N N 190 
LYS HZ3  H  N N 191 
LYS HXT  H  N N 192 
MET N    N  N N 193 
MET CA   C  N S 194 
MET C    C  N N 195 
MET O    O  N N 196 
MET CB   C  N N 197 
MET CG   C  N N 198 
MET SD   S  N N 199 
MET CE   C  N N 200 
MET OXT  O  N N 201 
MET H    H  N N 202 
MET H2   H  N N 203 
MET HA   H  N N 204 
MET HB2  H  N N 205 
MET HB3  H  N N 206 
MET HG2  H  N N 207 
MET HG3  H  N N 208 
MET HE1  H  N N 209 
MET HE2  H  N N 210 
MET HE3  H  N N 211 
MET HXT  H  N N 212 
MSE N    N  N N 213 
MSE CA   C  N S 214 
MSE C    C  N N 215 
MSE O    O  N N 216 
MSE OXT  O  N N 217 
MSE CB   C  N N 218 
MSE CG   C  N N 219 
MSE SE   SE N N 220 
MSE CE   C  N N 221 
MSE H    H  N N 222 
MSE H2   H  N N 223 
MSE HA   H  N N 224 
MSE HXT  H  N N 225 
MSE HB2  H  N N 226 
MSE HB3  H  N N 227 
MSE HG2  H  N N 228 
MSE HG3  H  N N 229 
MSE HE1  H  N N 230 
MSE HE2  H  N N 231 
MSE HE3  H  N N 232 
PRO N    N  N N 233 
PRO CA   C  N S 234 
PRO C    C  N N 235 
PRO O    O  N N 236 
PRO CB   C  N N 237 
PRO CG   C  N N 238 
PRO CD   C  N N 239 
PRO OXT  O  N N 240 
PRO H    H  N N 241 
PRO HA   H  N N 242 
PRO HB2  H  N N 243 
PRO HB3  H  N N 244 
PRO HG2  H  N N 245 
PRO HG3  H  N N 246 
PRO HD2  H  N N 247 
PRO HD3  H  N N 248 
PRO HXT  H  N N 249 
SER N    N  N N 250 
SER CA   C  N S 251 
SER C    C  N N 252 
SER O    O  N N 253 
SER CB   C  N N 254 
SER OG   O  N N 255 
SER OXT  O  N N 256 
SER H    H  N N 257 
SER H2   H  N N 258 
SER HA   H  N N 259 
SER HB2  H  N N 260 
SER HB3  H  N N 261 
SER HG   H  N N 262 
SER HXT  H  N N 263 
THR N    N  N N 264 
THR CA   C  N S 265 
THR C    C  N N 266 
THR O    O  N N 267 
THR CB   C  N R 268 
THR OG1  O  N N 269 
THR CG2  C  N N 270 
THR OXT  O  N N 271 
THR H    H  N N 272 
THR H2   H  N N 273 
THR HA   H  N N 274 
THR HB   H  N N 275 
THR HG1  H  N N 276 
THR HG21 H  N N 277 
THR HG22 H  N N 278 
THR HG23 H  N N 279 
THR HXT  H  N N 280 
TYR N    N  N N 281 
TYR CA   C  N S 282 
TYR C    C  N N 283 
TYR O    O  N N 284 
TYR CB   C  N N 285 
TYR CG   C  Y N 286 
TYR CD1  C  Y N 287 
TYR CD2  C  Y N 288 
TYR CE1  C  Y N 289 
TYR CE2  C  Y N 290 
TYR CZ   C  Y N 291 
TYR OH   O  N N 292 
TYR OXT  O  N N 293 
TYR H    H  N N 294 
TYR H2   H  N N 295 
TYR HA   H  N N 296 
TYR HB2  H  N N 297 
TYR HB3  H  N N 298 
TYR HD1  H  N N 299 
TYR HD2  H  N N 300 
TYR HE1  H  N N 301 
TYR HE2  H  N N 302 
TYR HH   H  N N 303 
TYR HXT  H  N N 304 
VAL N    N  N N 305 
VAL CA   C  N S 306 
VAL C    C  N N 307 
VAL O    O  N N 308 
VAL CB   C  N N 309 
VAL CG1  C  N N 310 
VAL CG2  C  N N 311 
VAL OXT  O  N N 312 
VAL H    H  N N 313 
VAL H2   H  N N 314 
VAL HA   H  N N 315 
VAL HB   H  N N 316 
VAL HG11 H  N N 317 
VAL HG12 H  N N 318 
VAL HG13 H  N N 319 
VAL HG21 H  N N 320 
VAL HG22 H  N N 321 
VAL HG23 H  N N 322 
VAL HXT  H  N N 323 
# 
loop_
_chem_comp_bond.comp_id 
_chem_comp_bond.atom_id_1 
_chem_comp_bond.atom_id_2 
_chem_comp_bond.value_order 
_chem_comp_bond.pdbx_aromatic_flag 
_chem_comp_bond.pdbx_stereo_config 
_chem_comp_bond.pdbx_ordinal 
ALA N   CA   sing N N 1   
ALA N   H    sing N N 2   
ALA N   H2   sing N N 3   
ALA CA  C    sing N N 4   
ALA CA  CB   sing N N 5   
ALA CA  HA   sing N N 6   
ALA C   O    doub N N 7   
ALA C   OXT  sing N N 8   
ALA CB  HB1  sing N N 9   
ALA CB  HB2  sing N N 10  
ALA CB  HB3  sing N N 11  
ALA OXT HXT  sing N N 12  
ARG N   CA   sing N N 13  
ARG N   H    sing N N 14  
ARG N   H2   sing N N 15  
ARG CA  C    sing N N 16  
ARG CA  CB   sing N N 17  
ARG CA  HA   sing N N 18  
ARG C   O    doub N N 19  
ARG C   OXT  sing N N 20  
ARG CB  CG   sing N N 21  
ARG CB  HB2  sing N N 22  
ARG CB  HB3  sing N N 23  
ARG CG  CD   sing N N 24  
ARG CG  HG2  sing N N 25  
ARG CG  HG3  sing N N 26  
ARG CD  NE   sing N N 27  
ARG CD  HD2  sing N N 28  
ARG CD  HD3  sing N N 29  
ARG NE  CZ   sing N N 30  
ARG NE  HE   sing N N 31  
ARG CZ  NH1  sing N N 32  
ARG CZ  NH2  doub N N 33  
ARG NH1 HH11 sing N N 34  
ARG NH1 HH12 sing N N 35  
ARG NH2 HH21 sing N N 36  
ARG NH2 HH22 sing N N 37  
ARG OXT HXT  sing N N 38  
ASP N   CA   sing N N 39  
ASP N   H    sing N N 40  
ASP N   H2   sing N N 41  
ASP CA  C    sing N N 42  
ASP CA  CB   sing N N 43  
ASP CA  HA   sing N N 44  
ASP C   O    doub N N 45  
ASP C   OXT  sing N N 46  
ASP CB  CG   sing N N 47  
ASP CB  HB2  sing N N 48  
ASP CB  HB3  sing N N 49  
ASP CG  OD1  doub N N 50  
ASP CG  OD2  sing N N 51  
ASP OD2 HD2  sing N N 52  
ASP OXT HXT  sing N N 53  
CYS N   CA   sing N N 54  
CYS N   H    sing N N 55  
CYS N   H2   sing N N 56  
CYS CA  C    sing N N 57  
CYS CA  CB   sing N N 58  
CYS CA  HA   sing N N 59  
CYS C   O    doub N N 60  
CYS C   OXT  sing N N 61  
CYS CB  SG   sing N N 62  
CYS CB  HB2  sing N N 63  
CYS CB  HB3  sing N N 64  
CYS SG  HG   sing N N 65  
CYS OXT HXT  sing N N 66  
GLU N   CA   sing N N 67  
GLU N   H    sing N N 68  
GLU N   H2   sing N N 69  
GLU CA  C    sing N N 70  
GLU CA  CB   sing N N 71  
GLU CA  HA   sing N N 72  
GLU C   O    doub N N 73  
GLU C   OXT  sing N N 74  
GLU CB  CG   sing N N 75  
GLU CB  HB2  sing N N 76  
GLU CB  HB3  sing N N 77  
GLU CG  CD   sing N N 78  
GLU CG  HG2  sing N N 79  
GLU CG  HG3  sing N N 80  
GLU CD  OE1  doub N N 81  
GLU CD  OE2  sing N N 82  
GLU OE2 HE2  sing N N 83  
GLU OXT HXT  sing N N 84  
GLY N   CA   sing N N 85  
GLY N   H    sing N N 86  
GLY N   H2   sing N N 87  
GLY CA  C    sing N N 88  
GLY CA  HA2  sing N N 89  
GLY CA  HA3  sing N N 90  
GLY C   O    doub N N 91  
GLY C   OXT  sing N N 92  
GLY OXT HXT  sing N N 93  
HIS N   CA   sing N N 94  
HIS N   H    sing N N 95  
HIS N   H2   sing N N 96  
HIS CA  C    sing N N 97  
HIS CA  CB   sing N N 98  
HIS CA  HA   sing N N 99  
HIS C   O    doub N N 100 
HIS C   OXT  sing N N 101 
HIS CB  CG   sing N N 102 
HIS CB  HB2  sing N N 103 
HIS CB  HB3  sing N N 104 
HIS CG  ND1  sing Y N 105 
HIS CG  CD2  doub Y N 106 
HIS ND1 CE1  doub Y N 107 
HIS ND1 HD1  sing N N 108 
HIS CD2 NE2  sing Y N 109 
HIS CD2 HD2  sing N N 110 
HIS CE1 NE2  sing Y N 111 
HIS CE1 HE1  sing N N 112 
HIS NE2 HE2  sing N N 113 
HIS OXT HXT  sing N N 114 
HOH O   H1   sing N N 115 
HOH O   H2   sing N N 116 
ILE N   CA   sing N N 117 
ILE N   H    sing N N 118 
ILE N   H2   sing N N 119 
ILE CA  C    sing N N 120 
ILE CA  CB   sing N N 121 
ILE CA  HA   sing N N 122 
ILE C   O    doub N N 123 
ILE C   OXT  sing N N 124 
ILE CB  CG1  sing N N 125 
ILE CB  CG2  sing N N 126 
ILE CB  HB   sing N N 127 
ILE CG1 CD1  sing N N 128 
ILE CG1 HG12 sing N N 129 
ILE CG1 HG13 sing N N 130 
ILE CG2 HG21 sing N N 131 
ILE CG2 HG22 sing N N 132 
ILE CG2 HG23 sing N N 133 
ILE CD1 HD11 sing N N 134 
ILE CD1 HD12 sing N N 135 
ILE CD1 HD13 sing N N 136 
ILE OXT HXT  sing N N 137 
LEU N   CA   sing N N 138 
LEU N   H    sing N N 139 
LEU N   H2   sing N N 140 
LEU CA  C    sing N N 141 
LEU CA  CB   sing N N 142 
LEU CA  HA   sing N N 143 
LEU C   O    doub N N 144 
LEU C   OXT  sing N N 145 
LEU CB  CG   sing N N 146 
LEU CB  HB2  sing N N 147 
LEU CB  HB3  sing N N 148 
LEU CG  CD1  sing N N 149 
LEU CG  CD2  sing N N 150 
LEU CG  HG   sing N N 151 
LEU CD1 HD11 sing N N 152 
LEU CD1 HD12 sing N N 153 
LEU CD1 HD13 sing N N 154 
LEU CD2 HD21 sing N N 155 
LEU CD2 HD22 sing N N 156 
LEU CD2 HD23 sing N N 157 
LEU OXT HXT  sing N N 158 
LYS N   CA   sing N N 159 
LYS N   H    sing N N 160 
LYS N   H2   sing N N 161 
LYS CA  C    sing N N 162 
LYS CA  CB   sing N N 163 
LYS CA  HA   sing N N 164 
LYS C   O    doub N N 165 
LYS C   OXT  sing N N 166 
LYS CB  CG   sing N N 167 
LYS CB  HB2  sing N N 168 
LYS CB  HB3  sing N N 169 
LYS CG  CD   sing N N 170 
LYS CG  HG2  sing N N 171 
LYS CG  HG3  sing N N 172 
LYS CD  CE   sing N N 173 
LYS CD  HD2  sing N N 174 
LYS CD  HD3  sing N N 175 
LYS CE  NZ   sing N N 176 
LYS CE  HE2  sing N N 177 
LYS CE  HE3  sing N N 178 
LYS NZ  HZ1  sing N N 179 
LYS NZ  HZ2  sing N N 180 
LYS NZ  HZ3  sing N N 181 
LYS OXT HXT  sing N N 182 
MET N   CA   sing N N 183 
MET N   H    sing N N 184 
MET N   H2   sing N N 185 
MET CA  C    sing N N 186 
MET CA  CB   sing N N 187 
MET CA  HA   sing N N 188 
MET C   O    doub N N 189 
MET C   OXT  sing N N 190 
MET CB  CG   sing N N 191 
MET CB  HB2  sing N N 192 
MET CB  HB3  sing N N 193 
MET CG  SD   sing N N 194 
MET CG  HG2  sing N N 195 
MET CG  HG3  sing N N 196 
MET SD  CE   sing N N 197 
MET CE  HE1  sing N N 198 
MET CE  HE2  sing N N 199 
MET CE  HE3  sing N N 200 
MET OXT HXT  sing N N 201 
MSE N   CA   sing N N 202 
MSE N   H    sing N N 203 
MSE N   H2   sing N N 204 
MSE CA  C    sing N N 205 
MSE CA  CB   sing N N 206 
MSE CA  HA   sing N N 207 
MSE C   O    doub N N 208 
MSE C   OXT  sing N N 209 
MSE OXT HXT  sing N N 210 
MSE CB  CG   sing N N 211 
MSE CB  HB2  sing N N 212 
MSE CB  HB3  sing N N 213 
MSE CG  SE   sing N N 214 
MSE CG  HG2  sing N N 215 
MSE CG  HG3  sing N N 216 
MSE SE  CE   sing N N 217 
MSE CE  HE1  sing N N 218 
MSE CE  HE2  sing N N 219 
MSE CE  HE3  sing N N 220 
PRO N   CA   sing N N 221 
PRO N   CD   sing N N 222 
PRO N   H    sing N N 223 
PRO CA  C    sing N N 224 
PRO CA  CB   sing N N 225 
PRO CA  HA   sing N N 226 
PRO C   O    doub N N 227 
PRO C   OXT  sing N N 228 
PRO CB  CG   sing N N 229 
PRO CB  HB2  sing N N 230 
PRO CB  HB3  sing N N 231 
PRO CG  CD   sing N N 232 
PRO CG  HG2  sing N N 233 
PRO CG  HG3  sing N N 234 
PRO CD  HD2  sing N N 235 
PRO CD  HD3  sing N N 236 
PRO OXT HXT  sing N N 237 
SER N   CA   sing N N 238 
SER N   H    sing N N 239 
SER N   H2   sing N N 240 
SER CA  C    sing N N 241 
SER CA  CB   sing N N 242 
SER CA  HA   sing N N 243 
SER C   O    doub N N 244 
SER C   OXT  sing N N 245 
SER CB  OG   sing N N 246 
SER CB  HB2  sing N N 247 
SER CB  HB3  sing N N 248 
SER OG  HG   sing N N 249 
SER OXT HXT  sing N N 250 
THR N   CA   sing N N 251 
THR N   H    sing N N 252 
THR N   H2   sing N N 253 
THR CA  C    sing N N 254 
THR CA  CB   sing N N 255 
THR CA  HA   sing N N 256 
THR C   O    doub N N 257 
THR C   OXT  sing N N 258 
THR CB  OG1  sing N N 259 
THR CB  CG2  sing N N 260 
THR CB  HB   sing N N 261 
THR OG1 HG1  sing N N 262 
THR CG2 HG21 sing N N 263 
THR CG2 HG22 sing N N 264 
THR CG2 HG23 sing N N 265 
THR OXT HXT  sing N N 266 
TYR N   CA   sing N N 267 
TYR N   H    sing N N 268 
TYR N   H2   sing N N 269 
TYR CA  C    sing N N 270 
TYR CA  CB   sing N N 271 
TYR CA  HA   sing N N 272 
TYR C   O    doub N N 273 
TYR C   OXT  sing N N 274 
TYR CB  CG   sing N N 275 
TYR CB  HB2  sing N N 276 
TYR CB  HB3  sing N N 277 
TYR CG  CD1  doub Y N 278 
TYR CG  CD2  sing Y N 279 
TYR CD1 CE1  sing Y N 280 
TYR CD1 HD1  sing N N 281 
TYR CD2 CE2  doub Y N 282 
TYR CD2 HD2  sing N N 283 
TYR CE1 CZ   doub Y N 284 
TYR CE1 HE1  sing N N 285 
TYR CE2 CZ   sing Y N 286 
TYR CE2 HE2  sing N N 287 
TYR CZ  OH   sing N N 288 
TYR OH  HH   sing N N 289 
TYR OXT HXT  sing N N 290 
VAL N   CA   sing N N 291 
VAL N   H    sing N N 292 
VAL N   H2   sing N N 293 
VAL CA  C    sing N N 294 
VAL CA  CB   sing N N 295 
VAL CA  HA   sing N N 296 
VAL C   O    doub N N 297 
VAL C   OXT  sing N N 298 
VAL CB  CG1  sing N N 299 
VAL CB  CG2  sing N N 300 
VAL CB  HB   sing N N 301 
VAL CG1 HG11 sing N N 302 
VAL CG1 HG12 sing N N 303 
VAL CG1 HG13 sing N N 304 
VAL CG2 HG21 sing N N 305 
VAL CG2 HG22 sing N N 306 
VAL CG2 HG23 sing N N 307 
VAL OXT HXT  sing N N 308 
# 
_atom_sites.entry_id                    2PK7 
_atom_sites.fract_transf_matrix[1][1]   0.01134376 
_atom_sites.fract_transf_matrix[1][2]   0.02810321 
_atom_sites.fract_transf_matrix[1][3]   -0.01955899 
_atom_sites.fract_transf_matrix[2][1]   -0.01289733 
_atom_sites.fract_transf_matrix[2][2]   0.01299037 
_atom_sites.fract_transf_matrix[2][3]   0.02482081 
_atom_sites.fract_transf_matrix[3][1]   0.02526764 
_atom_sites.fract_transf_matrix[3][2]   -0.00922037 
_atom_sites.fract_transf_matrix[3][3]   0.01142433 
_atom_sites.fract_transf_vector[1]      0.128540 
_atom_sites.fract_transf_vector[2]      -0.122049 
_atom_sites.fract_transf_vector[3]      0.035994 
# 
loop_
_atom_type.symbol 
C  
N  
O  
S  
SE 
# 
loop_
_atom_site.group_PDB 
_atom_site.id 
_atom_site.type_symbol 
_atom_site.label_atom_id 
_atom_site.label_alt_id 
_atom_site.label_comp_id 
_atom_site.label_asym_id 
_atom_site.label_entity_id 
_atom_site.label_seq_id 
_atom_site.pdbx_PDB_ins_code 
_atom_site.Cartn_x 
_atom_site.Cartn_y 
_atom_site.Cartn_z 
_atom_site.occupancy 
_atom_site.B_iso_or_equiv 
_atom_site.pdbx_formal_charge 
_atom_site.auth_seq_id 
_atom_site.auth_comp_id 
_atom_site.auth_asym_id 
_atom_site.auth_atom_id 
_atom_site.pdbx_PDB_model_num 
ATOM   1   N  N   . THR A 1 3  ? -0.927  -1.943  -14.153 1.00 65.69 ? 3   THR A N   1 
ATOM   2   C  CA  . THR A 1 3  ? -1.513  -0.641  -13.722 1.00 67.11 ? 3   THR A CA  1 
ATOM   3   C  C   . THR A 1 3  ? -1.081  -0.325  -12.290 1.00 64.55 ? 3   THR A C   1 
ATOM   4   O  O   . THR A 1 3  ? -0.712  -1.226  -11.539 1.00 64.62 ? 3   THR A O   1 
ATOM   5   C  CB  . THR A 1 3  ? -3.033  -0.702  -13.820 1.00 68.52 ? 3   THR A CB  1 
ATOM   6   N  N   . LYS A 1 4  ? -1.133  0.956   -11.923 1.00 55.45 ? 4   LYS A N   1 
ATOM   7   C  CA  . LYS A 1 4  ? -0.729  1.428   -10.597 1.00 49.55 ? 4   LYS A CA  1 
ATOM   8   C  C   . LYS A 1 4  ? -1.218  0.578   -9.422  1.00 44.09 ? 4   LYS A C   1 
ATOM   9   O  O   . LYS A 1 4  ? -2.204  -0.152  -9.526  1.00 41.78 ? 4   LYS A O   1 
ATOM   10  C  CB  . LYS A 1 4  ? -1.168  2.883   -10.412 1.00 48.00 ? 4   LYS A CB  1 
ATOM   11  N  N   . LEU A 1 5  ? -0.514  0.697   -8.299  1.00 38.41 ? 5   LEU A N   1 
ATOM   12  C  CA  . LEU A 1 5  ? -0.821  -0.046  -7.074  1.00 36.08 ? 5   LEU A CA  1 
ATOM   13  C  C   . LEU A 1 5  ? -2.172  0.332   -6.449  1.00 37.03 ? 5   LEU A C   1 
ATOM   14  O  O   . LEU A 1 5  ? -2.932  -0.542  -6.015  1.00 38.10 ? 5   LEU A O   1 
ATOM   15  C  CB  . LEU A 1 5  ? 0.317   0.174   -6.068  1.00 31.47 ? 5   LEU A CB  1 
ATOM   16  C  CG  . LEU A 1 5  ? 0.305   -0.504  -4.699  1.00 26.03 ? 5   LEU A CG  1 
ATOM   17  C  CD1 . LEU A 1 5  ? 0.076   -2.003  -4.843  1.00 23.62 ? 5   LEU A CD1 1 
ATOM   18  C  CD2 . LEU A 1 5  ? 1.636   -0.221  -4.007  1.00 27.59 ? 5   LEU A CD2 1 
ATOM   19  N  N   . LEU A 1 6  ? -2.463  1.630   -6.413  1.00 35.00 ? 6   LEU A N   1 
ATOM   20  C  CA  . LEU A 1 6  ? -3.710  2.142   -5.852  1.00 37.38 ? 6   LEU A CA  1 
ATOM   21  C  C   . LEU A 1 6  ? -4.959  1.581   -6.522  1.00 42.30 ? 6   LEU A C   1 
ATOM   22  O  O   . LEU A 1 6  ? -6.056  1.701   -5.975  1.00 42.66 ? 6   LEU A O   1 
ATOM   23  C  CB  . LEU A 1 6  ? -3.750  3.664   -5.960  1.00 36.65 ? 6   LEU A CB  1 
ATOM   24  C  CG  . LEU A 1 6  ? -3.099  4.530   -4.891  1.00 37.46 ? 6   LEU A CG  1 
ATOM   25  C  CD1 . LEU A 1 6  ? -3.470  5.984   -5.172  1.00 32.33 ? 6   LEU A CD1 1 
ATOM   26  C  CD2 . LEU A 1 6  ? -3.593  4.124   -3.515  1.00 33.95 ? 6   LEU A CD2 1 
ATOM   27  N  N   . ASP A 1 7  ? -4.806  0.998   -7.709  1.00 42.21 ? 7   ASP A N   1 
ATOM   28  C  CA  . ASP A 1 7  ? -5.953  0.432   -8.418  1.00 38.88 ? 7   ASP A CA  1 
ATOM   29  C  C   . ASP A 1 7  ? -6.251  -0.956  -7.878  1.00 39.05 ? 7   ASP A C   1 
ATOM   30  O  O   . ASP A 1 7  ? -7.364  -1.464  -8.015  1.00 43.08 ? 7   ASP A O   1 
ATOM   31  C  CB  . ASP A 1 7  ? -5.678  0.280   -9.926  1.00 40.82 ? 7   ASP A CB  1 
ATOM   32  C  CG  . ASP A 1 7  ? -5.293  1.573   -10.599 1.00 43.96 ? 7   ASP A CG  1 
ATOM   33  O  OD1 . ASP A 1 7  ? -5.843  2.629   -10.225 1.00 41.73 ? 7   ASP A OD1 1 
ATOM   34  O  OD2 . ASP A 1 7  ? -4.455  1.520   -11.523 1.00 59.14 ? 7   ASP A OD2 1 
ATOM   35  N  N   . ILE A 1 8  ? -5.238  -1.565  -7.275  1.00 38.45 ? 8   ILE A N   1 
ATOM   36  C  CA  . ILE A 1 8  ? -5.350  -2.917  -6.750  1.00 35.94 ? 8   ILE A CA  1 
ATOM   37  C  C   . ILE A 1 8  ? -5.647  -2.999  -5.265  1.00 33.14 ? 8   ILE A C   1 
ATOM   38  O  O   . ILE A 1 8  ? -6.230  -3.975  -4.792  1.00 36.15 ? 8   ILE A O   1 
ATOM   39  C  CB  . ILE A 1 8  ? -4.053  -3.686  -7.027  1.00 36.85 ? 8   ILE A CB  1 
ATOM   40  C  CG1 . ILE A 1 8  ? -3.874  -3.843  -8.532  1.00 40.01 ? 8   ILE A CG1 1 
ATOM   41  C  CG2 . ILE A 1 8  ? -4.084  -5.034  -6.331  1.00 43.87 ? 8   ILE A CG2 1 
ATOM   42  C  CD1 . ILE A 1 8  ? -2.426  -3.887  -8.945  1.00 48.68 ? 8   ILE A CD1 1 
ATOM   43  N  N   . LEU A 1 9  ? -5.239  -1.980  -4.528  1.00 31.04 ? 9   LEU A N   1 
ATOM   44  C  CA  . LEU A 1 9  ? -5.453  -1.972  -3.095  1.00 29.49 ? 9   LEU A CA  1 
ATOM   45  C  C   . LEU A 1 9  ? -6.860  -1.503  -2.727  1.00 31.70 ? 9   LEU A C   1 
ATOM   46  O  O   . LEU A 1 9  ? -7.419  -0.638  -3.387  1.00 31.57 ? 9   LEU A O   1 
ATOM   47  C  CB  . LEU A 1 9  ? -4.380  -1.092  -2.440  1.00 31.67 ? 9   LEU A CB  1 
ATOM   48  C  CG  . LEU A 1 9  ? -2.925  -1.516  -2.711  1.00 20.62 ? 9   LEU A CG  1 
ATOM   49  C  CD1 . LEU A 1 9  ? -1.994  -0.674  -1.869  1.00 28.56 ? 9   LEU A CD1 1 
ATOM   50  C  CD2 . LEU A 1 9  ? -2.734  -2.998  -2.373  1.00 23.69 ? 9   LEU A CD2 1 
ATOM   51  N  N   . ALA A 1 10 ? -7.432  -2.088  -1.680  1.00 32.73 ? 10  ALA A N   1 
ATOM   52  C  CA  . ALA A 1 10 ? -8.768  -1.714  -1.236  1.00 32.72 ? 10  ALA A CA  1 
ATOM   53  C  C   . ALA A 1 10 ? -8.788  -1.539  0.270   1.00 31.23 ? 10  ALA A C   1 
ATOM   54  O  O   . ALA A 1 10 ? -7.981  -2.130  0.981   1.00 32.19 ? 10  ALA A O   1 
ATOM   55  C  CB  . ALA A 1 10 ? -9.788  -2.785  -1.646  1.00 30.24 ? 10  ALA A CB  1 
ATOM   56  N  N   . CYS A 1 11 ? -9.704  -0.712  0.756   1.00 30.87 ? 11  CYS A N   1 
ATOM   57  C  CA  . CYS A 1 11 ? -9.821  -0.488  2.190   1.00 31.23 ? 11  CYS A CA  1 
ATOM   58  C  C   . CYS A 1 11 ? -10.211 -1.826  2.815   1.00 36.25 ? 11  CYS A C   1 
ATOM   59  O  O   . CYS A 1 11 ? -11.133 -2.494  2.345   1.00 34.78 ? 11  CYS A O   1 
ATOM   60  C  CB  . CYS A 1 11 ? -10.890 0.570   2.464   1.00 30.06 ? 11  CYS A CB  1 
ATOM   61  S  SG  . CYS A 1 11 ? -11.524 0.596   4.154   1.00 24.99 ? 11  CYS A SG  1 
ATOM   62  N  N   . PRO A 1 12 ? -9.507  -2.243  3.877   1.00 38.62 ? 12  PRO A N   1 
ATOM   63  C  CA  . PRO A 1 12 ? -9.850  -3.525  4.499   1.00 37.18 ? 12  PRO A CA  1 
ATOM   64  C  C   . PRO A 1 12 ? -11.201 -3.543  5.194   1.00 37.05 ? 12  PRO A C   1 
ATOM   65  O  O   . PRO A 1 12 ? -11.762 -4.605  5.451   1.00 44.84 ? 12  PRO A O   1 
ATOM   66  C  CB  . PRO A 1 12 ? -8.684  -3.767  5.458   1.00 39.15 ? 12  PRO A CB  1 
ATOM   67  C  CG  . PRO A 1 12 ? -8.249  -2.381  5.818   1.00 37.73 ? 12  PRO A CG  1 
ATOM   68  C  CD  . PRO A 1 12 ? -8.327  -1.634  4.516   1.00 31.56 ? 12  PRO A CD  1 
ATOM   69  N  N   . ILE A 1 13 ? -11.737 -2.367  5.483   1.00 40.48 ? 13  ILE A N   1 
ATOM   70  C  CA  . ILE A 1 13 ? -13.020 -2.301  6.165   1.00 41.46 ? 13  ILE A CA  1 
ATOM   71  C  C   . ILE A 1 13 ? -14.215 -2.311  5.206   1.00 43.15 ? 13  ILE A C   1 
ATOM   72  O  O   . ILE A 1 13 ? -15.039 -3.231  5.230   1.00 39.29 ? 13  ILE A O   1 
ATOM   73  C  CB  . ILE A 1 13 ? -13.114 -1.027  7.045   1.00 42.00 ? 13  ILE A CB  1 
ATOM   74  C  CG1 . ILE A 1 13 ? -11.916 -0.947  8.008   1.00 42.16 ? 13  ILE A CG1 1 
ATOM   75  C  CG2 . ILE A 1 13 ? -14.437 -1.020  7.804   1.00 37.46 ? 13  ILE A CG2 1 
ATOM   76  C  CD1 . ILE A 1 13 ? -11.915 -1.948  9.160   1.00 34.41 ? 13  ILE A CD1 1 
ATOM   77  N  N   . CYS A 1 14 ? -14.292 -1.289  4.355   1.00 38.21 ? 14  CYS A N   1 
ATOM   78  C  CA  . CYS A 1 14 ? -15.402 -1.126  3.410   1.00 36.66 ? 14  CYS A CA  1 
ATOM   79  C  C   . CYS A 1 14 ? -15.131 -1.606  1.982   1.00 35.44 ? 14  CYS A C   1 
ATOM   80  O  O   . CYS A 1 14 ? -16.053 -1.669  1.158   1.00 33.35 ? 14  CYS A O   1 
ATOM   81  C  CB  . CYS A 1 14 ? -15.784 0.348   3.348   1.00 30.61 ? 14  CYS A CB  1 
ATOM   82  S  SG  . CYS A 1 14 ? -14.569 1.328   2.439   1.00 27.19 ? 14  CYS A SG  1 
ATOM   83  N  N   . LYS A 1 15 ? -13.866 -1.900  1.689   1.00 33.09 ? 15  LYS A N   1 
ATOM   84  C  CA  . LYS A 1 15 ? -13.437 -2.383  0.379   1.00 30.26 ? 15  LYS A CA  1 
ATOM   85  C  C   . LYS A 1 15 ? -13.521 -1.325  -0.718  1.00 32.15 ? 15  LYS A C   1 
ATOM   86  O  O   . LYS A 1 15 ? -13.496 -1.645  -1.910  1.00 33.17 ? 15  LYS A O   1 
ATOM   87  C  CB  . LYS A 1 15 ? -14.252 -3.614  -0.009  1.00 34.29 ? 15  LYS A CB  1 
ATOM   88  C  CG  . LYS A 1 15 ? -14.358 -4.649  1.121   1.00 27.26 ? 15  LYS A CG  1 
ATOM   89  C  CD  . LYS A 1 15 ? -12.995 -5.022  1.690   1.00 47.77 ? 15  LYS A CD  1 
ATOM   90  C  CE  . LYS A 1 15 ? -12.061 -5.534  0.613   1.00 43.44 ? 15  LYS A CE  1 
ATOM   91  N  NZ  . LYS A 1 15 ? -10.809 -6.079  1.201   1.00 48.25 ? 15  LYS A NZ  1 
ATOM   92  N  N   . GLY A 1 16 ? -13.616 -0.065  -0.308  1.00 27.35 ? 16  GLY A N   1 
ATOM   93  C  CA  . GLY A 1 16 ? -13.682 1.019   -1.268  1.00 24.91 ? 16  GLY A CA  1 
ATOM   94  C  C   . GLY A 1 16 ? -12.298 1.491   -1.673  1.00 26.42 ? 16  GLY A C   1 
ATOM   95  O  O   . GLY A 1 16 ? -11.296 0.994   -1.169  1.00 24.13 ? 16  GLY A O   1 
ATOM   96  N  N   . PRO A 1 17 ? -12.208 2.462   -2.582  1.00 28.11 ? 17  PRO A N   1 
ATOM   97  C  CA  . PRO A 1 17 ? -10.915 2.985   -3.038  1.00 29.10 ? 17  PRO A CA  1 
ATOM   98  C  C   . PRO A 1 17 ? -10.103 3.644   -1.920  1.00 29.45 ? 17  PRO A C   1 
ATOM   99  O  O   . PRO A 1 17 ? -10.639 3.987   -0.867  1.00 27.02 ? 17  PRO A O   1 
ATOM   100 C  CB  . PRO A 1 17 ? -11.317 3.973   -4.128  1.00 34.61 ? 17  PRO A CB  1 
ATOM   101 C  CG  . PRO A 1 17 ? -12.644 4.480   -3.636  1.00 28.15 ? 17  PRO A CG  1 
ATOM   102 C  CD  . PRO A 1 17 ? -13.325 3.214   -3.177  1.00 29.69 ? 17  PRO A CD  1 
ATOM   103 N  N   . LEU A 1 18 ? -8.803  3.799   -2.152  1.00 27.82 ? 18  LEU A N   1 
ATOM   104 C  CA  . LEU A 1 18 ? -7.913  4.439   -1.190  1.00 26.25 ? 18  LEU A CA  1 
ATOM   105 C  C   . LEU A 1 18 ? -7.172  5.533   -1.951  1.00 27.93 ? 18  LEU A C   1 
ATOM   106 O  O   . LEU A 1 18 ? -6.861  5.362   -3.127  1.00 28.06 ? 18  LEU A O   1 
ATOM   107 C  CB  . LEU A 1 18 ? -6.901  3.434   -0.629  1.00 24.35 ? 18  LEU A CB  1 
ATOM   108 C  CG  . LEU A 1 18 ? -7.427  2.277   0.226   1.00 16.59 ? 18  LEU A CG  1 
ATOM   109 C  CD1 . LEU A 1 18 ? -6.327  1.248   0.399   1.00 20.77 ? 18  LEU A CD1 1 
ATOM   110 C  CD2 . LEU A 1 18 ? -7.893  2.802   1.559   1.00 16.07 ? 18  LEU A CD2 1 
ATOM   111 N  N   . LYS A 1 19 ? -6.907  6.653   -1.288  1.00 23.62 ? 19  LYS A N   1 
ATOM   112 C  CA  . LYS A 1 19 ? -6.195  7.746   -1.927  1.00 27.78 ? 19  LYS A CA  1 
ATOM   113 C  C   . LYS A 1 19 ? -4.985  8.108   -1.091  1.00 26.13 ? 19  LYS A C   1 
ATOM   114 O  O   . LYS A 1 19 ? -5.044  8.120   0.134   1.00 24.37 ? 19  LYS A O   1 
ATOM   115 C  CB  . LYS A 1 19 ? -7.090  8.991   -2.069  1.00 29.22 ? 19  LYS A CB  1 
ATOM   116 C  CG  . LYS A 1 19 ? -8.270  8.825   -3.012  1.00 40.10 ? 19  LYS A CG  1 
ATOM   117 C  CD  . LYS A 1 19 ? -9.018  10.145  -3.244  1.00 40.02 ? 19  LYS A CD  1 
ATOM   118 C  CE  . LYS A 1 19 ? -9.776  10.632  -2.013  1.00 51.35 ? 19  LYS A CE  1 
ATOM   119 N  NZ  . LYS A 1 19 ? -8.870  11.066  -0.917  1.00 51.11 ? 19  LYS A NZ  1 
ATOM   120 N  N   . LEU A 1 20 ? -3.872  8.382   -1.748  1.00 30.13 ? 20  LEU A N   1 
ATOM   121 C  CA  . LEU A 1 20 ? -2.685  8.780   -1.011  1.00 30.42 ? 20  LEU A CA  1 
ATOM   122 C  C   . LEU A 1 20 ? -2.993  10.184  -0.490  1.00 32.42 ? 20  LEU A C   1 
ATOM   123 O  O   . LEU A 1 20 ? -3.461  11.029  -1.246  1.00 34.02 ? 20  LEU A O   1 
ATOM   124 C  CB  . LEU A 1 20 ? -1.479  8.781   -1.950  1.00 29.52 ? 20  LEU A CB  1 
ATOM   125 C  CG  . LEU A 1 20 ? -0.065  8.969   -1.390  1.00 29.11 ? 20  LEU A CG  1 
ATOM   126 C  CD1 . LEU A 1 20 ? 0.154   8.091   -0.167  1.00 23.90 ? 20  LEU A CD1 1 
ATOM   127 C  CD2 . LEU A 1 20 ? 0.941   8.633   -2.485  1.00 29.11 ? 20  LEU A CD2 1 
ATOM   128 N  N   . SER A 1 21 ? -2.760  10.423  0.801   1.00 30.46 ? 21  SER A N   1 
ATOM   129 C  CA  . SER A 1 21 ? -3.034  11.727  1.394   1.00 27.77 ? 21  SER A CA  1 
ATOM   130 C  C   . SER A 1 21 ? -2.126  12.796  0.800   1.00 33.85 ? 21  SER A C   1 
ATOM   131 O  O   . SER A 1 21 ? -1.130  12.480  0.155   1.00 32.75 ? 21  SER A O   1 
ATOM   132 C  CB  . SER A 1 21 ? -2.819  11.681  2.901   1.00 25.13 ? 21  SER A CB  1 
ATOM   133 O  OG  . SER A 1 21 ? -1.459  11.407  3.195   1.00 27.09 ? 21  SER A OG  1 
ATOM   134 N  N   . ALA A 1 22 ? -2.470  14.057  1.044   1.00 34.18 ? 22  ALA A N   1 
ATOM   135 C  CA  . ALA A 1 22 ? -1.699  15.192  0.545   1.00 34.87 ? 22  ALA A CA  1 
ATOM   136 C  C   . ALA A 1 22 ? -0.224  15.136  0.956   1.00 34.46 ? 22  ALA A C   1 
ATOM   137 O  O   . ALA A 1 22 ? 0.657   15.275  0.108   1.00 38.13 ? 22  ALA A O   1 
ATOM   138 C  CB  . ALA A 1 22 ? -2.334  16.499  1.023   1.00 38.69 ? 22  ALA A CB  1 
ATOM   139 N  N   . ASP A 1 23 ? 0.050   14.939  2.245   1.00 36.18 ? 23  ASP A N   1 
ATOM   140 C  CA  . ASP A 1 23 ? 1.435   14.863  2.718   1.00 32.22 ? 23  ASP A CA  1 
ATOM   141 C  C   . ASP A 1 23 ? 2.058   13.484  2.469   1.00 28.52 ? 23  ASP A C   1 
ATOM   142 O  O   . ASP A 1 23 ? 3.179   13.210  2.900   1.00 31.11 ? 23  ASP A O   1 
ATOM   143 C  CB  . ASP A 1 23 ? 1.526   15.214  4.214   1.00 35.01 ? 23  ASP A CB  1 
ATOM   144 C  CG  . ASP A 1 23 ? 0.732   14.265  5.094   1.00 42.78 ? 23  ASP A CG  1 
ATOM   145 O  OD1 . ASP A 1 23 ? 0.316   13.195  4.602   1.00 50.57 ? 23  ASP A OD1 1 
ATOM   146 O  OD2 . ASP A 1 23 ? 0.536   14.589  6.289   1.00 51.03 ? 23  ASP A OD2 1 
ATOM   147 N  N   . LYS A 1 24 ? 1.316   12.629  1.764   1.00 29.25 ? 24  LYS A N   1 
ATOM   148 C  CA  . LYS A 1 24 ? 1.742   11.270  1.404   1.00 24.55 ? 24  LYS A CA  1 
ATOM   149 C  C   . LYS A 1 24 ? 2.051   10.312  2.551   1.00 23.71 ? 24  LYS A C   1 
ATOM   150 O  O   . LYS A 1 24 ? 2.731   9.301   2.354   1.00 25.16 ? 24  LYS A O   1 
ATOM   151 C  CB  . LYS A 1 24 ? 2.969   11.306  0.483   1.00 28.69 ? 24  LYS A CB  1 
ATOM   152 C  CG  . LYS A 1 24 ? 2.692   11.725  -0.954  1.00 38.50 ? 24  LYS A CG  1 
ATOM   153 C  CD  . LYS A 1 24 ? 2.619   13.231  -1.106  1.00 47.43 ? 24  LYS A CD  1 
ATOM   154 C  CE  . LYS A 1 24 ? 2.448   13.625  -2.568  1.00 46.81 ? 24  LYS A CE  1 
ATOM   155 N  NZ  . LYS A 1 24 ? 1.248   12.999  -3.187  1.00 43.27 ? 24  LYS A NZ  1 
ATOM   156 N  N   . THR A 1 25 ? 1.546   10.595  3.742   1.00 24.46 ? 25  THR A N   1 
ATOM   157 C  CA  . THR A 1 25 ? 1.830   9.728   4.876   1.00 22.55 ? 25  THR A CA  1 
ATOM   158 C  C   . THR A 1 25 ? 0.666   8.826   5.257   1.00 19.45 ? 25  THR A C   1 
ATOM   159 O  O   . THR A 1 25 ? 0.738   8.089   6.247   1.00 20.36 ? 25  THR A O   1 
ATOM   160 C  CB  . THR A 1 25 ? 2.203   10.549  6.105   1.00 27.12 ? 25  THR A CB  1 
ATOM   161 O  OG1 . THR A 1 25 ? 1.042   11.243  6.583   1.00 35.66 ? 25  THR A OG1 1 
ATOM   162 C  CG2 . THR A 1 25 ? 3.274   11.567  5.742   1.00 27.39 ? 25  THR A CG2 1 
ATOM   163 N  N   . GLU A 1 26 ? -0.413  8.873   4.489   1.00 23.48 ? 26  GLU A N   1 
ATOM   164 C  CA  . GLU A 1 26 ? -1.562  8.045   4.828   1.00 18.58 ? 26  GLU A CA  1 
ATOM   165 C  C   . GLU A 1 26 ? -2.315  7.600   3.601   1.00 19.93 ? 26  GLU A C   1 
ATOM   166 O  O   . GLU A 1 26 ? -2.229  8.223   2.554   1.00 21.50 ? 26  GLU A O   1 
ATOM   167 C  CB  . GLU A 1 26 ? -2.553  8.831   5.712   1.00 15.86 ? 26  GLU A CB  1 
ATOM   168 C  CG  . GLU A 1 26 ? -1.987  9.366   7.008   1.00 24.42 ? 26  GLU A CG  1 
ATOM   169 C  CD  . GLU A 1 26 ? -2.974  10.289  7.716   1.00 26.64 ? 26  GLU A CD  1 
ATOM   170 O  OE1 . GLU A 1 26 ? -3.393  11.298  7.107   1.00 39.32 ? 26  GLU A OE1 1 
ATOM   171 O  OE2 . GLU A 1 26 ? -3.337  10.006  8.878   1.00 28.08 ? 26  GLU A OE2 1 
ATOM   172 N  N   . LEU A 1 27 ? -3.059  6.511   3.753   1.00 19.50 ? 27  LEU A N   1 
ATOM   173 C  CA  . LEU A 1 27 ? -3.913  6.012   2.701   1.00 18.83 ? 27  LEU A CA  1 
ATOM   174 C  C   . LEU A 1 27 ? -5.286  6.281   3.285   1.00 20.45 ? 27  LEU A C   1 
ATOM   175 O  O   . LEU A 1 27 ? -5.705  5.642   4.250   1.00 22.79 ? 27  LEU A O   1 
ATOM   176 C  CB  . LEU A 1 27 ? -3.715  4.514   2.459   1.00 16.46 ? 27  LEU A CB  1 
ATOM   177 C  CG  . LEU A 1 27 ? -2.344  4.109   1.899   1.00 19.54 ? 27  LEU A CG  1 
ATOM   178 C  CD1 . LEU A 1 27 ? -2.324  2.610   1.702   1.00 16.87 ? 27  LEU A CD1 1 
ATOM   179 C  CD2 . LEU A 1 27 ? -2.085  4.822   0.589   1.00 25.56 ? 27  LEU A CD2 1 
ATOM   180 N  N   . ILE A 1 28 ? -5.982  7.250   2.714   1.00 24.01 ? 28  ILE A N   1 
ATOM   181 C  CA  . ILE A 1 28 ? -7.296  7.578   3.216   1.00 23.17 ? 28  ILE A CA  1 
ATOM   182 C  C   . ILE A 1 28 ? -8.398  6.758   2.563   1.00 23.13 ? 28  ILE A C   1 
ATOM   183 O  O   . ILE A 1 28 ? -8.391  6.483   1.351   1.00 19.01 ? 28  ILE A O   1 
ATOM   184 C  CB  . ILE A 1 28 ? -7.559  9.120   3.106   1.00 32.10 ? 28  ILE A CB  1 
ATOM   185 C  CG1 . ILE A 1 28 ? -9.048  9.414   2.896   1.00 29.47 ? 28  ILE A CG1 1 
ATOM   186 C  CG2 . ILE A 1 28 ? -6.670  9.720   2.020   1.00 37.83 ? 28  ILE A CG2 1 
ATOM   187 C  CD1 . ILE A 1 28 ? -9.374  10.900  2.902   1.00 33.75 ? 28  ILE A CD1 1 
ATOM   188 N  N   . SER A 1 29 ? -9.325  6.330   3.411   1.00 19.56 ? 29  SER A N   1 
ATOM   189 C  CA  . SER A 1 29 ? -10.466 5.536   2.986   1.00 24.52 ? 29  SER A CA  1 
ATOM   190 C  C   . SER A 1 29 ? -11.727 6.311   3.306   1.00 22.22 ? 29  SER A C   1 
ATOM   191 O  O   . SER A 1 29 ? -12.280 6.187   4.392   1.00 28.50 ? 29  SER A O   1 
ATOM   192 C  CB  . SER A 1 29 ? -10.507 4.213   3.733   1.00 17.30 ? 29  SER A CB  1 
ATOM   193 O  OG  . SER A 1 29 ? -11.672 3.496   3.365   1.00 24.34 ? 29  SER A OG  1 
ATOM   194 N  N   . LYS A 1 30 ? -12.172 7.124   2.357   1.00 24.17 ? 30  LYS A N   1 
ATOM   195 C  CA  . LYS A 1 30 ? -13.374 7.930   2.541   1.00 26.68 ? 30  LYS A CA  1 
ATOM   196 C  C   . LYS A 1 30 ? -14.584 7.025   2.754   1.00 25.77 ? 30  LYS A C   1 
ATOM   197 O  O   . LYS A 1 30 ? -15.524 7.379   3.476   1.00 22.43 ? 30  LYS A O   1 
ATOM   198 C  CB  . LYS A 1 30 ? -13.595 8.836   1.330   1.00 31.28 ? 30  LYS A CB  1 
ATOM   199 N  N   . GLY A 1 31 ? -14.561 5.855   2.122   1.00 20.85 ? 31  GLY A N   1 
ATOM   200 C  CA  . GLY A 1 31 ? -15.671 4.931   2.272   1.00 25.60 ? 31  GLY A CA  1 
ATOM   201 C  C   . GLY A 1 31 ? -15.804 4.440   3.704   1.00 29.70 ? 31  GLY A C   1 
ATOM   202 O  O   . GLY A 1 31 ? -16.886 4.022   4.125   1.00 29.11 ? 31  GLY A O   1 
ATOM   203 N  N   . ALA A 1 32 ? -14.709 4.501   4.457   1.00 23.65 ? 32  ALA A N   1 
ATOM   204 C  CA  . ALA A 1 32 ? -14.719 4.059   5.848   1.00 25.63 ? 32  ALA A CA  1 
ATOM   205 C  C   . ALA A 1 32 ? -14.509 5.200   6.831   1.00 24.24 ? 32  ALA A C   1 
ATOM   206 O  O   . ALA A 1 32 ? -14.666 5.028   8.041   1.00 25.53 ? 32  ALA A O   1 
ATOM   207 C  CB  . ALA A 1 32 ? -13.653 2.991   6.063   1.00 33.15 ? 32  ALA A CB  1 
ATOM   208 N  N   . GLY A 1 33 ? -14.158 6.368   6.307   1.00 26.64 ? 33  GLY A N   1 
ATOM   209 C  CA  . GLY A 1 33 ? -13.938 7.516   7.163   1.00 26.58 ? 33  GLY A CA  1 
ATOM   210 C  C   . GLY A 1 33 ? -12.681 7.356   7.993   1.00 25.37 ? 33  GLY A C   1 
ATOM   211 O  O   . GLY A 1 33 ? -12.594 7.863   9.111   1.00 24.59 ? 33  GLY A O   1 
ATOM   212 N  N   . LEU A 1 34 ? -11.700 6.648   7.446   1.00 28.49 ? 34  LEU A N   1 
ATOM   213 C  CA  . LEU A 1 34 ? -10.440 6.417   8.147   1.00 25.30 ? 34  LEU A CA  1 
ATOM   214 C  C   . LEU A 1 34 ? -9.215  6.703   7.271   1.00 21.55 ? 34  LEU A C   1 
ATOM   215 O  O   . LEU A 1 34 ? -9.307  6.679   6.051   1.00 20.68 ? 34  LEU A O   1 
ATOM   216 C  CB  . LEU A 1 34 ? -10.351 4.953   8.589   1.00 25.46 ? 34  LEU A CB  1 
ATOM   217 C  CG  . LEU A 1 34 ? -11.484 4.381   9.438   1.00 24.45 ? 34  LEU A CG  1 
ATOM   218 C  CD1 . LEU A 1 34 ? -11.331 2.865   9.556   1.00 21.98 ? 34  LEU A CD1 1 
ATOM   219 C  CD2 . LEU A 1 34 ? -11.456 5.033   10.804  1.00 23.67 ? 34  LEU A CD2 1 
ATOM   220 N  N   . ALA A 1 35 ? -8.073  6.970   7.903   1.00 20.04 ? 35  ALA A N   1 
ATOM   221 C  CA  . ALA A 1 35 ? -6.823  7.190   7.176   1.00 20.35 ? 35  ALA A CA  1 
ATOM   222 C  C   . ALA A 1 35 ? -5.839  6.196   7.769   1.00 21.61 ? 35  ALA A C   1 
ATOM   223 O  O   . ALA A 1 35 ? -5.603  6.200   8.971   1.00 22.18 ? 35  ALA A O   1 
ATOM   224 C  CB  . ALA A 1 35 ? -6.300  8.633   7.364   1.00 18.86 ? 35  ALA A CB  1 
ATOM   225 N  N   . TYR A 1 36 ? -5.282  5.331   6.934   1.00 22.74 ? 36  TYR A N   1 
ATOM   226 C  CA  . TYR A 1 36 ? -4.321  4.354   7.415   1.00 19.41 ? 36  TYR A CA  1 
ATOM   227 C  C   . TYR A 1 36 ? -2.923  4.963   7.289   1.00 15.69 ? 36  TYR A C   1 
ATOM   228 O  O   . TYR A 1 36 ? -2.543  5.447   6.223   1.00 14.80 ? 36  TYR A O   1 
ATOM   229 C  CB  . TYR A 1 36 ? -4.426  3.070   6.589   1.00 18.54 ? 36  TYR A CB  1 
ATOM   230 C  CG  . TYR A 1 36 ? -5.808  2.458   6.598   1.00 14.61 ? 36  TYR A CG  1 
ATOM   231 C  CD1 . TYR A 1 36 ? -6.329  1.878   7.757   1.00 12.80 ? 36  TYR A CD1 1 
ATOM   232 C  CD2 . TYR A 1 36 ? -6.604  2.475   5.451   1.00 19.42 ? 36  TYR A CD2 1 
ATOM   233 C  CE1 . TYR A 1 36 ? -7.622  1.313   7.766   1.00 18.79 ? 36  TYR A CE1 1 
ATOM   234 C  CE2 . TYR A 1 36 ? -7.890  1.922   5.446   1.00 27.48 ? 36  TYR A CE2 1 
ATOM   235 C  CZ  . TYR A 1 36 ? -8.392  1.343   6.605   1.00 28.39 ? 36  TYR A CZ  1 
ATOM   236 O  OH  . TYR A 1 36 ? -9.656  0.791   6.590   1.00 30.42 ? 36  TYR A OH  1 
ATOM   237 N  N   . PRO A 1 37 ? -2.139  4.954   8.382   1.00 17.94 ? 37  PRO A N   1 
ATOM   238 C  CA  . PRO A 1 37 ? -0.791  5.515   8.365   1.00 15.58 ? 37  PRO A CA  1 
ATOM   239 C  C   . PRO A 1 37 ? 0.216   4.659   7.616   1.00 23.82 ? 37  PRO A C   1 
ATOM   240 O  O   . PRO A 1 37 ? 0.104   3.437   7.551   1.00 24.21 ? 37  PRO A O   1 
ATOM   241 C  CB  . PRO A 1 37 ? -0.448  5.618   9.848   1.00 14.07 ? 37  PRO A CB  1 
ATOM   242 C  CG  . PRO A 1 37 ? -1.114  4.363   10.405  1.00 8.03  ? 37  PRO A CG  1 
ATOM   243 C  CD  . PRO A 1 37 ? -2.470  4.429   9.724   1.00 14.63 ? 37  PRO A CD  1 
ATOM   244 N  N   . ILE A 1 38 ? 1.193   5.324   7.026   1.00 23.60 ? 38  ILE A N   1 
ATOM   245 C  CA  . ILE A 1 38 ? 2.256   4.636   6.322   1.00 23.44 ? 38  ILE A CA  1 
ATOM   246 C  C   . ILE A 1 38 ? 3.420   4.874   7.253   1.00 28.19 ? 38  ILE A C   1 
ATOM   247 O  O   . ILE A 1 38 ? 3.836   6.011   7.466   1.00 25.55 ? 38  ILE A O   1 
ATOM   248 C  CB  . ILE A 1 38 ? 2.492   5.258   4.948   1.00 24.29 ? 38  ILE A CB  1 
ATOM   249 C  CG1 . ILE A 1 38 ? 1.246   5.035   4.086   1.00 17.88 ? 38  ILE A CG1 1 
ATOM   250 C  CG2 . ILE A 1 38 ? 3.734   4.661   4.302   1.00 22.97 ? 38  ILE A CG2 1 
ATOM   251 C  CD1 . ILE A 1 38 ? 1.278   5.725   2.745   1.00 18.90 ? 38  ILE A CD1 1 
ATOM   252 N  N   . ARG A 1 39 ? 3.917   3.794   7.838   1.00 28.26 ? 39  ARG A N   1 
ATOM   253 C  CA  . ARG A 1 39 ? 5.010   3.892   8.792   1.00 32.57 ? 39  ARG A CA  1 
ATOM   254 C  C   . ARG A 1 39 ? 6.288   3.211   8.331   1.00 30.47 ? 39  ARG A C   1 
ATOM   255 O  O   . ARG A 1 39 ? 6.337   1.989   8.195   1.00 34.90 ? 39  ARG A O   1 
ATOM   256 C  CB  . ARG A 1 39 ? 4.544   3.302   10.119  1.00 29.75 ? 39  ARG A CB  1 
ATOM   257 C  CG  . ARG A 1 39 ? 3.415   4.105   10.748  1.00 19.33 ? 39  ARG A CG  1 
ATOM   258 C  CD  . ARG A 1 39 ? 2.746   3.355   11.875  1.00 26.01 ? 39  ARG A CD  1 
ATOM   259 N  NE  . ARG A 1 39 ? 1.812   4.212   12.594  1.00 23.18 ? 39  ARG A NE  1 
ATOM   260 C  CZ  . ARG A 1 39 ? 0.930   3.772   13.485  1.00 19.39 ? 39  ARG A CZ  1 
ATOM   261 N  NH1 . ARG A 1 39 ? 0.860   2.477   13.767  1.00 17.02 ? 39  ARG A NH1 1 
ATOM   262 N  NH2 . ARG A 1 39 ? 0.104   4.625   14.078  1.00 17.98 ? 39  ARG A NH2 1 
ATOM   263 N  N   . ASP A 1 40 ? 7.324   4.010   8.106   1.00 32.26 ? 40  ASP A N   1 
ATOM   264 C  CA  . ASP A 1 40 ? 8.609   3.494   7.654   1.00 36.54 ? 40  ASP A CA  1 
ATOM   265 C  C   . ASP A 1 40 ? 8.407   2.571   6.453   1.00 33.65 ? 40  ASP A C   1 
ATOM   266 O  O   . ASP A 1 40 ? 8.862   1.430   6.435   1.00 34.49 ? 40  ASP A O   1 
ATOM   267 C  CB  . ASP A 1 40 ? 9.306   2.755   8.797   1.00 39.52 ? 40  ASP A CB  1 
ATOM   268 C  CG  . ASP A 1 40 ? 10.797  2.618   8.574   1.00 47.35 ? 40  ASP A CG  1 
ATOM   269 O  OD1 . ASP A 1 40 ? 11.344  3.363   7.733   1.00 49.33 ? 40  ASP A OD1 1 
ATOM   270 O  OD2 . ASP A 1 40 ? 11.423  1.779   9.252   1.00 58.70 ? 40  ASP A OD2 1 
ATOM   271 N  N   . GLY A 1 41 ? 7.695   3.089   5.458   1.00 28.68 ? 41  GLY A N   1 
ATOM   272 C  CA  . GLY A 1 41 ? 7.432   2.343   4.239   1.00 30.22 ? 41  GLY A CA  1 
ATOM   273 C  C   . GLY A 1 41 ? 6.389   1.243   4.302   1.00 24.00 ? 41  GLY A C   1 
ATOM   274 O  O   . GLY A 1 41 ? 6.228   0.498   3.336   1.00 29.91 ? 41  GLY A O   1 
ATOM   275 N  N   . ILE A 1 42 ? 5.666   1.134   5.411   1.00 24.54 ? 42  ILE A N   1 
ATOM   276 C  CA  . ILE A 1 42 ? 4.641   0.097   5.526   1.00 23.40 ? 42  ILE A CA  1 
ATOM   277 C  C   . ILE A 1 42 ? 3.265   0.706   5.770   1.00 21.71 ? 42  ILE A C   1 
ATOM   278 O  O   . ILE A 1 42 ? 3.084   1.473   6.711   1.00 24.28 ? 42  ILE A O   1 
ATOM   279 C  CB  . ILE A 1 42 ? 4.963   -0.879  6.686   1.00 26.57 ? 42  ILE A CB  1 
ATOM   280 C  CG1 . ILE A 1 42 ? 6.350   -1.502  6.486   1.00 23.38 ? 42  ILE A CG1 1 
ATOM   281 C  CG2 . ILE A 1 42 ? 3.904   -1.975  6.755   1.00 27.91 ? 42  ILE A CG2 1 
ATOM   282 C  CD1 . ILE A 1 42 ? 6.470   -2.337  5.235   1.00 27.84 ? 42  ILE A CD1 1 
ATOM   283 N  N   . PRO A 1 43 ? 2.276   0.391   4.912   1.00 21.41 ? 43  PRO A N   1 
ATOM   284 C  CA  . PRO A 1 43 ? 0.939   0.947   5.122   1.00 21.65 ? 43  PRO A CA  1 
ATOM   285 C  C   . PRO A 1 43 ? 0.232   0.099   6.182   1.00 25.92 ? 43  PRO A C   1 
ATOM   286 O  O   . PRO A 1 43 ? -0.197  -1.015  5.897   1.00 24.21 ? 43  PRO A O   1 
ATOM   287 C  CB  . PRO A 1 43 ? 0.295   0.823   3.741   1.00 15.20 ? 43  PRO A CB  1 
ATOM   288 C  CG  . PRO A 1 43 ? 0.905   -0.440  3.211   1.00 28.18 ? 43  PRO A CG  1 
ATOM   289 C  CD  . PRO A 1 43 ? 2.358   -0.333  3.631   1.00 18.28 ? 43  PRO A CD  1 
ATOM   290 N  N   . VAL A 1 44 ? 0.126   0.610   7.408   1.00 23.63 ? 44  VAL A N   1 
ATOM   291 C  CA  . VAL A 1 44 ? -0.527  -0.147  8.476   1.00 22.09 ? 44  VAL A CA  1 
ATOM   292 C  C   . VAL A 1 44 ? -2.027  0.049   8.368   1.00 25.41 ? 44  VAL A C   1 
ATOM   293 O  O   . VAL A 1 44 ? -2.598  1.017   8.878   1.00 22.79 ? 44  VAL A O   1 
ATOM   294 C  CB  . VAL A 1 44 ? -0.032  0.289   9.869   1.00 22.15 ? 44  VAL A CB  1 
ATOM   295 C  CG1 . VAL A 1 44 ? -0.701  -0.565  10.946  1.00 17.61 ? 44  VAL A CG1 1 
ATOM   296 C  CG2 . VAL A 1 44 ? 1.483   0.136   9.948   1.00 15.11 ? 44  VAL A CG2 1 
HETATM 297 N  N   . MSE A 1 45 ? -2.664  -0.901  7.702   1.00 25.48 ? 45  MSE A N   1 
HETATM 298 C  CA  . MSE A 1 45 ? -4.089  -0.815  7.481   1.00 27.54 ? 45  MSE A CA  1 
HETATM 299 C  C   . MSE A 1 45 ? -5.012  -1.612  8.392   1.00 24.96 ? 45  MSE A C   1 
HETATM 300 O  O   . MSE A 1 45 ? -5.671  -2.581  7.997   1.00 24.99 ? 45  MSE A O   1 
HETATM 301 C  CB  . MSE A 1 45 ? -4.341  -1.120  6.022   1.00 31.41 ? 45  MSE A CB  1 
HETATM 302 C  CG  . MSE A 1 45 ? -3.672  -0.065  5.161   1.00 26.83 ? 45  MSE A CG  1 
HETATM 303 SE SE  . MSE A 1 45 ? -3.771  -0.525  3.357   1.00 65.11 ? 45  MSE A SE  1 
HETATM 304 C  CE  . MSE A 1 45 ? -5.588  0.022   3.110   1.00 43.67 ? 45  MSE A CE  1 
ATOM   305 N  N   . LEU A 1 46 ? -5.054  -1.160  9.632   1.00 22.46 ? 46  LEU A N   1 
ATOM   306 C  CA  . LEU A 1 46 ? -5.901  -1.747  10.654  1.00 26.27 ? 46  LEU A CA  1 
ATOM   307 C  C   . LEU A 1 46 ? -6.676  -0.563  11.226  1.00 22.36 ? 46  LEU A C   1 
ATOM   308 O  O   . LEU A 1 46 ? -6.125  0.527   11.388  1.00 24.06 ? 46  LEU A O   1 
ATOM   309 C  CB  . LEU A 1 46 ? -5.046  -2.396  11.743  1.00 27.49 ? 46  LEU A CB  1 
ATOM   310 C  CG  . LEU A 1 46 ? -4.172  -3.608  11.391  1.00 28.73 ? 46  LEU A CG  1 
ATOM   311 C  CD1 . LEU A 1 46 ? -3.052  -3.736  12.419  1.00 29.49 ? 46  LEU A CD1 1 
ATOM   312 C  CD2 . LEU A 1 46 ? -5.008  -4.885  11.352  1.00 32.01 ? 46  LEU A CD2 1 
ATOM   313 N  N   . GLU A 1 47 ? -7.954  -0.769  11.516  1.00 26.85 ? 47  GLU A N   1 
ATOM   314 C  CA  . GLU A 1 47 ? -8.780  0.301   12.057  1.00 30.25 ? 47  GLU A CA  1 
ATOM   315 C  C   . GLU A 1 47 ? -8.201  0.778   13.380  1.00 28.63 ? 47  GLU A C   1 
ATOM   316 O  O   . GLU A 1 47 ? -8.196  1.974   13.682  1.00 31.28 ? 47  GLU A O   1 
ATOM   317 C  CB  . GLU A 1 47 ? -10.208 -0.197  12.259  1.00 30.00 ? 47  GLU A CB  1 
ATOM   318 C  CG  . GLU A 1 47 ? -11.188 0.894   12.644  1.00 35.46 ? 47  GLU A CG  1 
ATOM   319 C  CD  . GLU A 1 47 ? -12.605 0.379   12.712  1.00 47.52 ? 47  GLU A CD  1 
ATOM   320 O  OE1 . GLU A 1 47 ? -12.776 -0.826  12.997  1.00 40.81 ? 47  GLU A OE1 1 
ATOM   321 O  OE2 . GLU A 1 47 ? -13.546 1.172   12.492  1.00 52.47 ? 47  GLU A OE2 1 
ATOM   322 N  N   . SER A 1 48 ? -7.705  -0.169  14.163  1.00 31.06 ? 48  SER A N   1 
ATOM   323 C  CA  . SER A 1 48 ? -7.122  0.147   15.457  1.00 32.71 ? 48  SER A CA  1 
ATOM   324 C  C   . SER A 1 48 ? -5.919  1.088   15.352  1.00 30.68 ? 48  SER A C   1 
ATOM   325 O  O   . SER A 1 48 ? -5.547  1.719   16.340  1.00 31.86 ? 48  SER A O   1 
ATOM   326 C  CB  . SER A 1 48 ? -6.692  -1.145  16.157  1.00 35.70 ? 48  SER A CB  1 
ATOM   327 O  OG  . SER A 1 48 ? -5.787  -1.856  15.333  1.00 36.29 ? 48  SER A OG  1 
ATOM   328 N  N   . GLU A 1 49 ? -5.314  1.184   14.170  1.00 30.83 ? 49  GLU A N   1 
ATOM   329 C  CA  . GLU A 1 49 ? -4.141  2.042   13.989  1.00 25.65 ? 49  GLU A CA  1 
ATOM   330 C  C   . GLU A 1 49 ? -4.391  3.286   13.160  1.00 25.21 ? 49  GLU A C   1 
ATOM   331 O  O   . GLU A 1 49 ? -3.494  4.132   13.013  1.00 25.98 ? 49  GLU A O   1 
ATOM   332 C  CB  . GLU A 1 49 ? -3.007  1.256   13.313  1.00 24.71 ? 49  GLU A CB  1 
ATOM   333 C  CG  . GLU A 1 49 ? -2.484  0.062   14.093  1.00 19.86 ? 49  GLU A CG  1 
ATOM   334 C  CD  . GLU A 1 49 ? -1.862  0.440   15.417  1.00 22.72 ? 49  GLU A CD  1 
ATOM   335 O  OE1 . GLU A 1 49 ? -1.026  1.372   15.450  1.00 26.58 ? 49  GLU A OE1 1 
ATOM   336 O  OE2 . GLU A 1 49 ? -2.201  -0.207  16.432  1.00 40.50 ? 49  GLU A OE2 1 
ATOM   337 N  N   . ALA A 1 50 ? -5.602  3.385   12.624  1.00 24.70 ? 50  ALA A N   1 
ATOM   338 C  CA  . ALA A 1 50 ? -6.002  4.488   11.761  1.00 21.83 ? 50  ALA A CA  1 
ATOM   339 C  C   . ALA A 1 50 ? -6.480  5.757   12.456  1.00 24.45 ? 50  ALA A C   1 
ATOM   340 O  O   . ALA A 1 50 ? -6.836  5.755   13.633  1.00 28.98 ? 50  ALA A O   1 
ATOM   341 C  CB  . ALA A 1 50 ? -7.095  4.010   10.813  1.00 17.66 ? 50  ALA A CB  1 
ATOM   342 N  N   . ARG A 1 51 ? -6.486  6.842   11.688  1.00 21.58 ? 51  ARG A N   1 
ATOM   343 C  CA  . ARG A 1 51 ? -6.947  8.133   12.160  1.00 18.88 ? 51  ARG A CA  1 
ATOM   344 C  C   . ARG A 1 51 ? -8.324  8.304   11.530  1.00 19.74 ? 51  ARG A C   1 
ATOM   345 O  O   . ARG A 1 51 ? -8.502  8.047   10.342  1.00 24.78 ? 51  ARG A O   1 
ATOM   346 C  CB  . ARG A 1 51 ? -6.026  9.255   11.669  1.00 14.32 ? 51  ARG A CB  1 
ATOM   347 C  CG  . ARG A 1 51 ? -6.580  10.651  11.926  1.00 18.96 ? 51  ARG A CG  1 
ATOM   348 C  CD  . ARG A 1 51 ? -5.589  11.712  11.483  1.00 30.01 ? 51  ARG A CD  1 
ATOM   349 N  NE  . ARG A 1 51 ? -5.392  11.723  10.034  1.00 32.32 ? 51  ARG A NE  1 
ATOM   350 C  CZ  . ARG A 1 51 ? -6.306  12.147  9.167   1.00 36.50 ? 51  ARG A CZ  1 
ATOM   351 N  NH1 . ARG A 1 51 ? -7.478  12.591  9.610   1.00 25.55 ? 51  ARG A NH1 1 
ATOM   352 N  NH2 . ARG A 1 51 ? -6.042  12.149  7.863   1.00 21.33 ? 51  ARG A NH2 1 
ATOM   353 N  N   . THR A 1 52 ? -9.309  8.705   12.319  1.00 25.51 ? 52  THR A N   1 
ATOM   354 C  CA  . THR A 1 52 ? -10.640 8.898   11.760  1.00 27.03 ? 52  THR A CA  1 
ATOM   355 C  C   . THR A 1 52 ? -10.619 10.262  11.073  1.00 25.79 ? 52  THR A C   1 
ATOM   356 O  O   . THR A 1 52 ? -10.072 11.232  11.610  1.00 28.61 ? 52  THR A O   1 
ATOM   357 C  CB  . THR A 1 52 ? -11.745 8.805   12.859  1.00 28.10 ? 52  THR A CB  1 
ATOM   358 O  OG1 . THR A 1 52 ? -12.147 10.111  13.289  1.00 39.07 ? 52  THR A OG1 1 
ATOM   359 C  CG2 . THR A 1 52 ? -11.222 8.012   14.057  1.00 20.24 ? 52  THR A CG2 1 
ATOM   360 N  N   . LEU A 1 53 ? -11.181 10.310  9.868   1.00 24.72 ? 53  LEU A N   1 
ATOM   361 C  CA  . LEU A 1 53 ? -11.219 11.527  9.063   1.00 24.86 ? 53  LEU A CA  1 
ATOM   362 C  C   . LEU A 1 53 ? -12.009 12.631  9.752   1.00 28.00 ? 53  LEU A C   1 
ATOM   363 O  O   . LEU A 1 53 ? -13.000 12.370  10.438  1.00 26.74 ? 53  LEU A O   1 
ATOM   364 C  CB  . LEU A 1 53 ? -11.824 11.223  7.689   1.00 20.92 ? 53  LEU A CB  1 
ATOM   365 C  CG  . LEU A 1 53 ? -11.118 10.125  6.883   1.00 20.34 ? 53  LEU A CG  1 
ATOM   366 C  CD1 . LEU A 1 53 ? -11.822 9.949   5.535   1.00 18.07 ? 53  LEU A CD1 1 
ATOM   367 C  CD2 . LEU A 1 53 ? -9.653  10.491  6.678   1.00 14.43 ? 53  LEU A CD2 1 
ATOM   368 N  N   . THR A 1 54 ? -11.558 13.870  9.585   1.00 27.92 ? 54  THR A N   1 
ATOM   369 C  CA  . THR A 1 54 ? -12.254 14.992  10.198  1.00 26.55 ? 54  THR A CA  1 
ATOM   370 C  C   . THR A 1 54 ? -13.542 15.284  9.461   1.00 29.07 ? 54  THR A C   1 
ATOM   371 O  O   . THR A 1 54 ? -13.842 14.686  8.423   1.00 24.67 ? 54  THR A O   1 
ATOM   372 C  CB  . THR A 1 54 ? -11.414 16.290  10.198  1.00 24.01 ? 54  THR A CB  1 
ATOM   373 O  OG1 . THR A 1 54 ? -11.063 16.641  8.853   1.00 26.16 ? 54  THR A OG1 1 
ATOM   374 C  CG2 . THR A 1 54 ? -10.159 16.111  11.039  1.00 26.69 ? 54  THR A CG2 1 
ATOM   375 N  N   . THR A 1 55 ? -14.308 16.214  10.009  1.00 29.99 ? 55  THR A N   1 
ATOM   376 C  CA  . THR A 1 55 ? -15.566 16.596  9.402   1.00 28.90 ? 55  THR A CA  1 
ATOM   377 C  C   . THR A 1 55 ? -15.301 17.147  8.014   1.00 25.32 ? 55  THR A C   1 
ATOM   378 O  O   . THR A 1 55 ? -15.984 16.787  7.049   1.00 24.85 ? 55  THR A O   1 
ATOM   379 C  CB  . THR A 1 55 ? -16.269 17.663  10.248  1.00 25.91 ? 55  THR A CB  1 
ATOM   380 O  OG1 . THR A 1 55 ? -16.489 17.140  11.561  1.00 31.04 ? 55  THR A OG1 1 
ATOM   381 C  CG2 . THR A 1 55 ? -17.598 18.053  9.629   1.00 24.25 ? 55  THR A CG2 1 
ATOM   382 N  N   . GLU A 1 56 ? -14.295 18.010  7.912   1.00 27.07 ? 56  GLU A N   1 
ATOM   383 C  CA  . GLU A 1 56 ? -13.948 18.627  6.640   1.00 26.49 ? 56  GLU A CA  1 
ATOM   384 C  C   . GLU A 1 56 ? -13.473 17.612  5.601   1.00 31.62 ? 56  GLU A C   1 
ATOM   385 O  O   . GLU A 1 56 ? -13.798 17.730  4.420   1.00 36.46 ? 56  GLU A O   1 
ATOM   386 C  CB  . GLU A 1 56 ? -12.893 19.712  6.857   1.00 29.29 ? 56  GLU A CB  1 
ATOM   387 N  N   . GLU A 1 57 ? -12.715 16.608  6.028   1.00 37.00 ? 57  GLU A N   1 
ATOM   388 C  CA  . GLU A 1 57 ? -12.240 15.601  5.081   1.00 32.70 ? 57  GLU A CA  1 
ATOM   389 C  C   . GLU A 1 57 ? -13.388 14.744  4.534   1.00 31.43 ? 57  GLU A C   1 
ATOM   390 O  O   . GLU A 1 57 ? -13.372 14.344  3.371   1.00 28.80 ? 57  GLU A O   1 
ATOM   391 C  CB  . GLU A 1 57 ? -11.203 14.687  5.745   1.00 31.15 ? 57  GLU A CB  1 
ATOM   392 C  CG  . GLU A 1 57 ? -9.967  15.408  6.249   1.00 30.38 ? 57  GLU A CG  1 
ATOM   393 C  CD  . GLU A 1 57 ? -8.968  14.467  6.890   1.00 25.95 ? 57  GLU A CD  1 
ATOM   394 O  OE1 . GLU A 1 57 ? -7.989  14.070  6.217   1.00 28.69 ? 57  GLU A OE1 1 
ATOM   395 O  OE2 . GLU A 1 57 ? -9.175  14.113  8.071   1.00 34.61 ? 57  GLU A OE2 1 
ATOM   396 N  N   . ARG A 1 58 ? -14.386 14.482  5.375   1.00 24.89 ? 58  ARG A N   1 
ATOM   397 C  CA  . ARG A 1 58 ? -15.527 13.640  5.004   1.00 26.99 ? 58  ARG A CA  1 
ATOM   398 C  C   . ARG A 1 58 ? -16.560 14.305  4.103   1.00 29.80 ? 58  ARG A C   1 
ATOM   399 O  O   . ARG A 1 58 ? -17.356 13.628  3.442   1.00 28.10 ? 58  ARG A O   1 
ATOM   400 C  CB  . ARG A 1 58 ? -16.175 13.108  6.278   1.00 27.85 ? 58  ARG A CB  1 
ATOM   401 C  CG  . ARG A 1 58 ? -15.163 12.357  7.117   1.00 21.13 ? 58  ARG A CG  1 
ATOM   402 C  CD  . ARG A 1 58 ? -15.572 12.219  8.566   1.00 32.32 ? 58  ARG A CD  1 
ATOM   403 N  NE  . ARG A 1 58 ? -16.597 11.203  8.732   1.00 39.65 ? 58  ARG A NE  1 
ATOM   404 C  CZ  . ARG A 1 58 ? -16.551 10.260  9.662   1.00 28.33 ? 58  ARG A CZ  1 
ATOM   405 N  NH1 . ARG A 1 58 ? -15.530 10.210  10.510  1.00 28.22 ? 58  ARG A NH1 1 
ATOM   406 N  NH2 . ARG A 1 58 ? -17.509 9.354   9.730   1.00 23.29 ? 58  ARG A NH2 1 
ATOM   407 N  N   . LEU A 1 59 ? -16.539 15.630  4.072   1.00 33.08 ? 59  LEU A N   1 
ATOM   408 C  CA  . LEU A 1 59 ? -17.447 16.383  3.225   1.00 33.83 ? 59  LEU A CA  1 
ATOM   409 C  C   . LEU A 1 59 ? -16.973 16.211  1.794   1.00 37.94 ? 59  LEU A C   1 
ATOM   410 O  O   . LEU A 1 59 ? -15.830 15.818  1.565   1.00 37.68 ? 59  LEU A O   1 
ATOM   411 C  CB  . LEU A 1 59 ? -17.407 17.865  3.597   1.00 33.60 ? 59  LEU A CB  1 
ATOM   412 C  CG  . LEU A 1 59 ? -18.045 18.202  4.940   1.00 39.88 ? 59  LEU A CG  1 
ATOM   413 C  CD1 . LEU A 1 59 ? -17.814 19.663  5.287   1.00 30.65 ? 59  LEU A CD1 1 
ATOM   414 C  CD2 . LEU A 1 59 ? -19.527 17.892  4.849   1.00 48.09 ? 59  LEU A CD2 1 
ATOM   415 N  N   . ASP A 1 60 ? -17.853 16.503  0.842   1.00 43.28 ? 60  ASP A N   1 
ATOM   416 C  CA  . ASP A 1 60 ? -17.527 16.398  -0.572  1.00 46.08 ? 60  ASP A CA  1 
ATOM   417 C  C   . ASP A 1 60 ? -16.679 17.585  -0.980  1.00 49.32 ? 60  ASP A C   1 
ATOM   418 O  O   . ASP A 1 60 ? -16.963 18.714  -0.594  1.00 52.37 ? 60  ASP A O   1 
ATOM   419 C  CB  . ASP A 1 60 ? -18.800 16.377  -1.424  1.00 47.07 ? 60  ASP A CB  1 
ATOM   420 C  CG  . ASP A 1 60 ? -19.194 14.984  -1.856  1.00 49.90 ? 60  ASP A CG  1 
ATOM   421 O  OD1 . ASP A 1 60 ? -18.323 14.252  -2.370  1.00 56.59 ? 60  ASP A OD1 1 
ATOM   422 O  OD2 . ASP A 1 60 ? -20.382 14.630  -1.700  1.00 52.59 ? 60  ASP A OD2 1 
ATOM   423 N  N   . LYS A 1 61 ? -15.632 17.323  -1.756  1.00 52.14 ? 61  LYS A N   1 
ATOM   424 C  CA  . LYS A 1 61 ? -14.748 18.386  -2.226  1.00 55.50 ? 61  LYS A CA  1 
ATOM   425 C  C   . LYS A 1 61 ? -15.508 19.374  -3.123  1.00 58.97 ? 61  LYS A C   1 
ATOM   426 O  O   . LYS A 1 61 ? -15.975 19.008  -4.204  1.00 60.09 ? 61  LYS A O   1 
ATOM   427 C  CB  . LYS A 1 61 ? -13.572 17.785  -2.988  1.00 54.93 ? 61  LYS A CB  1 
ATOM   428 N  N   . LEU A 1 62 ? -15.615 20.623  -2.675  1.00 60.73 ? 62  LEU A N   1 
ATOM   429 C  CA  . LEU A 1 62 ? -16.314 21.663  -3.427  1.00 64.41 ? 62  LEU A CA  1 
ATOM   430 C  C   . LEU A 1 62 ? -15.368 22.407  -4.378  1.00 67.78 ? 62  LEU A C   1 
ATOM   431 O  O   . LEU A 1 62 ? -14.542 23.196  -3.925  1.00 71.45 ? 62  LEU A O   1 
ATOM   432 C  CB  . LEU A 1 62 ? -16.952 22.647  -2.452  1.00 62.85 ? 62  LEU A CB  1 
ATOM   433 N  N   . GLU A 1 63 ? -15.499 22.151  -5.675  1.00 70.92 ? 63  GLU A N   1 
ATOM   434 C  CA  . GLU A 1 63 ? -14.680 22.825  -6.676  1.00 72.21 ? 63  GLU A CA  1 
ATOM   435 C  C   . GLU A 1 63 ? -15.083 24.288  -6.824  1.00 71.68 ? 63  GLU A C   1 
ATOM   436 O  O   . GLU A 1 63 ? -14.340 25.189  -6.433  1.00 70.32 ? 63  GLU A O   1 
ATOM   437 C  CB  . GLU A 1 63 ? -14.787 22.112  -8.025  1.00 66.88 ? 63  GLU A CB  1 
ATOM   438 C  CG  . GLU A 1 63 ? -13.618 22.376  -8.961  1.00 73.13 ? 63  GLU A CG  1 
ATOM   439 C  CD  . GLU A 1 63 ? -13.994 22.218  -10.421 1.00 69.53 ? 63  GLU A CD  1 
ATOM   440 O  OE1 . GLU A 1 63 ? -14.891 22.950  -10.888 1.00 48.18 ? 63  GLU A OE1 1 
ATOM   441 O  OE2 . GLU A 1 63 ? -13.392 21.361  -11.102 1.00 66.87 ? 63  GLU A OE2 1 
ATOM   442 N  N   . HIS A 1 64 ? -16.263 24.518  -7.390  1.00 72.67 ? 64  HIS A N   1 
ATOM   443 C  CA  . HIS A 1 64 ? -16.732 25.872  -7.661  1.00 66.28 ? 64  HIS A CA  1 
ATOM   444 C  C   . HIS A 1 64 ? -17.469 26.451  -6.458  1.00 65.71 ? 64  HIS A C   1 
ATOM   445 O  O   . HIS A 1 64 ? -17.612 25.792  -5.428  1.00 72.18 ? 64  HIS A O   1 
ATOM   446 C  CB  . HIS A 1 64 ? -17.642 25.887  -8.892  1.00 66.90 ? 64  HIS A CB  1 
ATOM   447 C  CG  . HIS A 1 64 ? -18.151 24.535  -9.283  1.00 59.66 ? 64  HIS A CG  1 
ATOM   448 N  ND1 . HIS A 1 64 ? -18.788 23.694  -8.397  1.00 50.27 ? 64  HIS A ND1 1 
ATOM   449 C  CD2 . HIS A 1 64 ? -18.118 23.879  -10.467 1.00 59.04 ? 64  HIS A CD2 1 
ATOM   450 C  CE1 . HIS A 1 64 ? -19.125 22.577  -9.016  1.00 53.96 ? 64  HIS A CE1 1 
ATOM   451 N  NE2 . HIS A 1 64 ? -18.731 22.664  -10.274 1.00 49.38 ? 64  HIS A NE2 1 
ATOM   452 N  N   . HIS A 1 65 ? -17.933 27.689  -6.595  1.00 59.82 ? 65  HIS A N   1 
ATOM   453 C  CA  . HIS A 1 65 ? -17.962 28.625  -5.478  1.00 57.16 ? 65  HIS A CA  1 
ATOM   454 C  C   . HIS A 1 65 ? -18.933 28.165  -4.396  1.00 58.94 ? 65  HIS A C   1 
ATOM   455 O  O   . HIS A 1 65 ? -18.632 28.239  -3.205  1.00 57.45 ? 65  HIS A O   1 
ATOM   456 C  CB  . HIS A 1 65 ? -18.340 30.026  -5.962  1.00 50.59 ? 65  HIS A CB  1 
ATOM   457 C  CG  . HIS A 1 65 ? -17.259 30.711  -6.738  1.00 39.74 ? 65  HIS A CG  1 
ATOM   458 N  ND1 . HIS A 1 65 ? -17.334 32.036  -7.111  1.00 37.26 ? 65  HIS A ND1 1 
ATOM   459 C  CD2 . HIS A 1 65 ? -16.074 30.254  -7.209  1.00 40.53 ? 65  HIS A CD2 1 
ATOM   460 C  CE1 . HIS A 1 65 ? -16.244 32.366  -7.780  1.00 37.94 ? 65  HIS A CE1 1 
ATOM   461 N  NE2 . HIS A 1 65 ? -15.463 31.302  -7.854  1.00 39.33 ? 65  HIS A NE2 1 
ATOM   462 N  N   . HIS A 1 66 ? -20.099 27.687  -4.819  1.00 64.30 ? 66  HIS A N   1 
ATOM   463 C  CA  . HIS A 1 66 ? -21.177 27.365  -3.891  1.00 62.77 ? 66  HIS A CA  1 
ATOM   464 C  C   . HIS A 1 66 ? -21.540 25.886  -3.961  1.00 63.60 ? 66  HIS A C   1 
ATOM   465 O  O   . HIS A 1 66 ? -22.627 25.524  -4.415  1.00 65.12 ? 66  HIS A O   1 
ATOM   466 C  CB  . HIS A 1 66 ? -22.396 28.227  -4.176  1.00 59.45 ? 66  HIS A CB  1 
ATOM   467 N  N   . THR B 1 3  ? 4.106   11.820  -7.047  1.00 30.48 ? 3   THR B N   1 
ATOM   468 C  CA  . THR B 1 3  ? 4.515   10.769  -6.067  1.00 28.37 ? 3   THR B CA  1 
ATOM   469 C  C   . THR B 1 3  ? 3.524   9.612   -6.105  1.00 34.18 ? 3   THR B C   1 
ATOM   470 O  O   . THR B 1 3  ? 2.317   9.821   -5.982  1.00 32.52 ? 3   THR B O   1 
ATOM   471 C  CB  . THR B 1 3  ? 4.574   11.365  -4.663  1.00 32.84 ? 3   THR B CB  1 
ATOM   472 N  N   . LYS B 1 4  ? 4.027   8.394   -6.287  1.00 31.84 ? 4   LYS B N   1 
ATOM   473 C  CA  . LYS B 1 4  ? 3.153   7.227   -6.328  1.00 32.70 ? 4   LYS B CA  1 
ATOM   474 C  C   . LYS B 1 4  ? 3.410   6.325   -5.125  1.00 29.79 ? 4   LYS B C   1 
ATOM   475 O  O   . LYS B 1 4  ? 4.504   6.321   -4.556  1.00 26.39 ? 4   LYS B O   1 
ATOM   476 C  CB  . LYS B 1 4  ? 3.344   6.461   -7.640  1.00 36.71 ? 4   LYS B CB  1 
ATOM   477 C  CG  . LYS B 1 4  ? 4.733   6.582   -8.254  1.00 44.26 ? 4   LYS B CG  1 
ATOM   478 C  CD  . LYS B 1 4  ? 4.823   5.828   -9.571  1.00 48.79 ? 4   LYS B CD  1 
ATOM   479 C  CE  . LYS B 1 4  ? 6.273   5.665   -10.012 1.00 60.56 ? 4   LYS B CE  1 
ATOM   480 N  NZ  . LYS B 1 4  ? 6.639   6.517   -11.176 1.00 55.23 ? 4   LYS B NZ  1 
ATOM   481 N  N   . LEU B 1 5  ? 2.401   5.561   -4.728  1.00 25.97 ? 5   LEU B N   1 
ATOM   482 C  CA  . LEU B 1 5  ? 2.559   4.703   -3.568  1.00 24.80 ? 5   LEU B CA  1 
ATOM   483 C  C   . LEU B 1 5  ? 3.817   3.839   -3.606  1.00 29.18 ? 5   LEU B C   1 
ATOM   484 O  O   . LEU B 1 5  ? 4.604   3.848   -2.658  1.00 27.89 ? 5   LEU B O   1 
ATOM   485 C  CB  . LEU B 1 5  ? 1.328   3.815   -3.385  1.00 23.30 ? 5   LEU B CB  1 
ATOM   486 C  CG  . LEU B 1 5  ? 1.369   3.014   -2.076  1.00 17.62 ? 5   LEU B CG  1 
ATOM   487 C  CD1 . LEU B 1 5  ? 1.583   3.947   -0.906  1.00 15.60 ? 5   LEU B CD1 1 
ATOM   488 C  CD2 . LEU B 1 5  ? 0.072   2.246   -1.907  1.00 20.48 ? 5   LEU B CD2 1 
ATOM   489 N  N   . LEU B 1 6  ? 4.017   3.111   -4.702  1.00 28.45 ? 6   LEU B N   1 
ATOM   490 C  CA  . LEU B 1 6  ? 5.181   2.238   -4.827  1.00 33.56 ? 6   LEU B CA  1 
ATOM   491 C  C   . LEU B 1 6  ? 6.523   2.901   -4.500  1.00 35.13 ? 6   LEU B C   1 
ATOM   492 O  O   . LEU B 1 6  ? 7.481   2.207   -4.164  1.00 42.85 ? 6   LEU B O   1 
ATOM   493 C  CB  . LEU B 1 6  ? 5.246   1.619   -6.233  1.00 34.67 ? 6   LEU B CB  1 
ATOM   494 C  CG  . LEU B 1 6  ? 4.940   0.118   -6.346  1.00 35.72 ? 6   LEU B CG  1 
ATOM   495 C  CD1 . LEU B 1 6  ? 5.458   -0.424  -7.677  1.00 40.20 ? 6   LEU B CD1 1 
ATOM   496 C  CD2 . LEU B 1 6  ? 5.619   -0.623  -5.200  1.00 40.98 ? 6   LEU B CD2 1 
ATOM   497 N  N   . ASP B 1 7  ? 6.589   4.230   -4.585  1.00 38.62 ? 7   ASP B N   1 
ATOM   498 C  CA  . ASP B 1 7  ? 7.830   4.964   -4.298  1.00 36.24 ? 7   ASP B CA  1 
ATOM   499 C  C   . ASP B 1 7  ? 8.118   5.211   -2.821  1.00 35.14 ? 7   ASP B C   1 
ATOM   500 O  O   . ASP B 1 7  ? 9.249   5.512   -2.450  1.00 40.51 ? 7   ASP B O   1 
ATOM   501 C  CB  . ASP B 1 7  ? 7.854   6.335   -4.993  1.00 40.85 ? 7   ASP B CB  1 
ATOM   502 C  CG  . ASP B 1 7  ? 7.798   6.235   -6.500  1.00 46.29 ? 7   ASP B CG  1 
ATOM   503 O  OD1 . ASP B 1 7  ? 8.239   5.207   -7.060  1.00 44.02 ? 7   ASP B OD1 1 
ATOM   504 O  OD2 . ASP B 1 7  ? 7.325   7.206   -7.125  1.00 50.55 ? 7   ASP B OD2 1 
ATOM   505 N  N   . ILE B 1 8  ? 7.109   5.114   -1.969  1.00 31.53 ? 8   ILE B N   1 
ATOM   506 C  CA  . ILE B 1 8  ? 7.362   5.359   -0.556  1.00 27.85 ? 8   ILE B CA  1 
ATOM   507 C  C   . ILE B 1 8  ? 7.311   4.109   0.300   1.00 23.77 ? 8   ILE B C   1 
ATOM   508 O  O   . ILE B 1 8  ? 7.786   4.108   1.434   1.00 31.73 ? 8   ILE B O   1 
ATOM   509 C  CB  . ILE B 1 8  ? 6.415   6.411   0.002   1.00 24.81 ? 8   ILE B CB  1 
ATOM   510 C  CG1 . ILE B 1 8  ? 4.966   5.980   -0.207  1.00 25.93 ? 8   ILE B CG1 1 
ATOM   511 C  CG2 . ILE B 1 8  ? 6.686   7.749   -0.675  1.00 35.73 ? 8   ILE B CG2 1 
ATOM   512 C  CD1 . ILE B 1 8  ? 3.982   7.001   0.289   1.00 25.67 ? 8   ILE B CD1 1 
ATOM   513 N  N   . LEU B 1 9  ? 6.730   3.042   -0.232  1.00 18.59 ? 9   LEU B N   1 
ATOM   514 C  CA  . LEU B 1 9  ? 6.702   1.799   0.518   1.00 24.45 ? 9   LEU B CA  1 
ATOM   515 C  C   . LEU B 1 9  ? 8.136   1.274   0.412   1.00 26.42 ? 9   LEU B C   1 
ATOM   516 O  O   . LEU B 1 9  ? 8.879   1.659   -0.495  1.00 21.77 ? 9   LEU B O   1 
ATOM   517 C  CB  . LEU B 1 9  ? 5.710   0.800   -0.093  1.00 20.61 ? 9   LEU B CB  1 
ATOM   518 C  CG  . LEU B 1 9  ? 4.245   1.270   -0.129  1.00 24.69 ? 9   LEU B CG  1 
ATOM   519 C  CD1 . LEU B 1 9  ? 3.331   0.111   -0.497  1.00 26.91 ? 9   LEU B CD1 1 
ATOM   520 C  CD2 . LEU B 1 9  ? 3.853   1.814   1.230   1.00 15.53 ? 9   LEU B CD2 1 
ATOM   521 N  N   . ALA B 1 10 ? 8.537   0.433   1.351   1.00 22.84 ? 10  ALA B N   1 
ATOM   522 C  CA  . ALA B 1 10 ? 9.880   -0.123  1.334   1.00 24.78 ? 10  ALA B CA  1 
ATOM   523 C  C   . ALA B 1 10 ? 9.803   -1.500  1.953   1.00 30.87 ? 10  ALA B C   1 
ATOM   524 O  O   . ALA B 1 10 ? 8.834   -1.820  2.647   1.00 28.59 ? 10  ALA B O   1 
ATOM   525 C  CB  . ALA B 1 10 ? 10.838  0.767   2.135   1.00 22.89 ? 10  ALA B CB  1 
ATOM   526 N  N   . CYS B 1 11 ? 10.822  -2.311  1.703   1.00 27.76 ? 11  CYS B N   1 
ATOM   527 C  CA  . CYS B 1 11 ? 10.856  -3.660  2.236   1.00 26.52 ? 11  CYS B CA  1 
ATOM   528 C  C   . CYS B 1 11 ? 10.952  -3.655  3.756   1.00 27.11 ? 11  CYS B C   1 
ATOM   529 O  O   . CYS B 1 11 ? 11.778  -2.948  4.329   1.00 34.57 ? 11  CYS B O   1 
ATOM   530 C  CB  . CYS B 1 11 ? 12.046  -4.425  1.660   1.00 25.82 ? 11  CYS B CB  1 
ATOM   531 S  SG  . CYS B 1 11 ? 12.202  -6.093  2.311   1.00 30.54 ? 11  CYS B SG  1 
ATOM   532 N  N   . PRO B 1 12 ? 10.101  -4.442  4.429   1.00 32.02 ? 12  PRO B N   1 
ATOM   533 C  CA  . PRO B 1 12 ? 10.093  -4.542  5.891   1.00 34.38 ? 12  PRO B CA  1 
ATOM   534 C  C   . PRO B 1 12 ? 11.397  -5.123  6.432   1.00 39.24 ? 12  PRO B C   1 
ATOM   535 O  O   . PRO B 1 12 ? 11.855  -4.746  7.516   1.00 39.09 ? 12  PRO B O   1 
ATOM   536 C  CB  . PRO B 1 12 ? 8.883   -5.437  6.177   1.00 30.93 ? 12  PRO B CB  1 
ATOM   537 C  CG  . PRO B 1 12 ? 8.618   -6.142  4.862   1.00 27.82 ? 12  PRO B CG  1 
ATOM   538 C  CD  . PRO B 1 12 ? 8.908   -5.080  3.855   1.00 29.83 ? 12  PRO B CD  1 
ATOM   539 N  N   . ILE B 1 13 ? 11.997  -6.022  5.658   1.00 41.96 ? 13  ILE B N   1 
ATOM   540 C  CA  . ILE B 1 13 ? 13.245  -6.670  6.035   1.00 36.68 ? 13  ILE B CA  1 
ATOM   541 C  C   . ILE B 1 13 ? 14.511  -5.865  5.714   1.00 38.54 ? 13  ILE B C   1 
ATOM   542 O  O   . ILE B 1 13 ? 15.345  -5.631  6.597   1.00 38.59 ? 13  ILE B O   1 
ATOM   543 C  CB  . ILE B 1 13 ? 13.367  -8.066  5.352   1.00 37.16 ? 13  ILE B CB  1 
ATOM   544 C  CG1 . ILE B 1 13 ? 12.324  -9.031  5.937   1.00 31.76 ? 13  ILE B CG1 1 
ATOM   545 C  CG2 . ILE B 1 13 ? 14.787  -8.598  5.482   1.00 45.98 ? 13  ILE B CG2 1 
ATOM   546 C  CD1 . ILE B 1 13 ? 12.236  -9.033  7.462   1.00 38.27 ? 13  ILE B CD1 1 
ATOM   547 N  N   . CYS B 1 14 ? 14.655  -5.439  4.461   1.00 37.62 ? 14  CYS B N   1 
ATOM   548 C  CA  . CYS B 1 14 ? 15.850  -4.698  4.045   1.00 34.63 ? 14  CYS B CA  1 
ATOM   549 C  C   . CYS B 1 14 ? 15.674  -3.209  3.763   1.00 36.86 ? 14  CYS B C   1 
ATOM   550 O  O   . CYS B 1 14 ? 16.652  -2.519  3.462   1.00 36.37 ? 14  CYS B O   1 
ATOM   551 C  CB  . CYS B 1 14 ? 16.459  -5.353  2.802   1.00 36.56 ? 14  CYS B CB  1 
ATOM   552 S  SG  . CYS B 1 14 ? 15.516  -5.098  1.280   1.00 33.64 ? 14  CYS B SG  1 
ATOM   553 N  N   . LYS B 1 15 ? 14.444  -2.711  3.846   1.00 38.88 ? 15  LYS B N   1 
ATOM   554 C  CA  . LYS B 1 15 ? 14.178  -1.299  3.589   1.00 39.98 ? 15  LYS B CA  1 
ATOM   555 C  C   . LYS B 1 15 ? 14.437  -0.960  2.121   1.00 41.28 ? 15  LYS B C   1 
ATOM   556 O  O   . LYS B 1 15 ? 14.537  0.213   1.761   1.00 40.53 ? 15  LYS B O   1 
ATOM   557 C  CB  . LYS B 1 15 ? 15.061  -0.408  4.469   1.00 42.24 ? 15  LYS B CB  1 
ATOM   558 C  CG  . LYS B 1 15 ? 15.084  -0.800  5.942   1.00 50.09 ? 15  LYS B CG  1 
ATOM   559 C  CD  . LYS B 1 15 ? 13.688  -0.902  6.543   1.00 60.73 ? 15  LYS B CD  1 
ATOM   560 C  CE  . LYS B 1 15 ? 13.071  0.461   6.757   1.00 68.67 ? 15  LYS B CE  1 
ATOM   561 N  NZ  . LYS B 1 15 ? 14.029  1.373   7.426   1.00 68.26 ? 15  LYS B NZ  1 
ATOM   562 N  N   . GLY B 1 16 ? 14.547  -1.984  1.276   1.00 38.42 ? 16  GLY B N   1 
ATOM   563 C  CA  . GLY B 1 16 ? 14.788  -1.743  -0.135  1.00 38.10 ? 16  GLY B CA  1 
ATOM   564 C  C   . GLY B 1 16 ? 13.520  -1.486  -0.935  1.00 35.07 ? 16  GLY B C   1 
ATOM   565 O  O   . GLY B 1 16 ? 12.419  -1.723  -0.447  1.00 38.33 ? 16  GLY B O   1 
ATOM   566 N  N   . PRO B 1 17 ? 13.648  -0.992  -2.179  1.00 35.33 ? 17  PRO B N   1 
ATOM   567 C  CA  . PRO B 1 17 ? 12.515  -0.699  -3.063  1.00 31.40 ? 17  PRO B CA  1 
ATOM   568 C  C   . PRO B 1 17 ? 11.692  -1.958  -3.372  1.00 30.43 ? 17  PRO B C   1 
ATOM   569 O  O   . PRO B 1 17 ? 12.197  -3.075  -3.278  1.00 22.93 ? 17  PRO B O   1 
ATOM   570 C  CB  . PRO B 1 17 ? 13.191  -0.110  -4.300  1.00 33.21 ? 17  PRO B CB  1 
ATOM   571 C  CG  . PRO B 1 17 ? 14.540  -0.776  -4.307  1.00 32.92 ? 17  PRO B CG  1 
ATOM   572 C  CD  . PRO B 1 17 ? 14.930  -0.721  -2.852  1.00 35.98 ? 17  PRO B CD  1 
ATOM   573 N  N   . LEU B 1 18 ? 10.419  -1.766  -3.708  1.00 23.07 ? 18  LEU B N   1 
ATOM   574 C  CA  . LEU B 1 18 ? 9.518   -2.873  -4.030  1.00 26.15 ? 18  LEU B CA  1 
ATOM   575 C  C   . LEU B 1 18 ? 8.990   -2.656  -5.432  1.00 27.98 ? 18  LEU B C   1 
ATOM   576 O  O   . LEU B 1 18 ? 8.839   -1.519  -5.867  1.00 27.49 ? 18  LEU B O   1 
ATOM   577 C  CB  . LEU B 1 18 ? 8.335   -2.894  -3.064  1.00 27.96 ? 18  LEU B CB  1 
ATOM   578 C  CG  . LEU B 1 18 ? 8.702   -3.163  -1.605  1.00 27.43 ? 18  LEU B CG  1 
ATOM   579 C  CD1 . LEU B 1 18 ? 7.509   -2.915  -0.687  1.00 21.24 ? 18  LEU B CD1 1 
ATOM   580 C  CD2 . LEU B 1 18 ? 9.181   -4.596  -1.500  1.00 18.80 ? 18  LEU B CD2 1 
ATOM   581 N  N   . LYS B 1 19 ? 8.715   -3.742  -6.142  1.00 23.32 ? 19  LYS B N   1 
ATOM   582 C  CA  . LYS B 1 19 ? 8.177   -3.639  -7.482  1.00 25.19 ? 19  LYS B CA  1 
ATOM   583 C  C   . LYS B 1 19 ? 6.907   -4.461  -7.521  1.00 19.16 ? 19  LYS B C   1 
ATOM   584 O  O   . LYS B 1 19 ? 6.793   -5.458  -6.815  1.00 25.38 ? 19  LYS B O   1 
ATOM   585 C  CB  . LYS B 1 19 ? 9.168   -4.194  -8.519  1.00 24.05 ? 19  LYS B CB  1 
ATOM   586 C  CG  . LYS B 1 19 ? 10.263  -3.223  -8.955  1.00 27.66 ? 19  LYS B CG  1 
ATOM   587 C  CD  . LYS B 1 19 ? 11.057  -3.804  -10.123 1.00 43.51 ? 19  LYS B CD  1 
ATOM   588 C  CE  . LYS B 1 19 ? 11.600  -5.191  -9.816  1.00 60.28 ? 19  LYS B CE  1 
ATOM   589 N  NZ  . LYS B 1 19 ? 12.884  -5.158  -9.077  1.00 69.18 ? 19  LYS B NZ  1 
ATOM   590 N  N   . LEU B 1 20 ? 5.949   -4.051  -8.343  1.00 25.34 ? 20  LEU B N   1 
ATOM   591 C  CA  . LEU B 1 20 ? 4.711   -4.807  -8.456  1.00 26.19 ? 20  LEU B CA  1 
ATOM   592 C  C   . LEU B 1 20 ? 5.011   -5.985  -9.371  1.00 26.01 ? 20  LEU B C   1 
ATOM   593 O  O   . LEU B 1 20 ? 5.429   -5.781  -10.497 1.00 27.38 ? 20  LEU B O   1 
ATOM   594 C  CB  . LEU B 1 20 ? 3.607   -3.922  -9.050  1.00 30.08 ? 20  LEU B CB  1 
ATOM   595 C  CG  . LEU B 1 20 ? 2.198   -4.492  -9.262  1.00 28.72 ? 20  LEU B CG  1 
ATOM   596 C  CD1 . LEU B 1 20 ? 1.686   -5.197  -8.014  1.00 21.58 ? 20  LEU B CD1 1 
ATOM   597 C  CD2 . LEU B 1 20 ? 1.284   -3.336  -9.642  1.00 25.47 ? 20  LEU B CD2 1 
ATOM   598 N  N   . SER B 1 21 ? 4.820   -7.211  -8.876  1.00 22.38 ? 21  SER B N   1 
ATOM   599 C  CA  . SER B 1 21 ? 5.080   -8.413  -9.671  1.00 18.77 ? 21  SER B CA  1 
ATOM   600 C  C   . SER B 1 21 ? 4.321   -8.346  -10.985 1.00 20.19 ? 21  SER B C   1 
ATOM   601 O  O   . SER B 1 21 ? 3.316   -7.653  -11.096 1.00 21.24 ? 21  SER B O   1 
ATOM   602 C  CB  . SER B 1 21 ? 4.643   -9.677  -8.923  1.00 15.25 ? 21  SER B CB  1 
ATOM   603 O  OG  . SER B 1 21 ? 3.229   -9.803  -8.945  1.00 16.35 ? 21  SER B OG  1 
ATOM   604 N  N   . ALA B 1 22 ? 4.795   -9.094  -11.976 1.00 22.86 ? 22  ALA B N   1 
ATOM   605 C  CA  . ALA B 1 22 ? 4.166   -9.116  -13.291 1.00 25.96 ? 22  ALA B CA  1 
ATOM   606 C  C   . ALA B 1 22 ? 2.721   -9.617  -13.257 1.00 25.42 ? 22  ALA B C   1 
ATOM   607 O  O   . ALA B 1 22 ? 1.893   -9.163  -14.050 1.00 35.03 ? 22  ALA B O   1 
ATOM   608 C  CB  . ALA B 1 22 ? 5.003   -9.958  -14.260 1.00 31.46 ? 22  ALA B CB  1 
ATOM   609 N  N   . ASP B 1 23 ? 2.398   -10.553 -12.365 1.00 28.23 ? 23  ASP B N   1 
ATOM   610 C  CA  . ASP B 1 23 ? 1.015   -11.021 -12.303 1.00 22.52 ? 23  ASP B CA  1 
ATOM   611 C  C   . ASP B 1 23 ? 0.232   -10.107 -11.362 1.00 25.84 ? 23  ASP B C   1 
ATOM   612 O  O   . ASP B 1 23 ? -0.963  -10.303 -11.129 1.00 26.46 ? 23  ASP B O   1 
ATOM   613 C  CB  . ASP B 1 23 ? 0.925   -12.484 -11.826 1.00 19.66 ? 23  ASP B CB  1 
ATOM   614 C  CG  . ASP B 1 23 ? 1.409   -12.680 -10.398 1.00 33.54 ? 23  ASP B CG  1 
ATOM   615 O  OD1 . ASP B 1 23 ? 1.526   -11.693 -9.639  1.00 29.93 ? 23  ASP B OD1 1 
ATOM   616 O  OD2 . ASP B 1 23 ? 1.677   -13.845 -10.031 1.00 30.10 ? 23  ASP B OD2 1 
ATOM   617 N  N   . LYS B 1 24 ? 0.936   -9.105  -10.841 1.00 27.21 ? 24  LYS B N   1 
ATOM   618 C  CA  . LYS B 1 24 ? 0.404   -8.100  -9.915  1.00 29.23 ? 24  LYS B CA  1 
ATOM   619 C  C   . LYS B 1 24 ? -0.282  -8.613  -8.647  1.00 30.58 ? 24  LYS B C   1 
ATOM   620 O  O   . LYS B 1 24 ? -1.229  -7.994  -8.151  1.00 26.78 ? 24  LYS B O   1 
ATOM   621 C  CB  . LYS B 1 24 ? -0.517  -7.097  -10.654 1.00 36.20 ? 24  LYS B CB  1 
ATOM   622 C  CG  . LYS B 1 24 ? -1.655  -7.690  -11.486 1.00 44.36 ? 24  LYS B CG  1 
ATOM   623 C  CD  . LYS B 1 24 ? -2.930  -7.866  -10.663 1.00 67.37 ? 24  LYS B CD  1 
ATOM   624 C  CE  . LYS B 1 24 ? -3.943  -8.722  -11.409 1.00 69.30 ? 24  LYS B CE  1 
ATOM   625 N  NZ  . LYS B 1 24 ? -5.336  -8.521  -10.927 1.00 68.74 ? 24  LYS B NZ  1 
ATOM   626 N  N   . THR B 1 25 ? 0.202   -9.737  -8.114  1.00 21.31 ? 25  THR B N   1 
ATOM   627 C  CA  . THR B 1 25 ? -0.354  -10.286 -6.879  1.00 26.25 ? 25  THR B CA  1 
ATOM   628 C  C   . THR B 1 25 ? 0.638   -10.095 -5.734  1.00 21.66 ? 25  THR B C   1 
ATOM   629 O  O   . THR B 1 25 ? 0.300   -10.305 -4.573  1.00 20.80 ? 25  THR B O   1 
ATOM   630 C  CB  . THR B 1 25 ? -0.654  -11.801 -6.970  1.00 20.19 ? 25  THR B CB  1 
ATOM   631 O  OG1 . THR B 1 25 ? 0.549   -12.514 -7.284  1.00 21.30 ? 25  THR B OG1 1 
ATOM   632 C  CG2 . THR B 1 25 ? -1.706  -12.081 -8.022  1.00 35.52 ? 25  THR B CG2 1 
ATOM   633 N  N   . GLU B 1 26 ? 1.866   -9.699  -6.052  1.00 21.73 ? 26  GLU B N   1 
ATOM   634 C  CA  . GLU B 1 26 ? 2.873   -9.518  -5.005  1.00 13.82 ? 26  GLU B CA  1 
ATOM   635 C  C   . GLU B 1 26 ? 3.682   -8.251  -5.165  1.00 15.10 ? 26  GLU B C   1 
ATOM   636 O  O   . GLU B 1 26 ? 3.665   -7.624  -6.209  1.00 17.68 ? 26  GLU B O   1 
ATOM   637 C  CB  . GLU B 1 26 ? 3.857   -10.698 -5.011  1.00 15.32 ? 26  GLU B CB  1 
ATOM   638 C  CG  . GLU B 1 26 ? 3.200   -12.077 -5.005  1.00 14.52 ? 26  GLU B CG  1 
ATOM   639 C  CD  . GLU B 1 26 ? 4.161   -13.166 -5.462  1.00 30.48 ? 26  GLU B CD  1 
ATOM   640 O  OE1 . GLU B 1 26 ? 4.783   -12.978 -6.527  1.00 27.18 ? 26  GLU B OE1 1 
ATOM   641 O  OE2 . GLU B 1 26 ? 4.294   -14.202 -4.768  1.00 22.96 ? 26  GLU B OE2 1 
ATOM   642 N  N   . LEU B 1 27 ? 4.394   -7.888  -4.100  1.00 16.98 ? 27  LEU B N   1 
ATOM   643 C  CA  . LEU B 1 27 ? 5.289   -6.739  -4.109  1.00 21.42 ? 27  LEU B CA  1 
ATOM   644 C  C   . LEU B 1 27 ? 6.647   -7.414  -3.980  1.00 24.53 ? 27  LEU B C   1 
ATOM   645 O  O   . LEU B 1 27 ? 6.930   -8.059  -2.972  1.00 24.50 ? 27  LEU B O   1 
ATOM   646 C  CB  . LEU B 1 27 ? 5.027   -5.811  -2.920  1.00 17.57 ? 27  LEU B CB  1 
ATOM   647 C  CG  . LEU B 1 27 ? 3.653   -5.133  -2.860  1.00 15.74 ? 27  LEU B CG  1 
ATOM   648 C  CD1 . LEU B 1 27 ? 3.597   -4.208  -1.651  1.00 22.50 ? 27  LEU B CD1 1 
ATOM   649 C  CD2 . LEU B 1 27 ? 3.390   -4.364  -4.146  1.00 25.62 ? 27  LEU B CD2 1 
ATOM   650 N  N   . ILE B 1 28 ? 7.468   -7.294  -5.018  1.00 22.16 ? 28  ILE B N   1 
ATOM   651 C  CA  . ILE B 1 28 ? 8.775   -7.936  -5.030  1.00 19.42 ? 28  ILE B CA  1 
ATOM   652 C  C   . ILE B 1 28 ? 9.888   -7.135  -4.371  1.00 22.05 ? 28  ILE B C   1 
ATOM   653 O  O   . ILE B 1 28 ? 10.069  -5.955  -4.659  1.00 22.64 ? 28  ILE B O   1 
ATOM   654 C  CB  . ILE B 1 28 ? 9.233   -8.218  -6.474  1.00 17.77 ? 28  ILE B CB  1 
ATOM   655 C  CG1 . ILE B 1 28 ? 8.119   -8.922  -7.246  1.00 19.13 ? 28  ILE B CG1 1 
ATOM   656 C  CG2 . ILE B 1 28 ? 10.516  -9.061  -6.467  1.00 19.53 ? 28  ILE B CG2 1 
ATOM   657 C  CD1 . ILE B 1 28 ? 7.710   -10.264 -6.672  1.00 15.08 ? 28  ILE B CD1 1 
ATOM   658 N  N   . SER B 1 29 ? 10.633  -7.785  -3.482  1.00 23.17 ? 29  SER B N   1 
ATOM   659 C  CA  . SER B 1 29 ? 11.779  -7.152  -2.835  1.00 24.01 ? 29  SER B CA  1 
ATOM   660 C  C   . SER B 1 29 ? 12.998  -7.962  -3.256  1.00 24.82 ? 29  SER B C   1 
ATOM   661 O  O   . SER B 1 29 ? 13.262  -9.027  -2.697  1.00 23.10 ? 29  SER B O   1 
ATOM   662 C  CB  . SER B 1 29 ? 11.676  -7.188  -1.313  1.00 25.73 ? 29  SER B CB  1 
ATOM   663 O  OG  . SER B 1 29 ? 12.859  -6.653  -0.726  1.00 26.65 ? 29  SER B OG  1 
ATOM   664 N  N   . LYS B 1 30 ? 13.712  -7.492  -4.273  1.00 24.67 ? 30  LYS B N   1 
ATOM   665 C  CA  . LYS B 1 30 ? 14.900  -8.210  -4.708  1.00 30.94 ? 30  LYS B CA  1 
ATOM   666 C  C   . LYS B 1 30 ? 15.904  -8.048  -3.585  1.00 31.60 ? 30  LYS B C   1 
ATOM   667 O  O   . LYS B 1 30 ? 16.614  -8.994  -3.221  1.00 29.06 ? 30  LYS B O   1 
ATOM   668 C  CB  . LYS B 1 30 ? 15.457  -7.631  -6.009  1.00 33.31 ? 30  LYS B CB  1 
ATOM   669 C  CG  . LYS B 1 30 ? 14.647  -7.999  -7.244  1.00 30.60 ? 30  LYS B CG  1 
ATOM   670 C  CD  . LYS B 1 30 ? 15.508  -8.594  -8.351  1.00 42.87 ? 30  LYS B CD  1 
ATOM   671 C  CE  . LYS B 1 30 ? 14.639  -8.942  -9.552  1.00 44.88 ? 30  LYS B CE  1 
ATOM   672 N  NZ  . LYS B 1 30 ? 15.342  -9.763  -10.576 1.00 52.51 ? 30  LYS B NZ  1 
ATOM   673 N  N   . GLY B 1 31 ? 15.929  -6.843  -3.023  1.00 28.12 ? 31  GLY B N   1 
ATOM   674 C  CA  . GLY B 1 31 ? 16.832  -6.543  -1.929  1.00 26.15 ? 31  GLY B CA  1 
ATOM   675 C  C   . GLY B 1 31 ? 16.842  -7.614  -0.858  1.00 26.70 ? 31  GLY B C   1 
ATOM   676 O  O   . GLY B 1 31 ? 17.856  -7.799  -0.176  1.00 29.71 ? 31  GLY B O   1 
ATOM   677 N  N   . ALA B 1 32 ? 15.729  -8.335  -0.722  1.00 24.87 ? 32  ALA B N   1 
ATOM   678 C  CA  . ALA B 1 32 ? 15.620  -9.394  0.276   1.00 25.03 ? 32  ALA B CA  1 
ATOM   679 C  C   . ALA B 1 32 ? 15.326  -10.783 -0.287  1.00 27.26 ? 32  ALA B C   1 
ATOM   680 O  O   . ALA B 1 32 ? 15.236  -11.741 0.470   1.00 29.25 ? 32  ALA B O   1 
ATOM   681 C  CB  . ALA B 1 32 ? 14.534  -9.028  1.295   1.00 25.79 ? 32  ALA B CB  1 
ATOM   682 N  N   . GLY B 1 33 ? 15.174  -10.902 -1.601  1.00 27.69 ? 33  GLY B N   1 
ATOM   683 C  CA  . GLY B 1 33 ? 14.878  -12.201 -2.177  1.00 27.73 ? 33  GLY B CA  1 
ATOM   684 C  C   . GLY B 1 33 ? 13.499  -12.633 -1.722  1.00 33.45 ? 33  GLY B C   1 
ATOM   685 O  O   . GLY B 1 33 ? 13.218  -13.822 -1.555  1.00 33.13 ? 33  GLY B O   1 
ATOM   686 N  N   . LEU B 1 34 ? 12.619  -11.652 -1.535  1.00 32.32 ? 34  LEU B N   1 
ATOM   687 C  CA  . LEU B 1 34 ? 11.261  -11.940 -1.083  1.00 32.91 ? 34  LEU B CA  1 
ATOM   688 C  C   . LEU B 1 34 ? 10.115  -11.284 -1.881  1.00 27.32 ? 34  LEU B C   1 
ATOM   689 O  O   . LEU B 1 34 ? 10.304  -10.257 -2.536  1.00 30.52 ? 34  LEU B O   1 
ATOM   690 C  CB  . LEU B 1 34 ? 11.121  -11.534 0.391   1.00 36.29 ? 34  LEU B CB  1 
ATOM   691 C  CG  . LEU B 1 34 ? 11.926  -12.291 1.450   1.00 32.62 ? 34  LEU B CG  1 
ATOM   692 C  CD1 . LEU B 1 34 ? 11.593  -11.753 2.843   1.00 40.63 ? 34  LEU B CD1 1 
ATOM   693 C  CD2 . LEU B 1 34 ? 11.585  -13.768 1.369   1.00 30.42 ? 34  LEU B CD2 1 
ATOM   694 N  N   . ALA B 1 35 ? 8.927   -11.886 -1.807  1.00 27.37 ? 35  ALA B N   1 
ATOM   695 C  CA  . ALA B 1 35 ? 7.738   -11.378 -2.483  1.00 23.37 ? 35  ALA B CA  1 
ATOM   696 C  C   . ALA B 1 35 ? 6.577   -11.327 -1.493  1.00 24.06 ? 35  ALA B C   1 
ATOM   697 O  O   . ALA B 1 35 ? 6.056   -12.357 -1.069  1.00 23.89 ? 35  ALA B O   1 
ATOM   698 C  CB  . ALA B 1 35 ? 7.372   -12.273 -3.665  1.00 20.10 ? 35  ALA B CB  1 
ATOM   699 N  N   . TYR B 1 36 ? 6.169   -10.125 -1.121  1.00 24.42 ? 36  TYR B N   1 
ATOM   700 C  CA  . TYR B 1 36 ? 5.062   -9.995  -0.196  1.00 21.30 ? 36  TYR B CA  1 
ATOM   701 C  C   . TYR B 1 36 ? 3.753   -10.126 -0.957  1.00 20.90 ? 36  TYR B C   1 
ATOM   702 O  O   . TYR B 1 36 ? 3.542   -9.490  -1.988  1.00 22.91 ? 36  TYR B O   1 
ATOM   703 C  CB  . TYR B 1 36 ? 5.148   -8.661  0.522   1.00 21.99 ? 36  TYR B CB  1 
ATOM   704 C  CG  . TYR B 1 36 ? 6.481   -8.488  1.201   1.00 24.01 ? 36  TYR B CG  1 
ATOM   705 C  CD1 . TYR B 1 36 ? 6.784   -9.166  2.386   1.00 26.69 ? 36  TYR B CD1 1 
ATOM   706 C  CD2 . TYR B 1 36 ? 7.455   -7.669  0.641   1.00 31.67 ? 36  TYR B CD2 1 
ATOM   707 C  CE1 . TYR B 1 36 ? 8.036   -9.033  2.989   1.00 22.60 ? 36  TYR B CE1 1 
ATOM   708 C  CE2 . TYR B 1 36 ? 8.703   -7.529  1.228   1.00 33.28 ? 36  TYR B CE2 1 
ATOM   709 C  CZ  . TYR B 1 36 ? 8.991   -8.203  2.401   1.00 31.80 ? 36  TYR B CZ  1 
ATOM   710 O  OH  . TYR B 1 36 ? 10.222  -8.019  2.984   1.00 34.49 ? 36  TYR B OH  1 
ATOM   711 N  N   . PRO B 1 37 ? 2.849   -10.968 -0.449  1.00 21.67 ? 37  PRO B N   1 
ATOM   712 C  CA  . PRO B 1 37 ? 1.552   -11.206 -1.073  1.00 23.07 ? 37  PRO B CA  1 
ATOM   713 C  C   . PRO B 1 37 ? 0.548   -10.067 -0.892  1.00 30.66 ? 37  PRO B C   1 
ATOM   714 O  O   . PRO B 1 37 ? 0.561   -9.367  0.119   1.00 35.57 ? 37  PRO B O   1 
ATOM   715 C  CB  . PRO B 1 37 ? 1.103   -12.511 -0.415  1.00 21.89 ? 37  PRO B CB  1 
ATOM   716 C  CG  . PRO B 1 37 ? 1.638   -12.387 0.972   1.00 14.75 ? 37  PRO B CG  1 
ATOM   717 C  CD  . PRO B 1 37 ? 2.988   -11.711 0.819   1.00 19.82 ? 37  PRO B CD  1 
ATOM   718 N  N   . ILE B 1 38 ? -0.289  -9.850  -1.903  1.00 28.90 ? 38  ILE B N   1 
ATOM   719 C  CA  . ILE B 1 38 ? -1.323  -8.826  -1.803  1.00 28.51 ? 38  ILE B CA  1 
ATOM   720 C  C   . ILE B 1 38 ? -2.578  -9.663  -1.655  1.00 26.15 ? 38  ILE B C   1 
ATOM   721 O  O   . ILE B 1 38 ? -2.931  -10.423 -2.552  1.00 26.18 ? 38  ILE B O   1 
ATOM   722 C  CB  . ILE B 1 38 ? -1.391  -7.927  -3.076  1.00 20.33 ? 38  ILE B CB  1 
ATOM   723 C  CG1 . ILE B 1 38 ? -0.132  -7.050  -3.149  1.00 27.91 ? 38  ILE B CG1 1 
ATOM   724 C  CG2 . ILE B 1 38 ? -2.622  -7.021  -3.028  1.00 24.90 ? 38  ILE B CG2 1 
ATOM   725 C  CD1 . ILE B 1 38 ? 0.016   -6.270  -4.429  1.00 22.49 ? 38  ILE B CD1 1 
ATOM   726 N  N   . ARG B 1 39 ? -3.210  -9.569  -0.489  1.00 25.80 ? 39  ARG B N   1 
ATOM   727 C  CA  . ARG B 1 39 ? -4.416  -10.341 -0.218  1.00 27.38 ? 39  ARG B CA  1 
ATOM   728 C  C   . ARG B 1 39 ? -5.503  -9.467  0.374   1.00 27.83 ? 39  ARG B C   1 
ATOM   729 O  O   . ARG B 1 39 ? -5.233  -8.588  1.186   1.00 29.10 ? 39  ARG B O   1 
ATOM   730 C  CB  . ARG B 1 39 ? -4.104  -11.495 0.743   1.00 26.48 ? 39  ARG B CB  1 
ATOM   731 C  CG  . ARG B 1 39 ? -4.176  -12.879 0.116   1.00 41.38 ? 39  ARG B CG  1 
ATOM   732 C  CD  . ARG B 1 39 ? -4.041  -13.946 1.185   1.00 54.35 ? 39  ARG B CD  1 
ATOM   733 N  NE  . ARG B 1 39 ? -2.783  -13.816 1.911   1.00 66.58 ? 39  ARG B NE  1 
ATOM   734 C  CZ  . ARG B 1 39 ? -1.646  -14.400 1.550   1.00 67.98 ? 39  ARG B CZ  1 
ATOM   735 N  NH1 . ARG B 1 39 ? -1.604  -15.173 0.471   1.00 61.07 ? 39  ARG B NH1 1 
ATOM   736 N  NH2 . ARG B 1 39 ? -0.545  -14.203 2.263   1.00 58.94 ? 39  ARG B NH2 1 
ATOM   737 N  N   . ASP B 1 40 ? -6.734  -9.720  -0.044  1.00 27.35 ? 40  ASP B N   1 
ATOM   738 C  CA  . ASP B 1 40 ? -7.874  -8.956  0.433   1.00 31.56 ? 40  ASP B CA  1 
ATOM   739 C  C   . ASP B 1 40 ? -7.600  -7.462  0.287   1.00 30.93 ? 40  ASP B C   1 
ATOM   740 O  O   . ASP B 1 40 ? -8.042  -6.650  1.098   1.00 29.65 ? 40  ASP B O   1 
ATOM   741 C  CB  . ASP B 1 40 ? -8.166  -9.318  1.888   1.00 31.35 ? 40  ASP B CB  1 
ATOM   742 C  CG  . ASP B 1 40 ? -8.249  -10.818 2.096   1.00 32.96 ? 40  ASP B CG  1 
ATOM   743 O  OD1 . ASP B 1 40 ? -7.439  -11.350 2.883   1.00 37.76 ? 40  ASP B OD1 1 
ATOM   744 O  OD2 . ASP B 1 40 ? -9.114  -11.465 1.461   1.00 34.69 ? 40  ASP B OD2 1 
ATOM   745 N  N   . GLY B 1 41 ? -6.854  -7.127  -0.764  1.00 31.19 ? 41  GLY B N   1 
ATOM   746 C  CA  . GLY B 1 41 ? -6.519  -5.744  -1.070  1.00 28.62 ? 41  GLY B CA  1 
ATOM   747 C  C   . GLY B 1 41 ? -5.519  -5.040  -0.168  1.00 32.62 ? 41  GLY B C   1 
ATOM   748 O  O   . GLY B 1 41 ? -5.477  -3.806  -0.136  1.00 35.38 ? 41  GLY B O   1 
ATOM   749 N  N   . ILE B 1 42 ? -4.704  -5.813  0.542   1.00 29.84 ? 42  ILE B N   1 
ATOM   750 C  CA  . ILE B 1 42 ? -3.712  -5.263  1.461   1.00 31.29 ? 42  ILE B CA  1 
ATOM   751 C  C   . ILE B 1 42 ? -2.352  -5.855  1.169   1.00 30.46 ? 42  ILE B C   1 
ATOM   752 O  O   . ILE B 1 42 ? -2.239  -7.058  0.979   1.00 30.77 ? 42  ILE B O   1 
ATOM   753 C  CB  . ILE B 1 42 ? -4.026  -5.642  2.917   1.00 35.34 ? 42  ILE B CB  1 
ATOM   754 C  CG1 . ILE B 1 42 ? -5.480  -5.319  3.249   1.00 43.49 ? 42  ILE B CG1 1 
ATOM   755 C  CG2 . ILE B 1 42 ? -3.064  -4.933  3.853   1.00 40.90 ? 42  ILE B CG2 1 
ATOM   756 C  CD1 . ILE B 1 42 ? -5.846  -3.888  3.002   1.00 45.46 ? 42  ILE B CD1 1 
ATOM   757 N  N   . PRO B 1 43 ? -1.299  -5.030  1.117   1.00 27.11 ? 43  PRO B N   1 
ATOM   758 C  CA  . PRO B 1 43 ? -0.021  -5.686  0.848   1.00 27.09 ? 43  PRO B CA  1 
ATOM   759 C  C   . PRO B 1 43 ? 0.421   -6.303  2.172   1.00 29.37 ? 43  PRO B C   1 
ATOM   760 O  O   . PRO B 1 43 ? 0.642   -5.592  3.148   1.00 33.82 ? 43  PRO B O   1 
ATOM   761 C  CB  . PRO B 1 43 ? 0.866   -4.528  0.391   1.00 25.94 ? 43  PRO B CB  1 
ATOM   762 C  CG  . PRO B 1 43 ? 0.347   -3.373  1.199   1.00 27.77 ? 43  PRO B CG  1 
ATOM   763 C  CD  . PRO B 1 43 ? -1.164  -3.562  1.104   1.00 26.88 ? 43  PRO B CD  1 
ATOM   764 N  N   . VAL B 1 44 ? 0.547   -7.626  2.194   1.00 28.81 ? 44  VAL B N   1 
ATOM   765 C  CA  . VAL B 1 44 ? 0.888   -8.342  3.418   1.00 29.43 ? 44  VAL B CA  1 
ATOM   766 C  C   . VAL B 1 44 ? 2.392   -8.319  3.670   1.00 31.65 ? 44  VAL B C   1 
ATOM   767 O  O   . VAL B 1 44 ? 3.119   -9.207  3.225   1.00 28.92 ? 44  VAL B O   1 
ATOM   768 C  CB  . VAL B 1 44 ? 0.409   -9.805  3.367   1.00 27.16 ? 44  VAL B CB  1 
ATOM   769 C  CG1 . VAL B 1 44 ? 0.850   -10.554 4.615   1.00 31.95 ? 44  VAL B CG1 1 
ATOM   770 C  CG2 . VAL B 1 44 ? -1.104  -9.864  3.209   1.00 27.86 ? 44  VAL B CG2 1 
HETATM 771 N  N   . MSE B 1 45 ? 2.851   -7.298  4.386   1.00 33.03 ? 45  MSE B N   1 
HETATM 772 C  CA  . MSE B 1 45 ? 4.278   -7.096  4.606   1.00 33.30 ? 45  MSE B CA  1 
HETATM 773 C  C   . MSE B 1 45 ? 4.759   -7.856  5.836   1.00 32.57 ? 45  MSE B C   1 
HETATM 774 O  O   . MSE B 1 45 ? 4.999   -7.264  6.889   1.00 29.49 ? 45  MSE B O   1 
HETATM 775 C  CB  . MSE B 1 45 ? 4.593   -5.606  4.751   1.00 38.50 ? 45  MSE B CB  1 
HETATM 776 C  CG  . MSE B 1 45 ? 5.612   -5.087  3.750   1.00 54.07 ? 45  MSE B CG  1 
HETATM 777 SE SE  . MSE B 1 45 ? 4.476   -5.223  1.732   1.00 46.81 ? 45  MSE B SE  1 
HETATM 778 C  CE  . MSE B 1 45 ? 4.148   -2.922  1.828   1.00 44.91 ? 45  MSE B CE  1 
ATOM   779 N  N   . LEU B 1 46 ? 4.898   -9.170  5.698   1.00 36.13 ? 46  LEU B N   1 
ATOM   780 C  CA  . LEU B 1 46 ? 5.465   -9.997  6.757   1.00 35.99 ? 46  LEU B CA  1 
ATOM   781 C  C   . LEU B 1 46 ? 6.376   -11.078 6.185   1.00 39.19 ? 46  LEU B C   1 
ATOM   782 O  O   . LEU B 1 46 ? 5.996   -11.797 5.260   1.00 39.34 ? 46  LEU B O   1 
ATOM   783 C  CB  . LEU B 1 46 ? 4.353   -10.634 7.593   1.00 35.26 ? 46  LEU B CB  1 
ATOM   784 C  CG  . LEU B 1 46 ? 3.393   -9.668  8.291   1.00 38.61 ? 46  LEU B CG  1 
ATOM   785 C  CD1 . LEU B 1 46 ? 2.348   -10.433 9.089   1.00 27.88 ? 46  LEU B CD1 1 
ATOM   786 C  CD2 . LEU B 1 46 ? 4.156   -8.704  9.185   1.00 36.08 ? 46  LEU B CD2 1 
ATOM   787 N  N   . GLU B 1 47 ? 7.578   -11.188 6.741   1.00 42.24 ? 47  GLU B N   1 
ATOM   788 C  CA  . GLU B 1 47 ? 8.532   -12.191 6.304   1.00 44.42 ? 47  GLU B CA  1 
ATOM   789 C  C   . GLU B 1 47 ? 7.818   -13.533 6.430   1.00 43.88 ? 47  GLU B C   1 
ATOM   790 O  O   . GLU B 1 47 ? 7.978   -14.417 5.588   1.00 44.65 ? 47  GLU B O   1 
ATOM   791 C  CB  . GLU B 1 47 ? 9.784   -12.149 7.195   1.00 44.36 ? 47  GLU B CB  1 
ATOM   792 C  CG  . GLU B 1 47 ? 10.997  -12.897 6.645   1.00 45.53 ? 47  GLU B CG  1 
ATOM   793 C  CD  . GLU B 1 47 ? 12.246  -12.680 7.485   1.00 46.66 ? 47  GLU B CD  1 
ATOM   794 O  OE1 . GLU B 1 47 ? 12.114  -12.550 8.722   1.00 58.10 ? 47  GLU B OE1 1 
ATOM   795 O  OE2 . GLU B 1 47 ? 13.359  -12.656 6.915   1.00 63.52 ? 47  GLU B OE2 1 
ATOM   796 N  N   . SER B 1 48 ? 7.003   -13.662 7.474   1.00 44.32 ? 48  SER B N   1 
ATOM   797 C  CA  . SER B 1 48 ? 6.250   -14.891 7.722   1.00 44.24 ? 48  SER B CA  1 
ATOM   798 C  C   . SER B 1 48 ? 5.288   -15.278 6.600   1.00 45.02 ? 48  SER B C   1 
ATOM   799 O  O   . SER B 1 48 ? 4.970   -16.460 6.420   1.00 44.00 ? 48  SER B O   1 
ATOM   800 C  CB  . SER B 1 48 ? 5.466   -14.780 9.042   1.00 46.71 ? 48  SER B CB  1 
ATOM   801 O  OG  . SER B 1 48 ? 4.809   -13.530 9.148   1.00 45.07 ? 48  SER B OG  1 
ATOM   802 N  N   . GLU B 1 49 ? 4.826   -14.287 5.846   1.00 42.73 ? 49  GLU B N   1 
ATOM   803 C  CA  . GLU B 1 49 ? 3.891   -14.547 4.760   1.00 37.94 ? 49  GLU B CA  1 
ATOM   804 C  C   . GLU B 1 49 ? 4.535   -14.476 3.378   1.00 37.86 ? 49  GLU B C   1 
ATOM   805 O  O   . GLU B 1 49 ? 3.970   -14.962 2.399   1.00 37.96 ? 49  GLU B O   1 
ATOM   806 C  CB  . GLU B 1 49 ? 2.736   -13.535 4.811   1.00 40.68 ? 49  GLU B CB  1 
ATOM   807 C  CG  . GLU B 1 49 ? 1.991   -13.488 6.125   1.00 37.91 ? 49  GLU B CG  1 
ATOM   808 C  CD  . GLU B 1 49 ? 1.344   -14.809 6.481   1.00 48.32 ? 49  GLU B CD  1 
ATOM   809 O  OE1 . GLU B 1 49 ? 0.451   -15.264 5.732   1.00 45.35 ? 49  GLU B OE1 1 
ATOM   810 O  OE2 . GLU B 1 49 ? 1.735   -15.392 7.512   1.00 47.10 ? 49  GLU B OE2 1 
ATOM   811 N  N   . ALA B 1 50 ? 5.711   -13.865 3.303   1.00 36.91 ? 50  ALA B N   1 
ATOM   812 C  CA  . ALA B 1 50 ? 6.417   -13.698 2.037   1.00 31.33 ? 50  ALA B CA  1 
ATOM   813 C  C   . ALA B 1 50 ? 6.828   -15.005 1.353   1.00 36.30 ? 50  ALA B C   1 
ATOM   814 O  O   . ALA B 1 50 ? 7.012   -16.044 1.994   1.00 33.43 ? 50  ALA B O   1 
ATOM   815 C  CB  . ALA B 1 50 ? 7.643   -12.817 2.253   1.00 30.29 ? 50  ALA B CB  1 
ATOM   816 N  N   . ARG B 1 51 ? 6.960   -14.940 0.031   1.00 37.53 ? 51  ARG B N   1 
ATOM   817 C  CA  . ARG B 1 51 ? 7.369   -16.087 -0.772  1.00 30.72 ? 51  ARG B CA  1 
ATOM   818 C  C   . ARG B 1 51 ? 8.834   -15.875 -1.130  1.00 30.46 ? 51  ARG B C   1 
ATOM   819 O  O   . ARG B 1 51 ? 9.240   -14.762 -1.475  1.00 31.91 ? 51  ARG B O   1 
ATOM   820 C  CB  . ARG B 1 51 ? 6.505   -16.176 -2.048  1.00 26.81 ? 51  ARG B CB  1 
ATOM   821 C  CG  . ARG B 1 51 ? 6.929   -17.219 -3.096  1.00 30.87 ? 51  ARG B CG  1 
ATOM   822 C  CD  . ARG B 1 51 ? 5.978   -17.219 -4.313  1.00 34.44 ? 51  ARG B CD  1 
ATOM   823 N  NE  . ARG B 1 51 ? 6.120   -16.022 -5.150  1.00 22.09 ? 51  ARG B NE  1 
ATOM   824 C  CZ  . ARG B 1 51 ? 7.138   -15.810 -5.973  1.00 34.07 ? 51  ARG B CZ  1 
ATOM   825 N  NH1 . ARG B 1 51 ? 8.095   -16.721 -6.079  1.00 22.51 ? 51  ARG B NH1 1 
ATOM   826 N  NH2 . ARG B 1 51 ? 7.212   -14.685 -6.679  1.00 20.97 ? 51  ARG B NH2 1 
ATOM   827 N  N   . THR B 1 52 ? 9.637   -16.927 -1.021  1.00 31.47 ? 52  THR B N   1 
ATOM   828 C  CA  . THR B 1 52 ? 11.051  -16.817 -1.356  1.00 28.24 ? 52  THR B CA  1 
ATOM   829 C  C   . THR B 1 52 ? 11.150  -16.765 -2.876  1.00 24.50 ? 52  THR B C   1 
ATOM   830 O  O   . THR B 1 52 ? 10.615  -17.640 -3.555  1.00 25.27 ? 52  THR B O   1 
ATOM   831 C  CB  . THR B 1 52 ? 11.846  -18.043 -0.844  1.00 34.97 ? 52  THR B CB  1 
ATOM   832 O  OG1 . THR B 1 52 ? 11.580  -18.237 0.550   1.00 32.53 ? 52  THR B OG1 1 
ATOM   833 C  CG2 . THR B 1 52 ? 13.344  -17.830 -1.047  1.00 27.19 ? 52  THR B CG2 1 
ATOM   834 N  N   . LEU B 1 53 ? 11.814  -15.743 -3.412  1.00 18.28 ? 53  LEU B N   1 
ATOM   835 C  CA  . LEU B 1 53 ? 11.950  -15.632 -4.862  1.00 20.27 ? 53  LEU B CA  1 
ATOM   836 C  C   . LEU B 1 53 ? 12.736  -16.813 -5.394  1.00 24.44 ? 53  LEU B C   1 
ATOM   837 O  O   . LEU B 1 53 ? 13.713  -17.244 -4.785  1.00 27.23 ? 53  LEU B O   1 
ATOM   838 C  CB  . LEU B 1 53 ? 12.684  -14.342 -5.249  1.00 15.82 ? 53  LEU B CB  1 
ATOM   839 C  CG  . LEU B 1 53 ? 11.965  -13.036 -4.923  1.00 21.76 ? 53  LEU B CG  1 
ATOM   840 C  CD1 . LEU B 1 53 ? 12.839  -11.861 -5.364  1.00 26.31 ? 53  LEU B CD1 1 
ATOM   841 C  CD2 . LEU B 1 53 ? 10.631  -13.016 -5.630  1.00 22.31 ? 53  LEU B CD2 1 
ATOM   842 N  N   . THR B 1 54 ? 12.306  -17.329 -6.537  1.00 31.31 ? 54  THR B N   1 
ATOM   843 C  CA  . THR B 1 54 ? 12.981  -18.452 -7.163  1.00 27.44 ? 54  THR B CA  1 
ATOM   844 C  C   . THR B 1 54 ? 14.321  -17.987 -7.699  1.00 28.55 ? 54  THR B C   1 
ATOM   845 O  O   . THR B 1 54 ? 14.606  -16.788 -7.740  1.00 28.66 ? 54  THR B O   1 
ATOM   846 C  CB  . THR B 1 54 ? 12.170  -19.029 -8.333  1.00 27.31 ? 54  THR B CB  1 
ATOM   847 O  OG1 . THR B 1 54 ? 11.989  -18.018 -9.330  1.00 25.11 ? 54  THR B OG1 1 
ATOM   848 C  CG2 . THR B 1 54 ? 10.817  -19.521 -7.851  1.00 25.92 ? 54  THR B CG2 1 
ATOM   849 N  N   . THR B 1 55 ? 15.148  -18.940 -8.104  1.00 22.83 ? 55  THR B N   1 
ATOM   850 C  CA  . THR B 1 55 ? 16.453  -18.606 -8.631  1.00 24.42 ? 55  THR B CA  1 
ATOM   851 C  C   . THR B 1 55 ? 16.362  -17.641 -9.809  1.00 16.69 ? 55  THR B C   1 
ATOM   852 O  O   . THR B 1 55 ? 17.080  -16.636 -9.861  1.00 15.24 ? 55  THR B O   1 
ATOM   853 C  CB  . THR B 1 55 ? 17.193  -19.862 -9.075  1.00 21.63 ? 55  THR B CB  1 
ATOM   854 O  OG1 . THR B 1 55 ? 17.409  -20.696 -7.932  1.00 25.35 ? 55  THR B OG1 1 
ATOM   855 C  CG2 . THR B 1 55 ? 18.527  -19.496 -9.707  1.00 25.93 ? 55  THR B CG2 1 
ATOM   856 N  N   . GLU B 1 56 ? 15.485  -17.964 -10.754 1.00 14.10 ? 56  GLU B N   1 
ATOM   857 C  CA  . GLU B 1 56 ? 15.285  -17.166 -11.957 1.00 20.65 ? 56  GLU B CA  1 
ATOM   858 C  C   . GLU B 1 56 ? 14.849  -15.740 -11.654 1.00 23.47 ? 56  GLU B C   1 
ATOM   859 O  O   . GLU B 1 56 ? 15.198  -14.806 -12.390 1.00 24.15 ? 56  GLU B O   1 
ATOM   860 C  CB  . GLU B 1 56 ? 14.259  -17.842 -12.848 1.00 29.49 ? 56  GLU B CB  1 
ATOM   861 N  N   . GLU B 1 57 ? 14.084  -15.580 -10.575 1.00 23.81 ? 57  GLU B N   1 
ATOM   862 C  CA  . GLU B 1 57 ? 13.594  -14.273 -10.155 1.00 26.54 ? 57  GLU B CA  1 
ATOM   863 C  C   . GLU B 1 57 ? 14.695  -13.405 -9.560  1.00 25.73 ? 57  GLU B C   1 
ATOM   864 O  O   . GLU B 1 57 ? 14.668  -12.182 -9.685  1.00 24.81 ? 57  GLU B O   1 
ATOM   865 C  CB  . GLU B 1 57 ? 12.469  -14.441 -9.131  1.00 21.81 ? 57  GLU B CB  1 
ATOM   866 C  CG  . GLU B 1 57 ? 11.138  -14.853 -9.734  1.00 25.62 ? 57  GLU B CG  1 
ATOM   867 C  CD  . GLU B 1 57 ? 10.077  -15.074 -8.685  1.00 28.14 ? 57  GLU B CD  1 
ATOM   868 O  OE1 . GLU B 1 57 ? 10.172  -16.076 -7.947  1.00 28.86 ? 57  GLU B OE1 1 
ATOM   869 O  OE2 . GLU B 1 57 ? 9.151   -14.241 -8.591  1.00 26.39 ? 57  GLU B OE2 1 
ATOM   870 N  N   . ARG B 1 58 ? 15.664  -14.042 -8.914  1.00 26.20 ? 58  ARG B N   1 
ATOM   871 C  CA  . ARG B 1 58 ? 16.766  -13.323 -8.290  1.00 24.76 ? 58  ARG B CA  1 
ATOM   872 C  C   . ARG B 1 58 ? 17.824  -12.900 -9.299  1.00 30.44 ? 58  ARG B C   1 
ATOM   873 O  O   . ARG B 1 58 ? 18.507  -11.897 -9.105  1.00 33.69 ? 58  ARG B O   1 
ATOM   874 C  CB  . ARG B 1 58 ? 17.413  -14.192 -7.216  1.00 24.45 ? 58  ARG B CB  1 
ATOM   875 C  CG  . ARG B 1 58 ? 16.484  -14.596 -6.088  1.00 15.70 ? 58  ARG B CG  1 
ATOM   876 C  CD  . ARG B 1 58 ? 17.089  -15.724 -5.270  1.00 28.12 ? 58  ARG B CD  1 
ATOM   877 N  NE  . ARG B 1 58 ? 16.318  -15.990 -4.061  1.00 29.08 ? 58  ARG B NE  1 
ATOM   878 C  CZ  . ARG B 1 58 ? 16.726  -15.675 -2.835  1.00 35.00 ? 58  ARG B CZ  1 
ATOM   879 N  NH1 . ARG B 1 58 ? 17.905  -15.094 -2.652  1.00 36.91 ? 58  ARG B NH1 1 
ATOM   880 N  NH2 . ARG B 1 58 ? 15.953  -15.940 -1.792  1.00 46.99 ? 58  ARG B NH2 1 
ATOM   881 N  N   . LEU B 1 59 ? 17.974  -13.673 -10.368 1.00 34.35 ? 59  LEU B N   1 
ATOM   882 C  CA  . LEU B 1 59 ? 18.955  -13.339 -11.390 1.00 36.59 ? 59  LEU B CA  1 
ATOM   883 C  C   . LEU B 1 59 ? 18.520  -12.039 -12.041 1.00 40.22 ? 59  LEU B C   1 
ATOM   884 O  O   . LEU B 1 59 ? 17.384  -11.599 -11.885 1.00 39.89 ? 59  LEU B O   1 
ATOM   885 C  CB  . LEU B 1 59 ? 19.023  -14.436 -12.456 1.00 36.71 ? 59  LEU B CB  1 
ATOM   886 C  CG  . LEU B 1 59 ? 19.417  -15.844 -12.005 1.00 39.66 ? 59  LEU B CG  1 
ATOM   887 C  CD1 . LEU B 1 59 ? 19.054  -16.840 -13.092 1.00 40.36 ? 59  LEU B CD1 1 
ATOM   888 C  CD2 . LEU B 1 59 ? 20.905  -15.897 -11.686 1.00 32.91 ? 59  LEU B CD2 1 
ATOM   889 N  N   . ASP B 1 60 ? 19.432  -11.411 -12.767 1.00 44.11 ? 60  ASP B N   1 
ATOM   890 C  CA  . ASP B 1 60 ? 19.095  -10.176 -13.459 1.00 53.66 ? 60  ASP B CA  1 
ATOM   891 C  C   . ASP B 1 60 ? 18.847  -10.560 -14.912 1.00 60.90 ? 60  ASP B C   1 
ATOM   892 O  O   . ASP B 1 60 ? 19.685  -11.224 -15.528 1.00 64.24 ? 60  ASP B O   1 
ATOM   893 C  CB  . ASP B 1 60 ? 20.241  -9.182  -13.356 1.00 52.48 ? 60  ASP B CB  1 
ATOM   894 N  N   . LYS B 1 61 ? 17.700  -10.155 -15.451 1.00 66.06 ? 61  LYS B N   1 
ATOM   895 C  CA  . LYS B 1 61 ? 17.354  -10.466 -16.833 1.00 70.09 ? 61  LYS B CA  1 
ATOM   896 C  C   . LYS B 1 61 ? 18.417  -9.895  -17.761 1.00 73.29 ? 61  LYS B C   1 
ATOM   897 O  O   . LYS B 1 61 ? 18.612  -10.378 -18.878 1.00 73.76 ? 61  LYS B O   1 
ATOM   898 C  CB  . LYS B 1 61 ? 15.994  -9.864  -17.173 1.00 69.58 ? 61  LYS B CB  1 
ATOM   899 N  N   . LEU B 1 62 ? 19.110  -8.872  -17.264 1.00 75.21 ? 62  LEU B N   1 
ATOM   900 C  CA  . LEU B 1 62 ? 20.161  -8.173  -18.002 1.00 73.90 ? 62  LEU B CA  1 
ATOM   901 C  C   . LEU B 1 62 ? 21.523  -8.876  -18.057 1.00 73.82 ? 62  LEU B C   1 
ATOM   902 O  O   . LEU B 1 62 ? 22.471  -8.260  -18.608 1.00 75.01 ? 62  LEU B O   1 
ATOM   903 C  CB  . LEU B 1 62 ? 20.330  -6.775  -17.423 1.00 71.87 ? 62  LEU B CB  1 
HETATM 904 O  O   . HOH C 2 .  ? -2.992  -6.022  8.898   1.00 56.47 ? 103 HOH A O   1 
HETATM 905 O  O   . HOH C 2 .  ? -3.510  7.453   9.740   1.00 31.65 ? 107 HOH A O   1 
HETATM 906 O  O   . HOH C 2 .  ? -24.934 24.677  -4.303  1.00 37.01 ? 110 HOH A O   1 
HETATM 907 O  O   . HOH C 2 .  ? -13.062 19.482  10.345  1.00 35.18 ? 111 HOH A O   1 
HETATM 908 O  O   . HOH C 2 .  ? -4.531  9.153   -4.416  1.00 27.18 ? 112 HOH A O   1 
HETATM 909 O  O   . HOH C 2 .  ? -17.726 6.558   10.239  1.00 40.89 ? 113 HOH A O   1 
HETATM 910 O  O   . HOH C 2 .  ? -5.347  14.342  2.148   1.00 44.82 ? 114 HOH A O   1 
HETATM 911 O  O   . HOH C 2 .  ? 4.859   7.930   6.143   1.00 30.71 ? 115 HOH A O   1 
HETATM 912 O  O   . HOH C 2 .  ? 2.200   6.923   12.643  1.00 27.61 ? 116 HOH A O   1 
HETATM 913 O  O   . HOH C 2 .  ? -9.522  18.471  8.434   1.00 46.19 ? 117 HOH A O   1 
HETATM 914 O  O   . HOH C 2 .  ? -10.447 7.437   0.165   1.00 33.30 ? 119 HOH A O   1 
HETATM 915 O  O   . HOH C 2 .  ? -17.216 0.424   6.593   1.00 41.73 ? 121 HOH A O   1 
HETATM 916 O  O   . HOH C 2 .  ? -9.050  -4.612  2.131   1.00 41.60 ? 122 HOH A O   1 
HETATM 917 O  O   . HOH C 2 .  ? -0.165  3.876   -6.972  1.00 30.59 ? 124 HOH A O   1 
HETATM 918 O  O   . HOH C 2 .  ? -0.180  15.508  11.060  1.00 39.71 ? 130 HOH A O   1 
HETATM 919 O  O   . HOH C 2 .  ? -7.684  1.852   -3.859  1.00 34.42 ? 138 HOH A O   1 
HETATM 920 O  O   . HOH C 2 .  ? -16.167 15.236  -3.052  1.00 51.58 ? 140 HOH A O   1 
HETATM 921 O  O   . HOH C 2 .  ? -12.763 4.106   0.625   1.00 27.21 ? 142 HOH A O   1 
HETATM 922 O  O   . HOH C 2 .  ? -14.787 12.011  1.078   1.00 47.00 ? 148 HOH A O   1 
HETATM 923 O  O   . HOH C 2 .  ? 10.089  -0.715  5.565   1.00 38.47 ? 150 HOH A O   1 
HETATM 924 O  O   . HOH C 2 .  ? -2.815  7.093   12.524  1.00 25.23 ? 151 HOH A O   1 
HETATM 925 O  O   . HOH C 2 .  ? -9.059  -3.477  10.755  1.00 32.36 ? 152 HOH A O   1 
HETATM 926 O  O   . HOH C 2 .  ? 0.492   18.956  2.289   1.00 40.37 ? 155 HOH A O   1 
HETATM 927 O  O   . HOH C 2 .  ? -15.163 6.227   10.565  1.00 40.74 ? 159 HOH A O   1 
HETATM 928 O  O   . HOH C 2 .  ? -14.820 0.108   15.056  1.00 56.54 ? 160 HOH A O   1 
HETATM 929 O  O   . HOH C 2 .  ? -9.089  14.906  -2.897  1.00 53.63 ? 165 HOH A O   1 
HETATM 930 O  O   . HOH C 2 .  ? -16.867 -0.927  -1.346  1.00 43.08 ? 167 HOH A O   1 
HETATM 931 O  O   . HOH C 2 .  ? -16.525 18.865  13.469  1.00 53.29 ? 168 HOH A O   1 
HETATM 932 O  O   . HOH C 2 .  ? -3.238  -2.398  16.465  1.00 34.37 ? 172 HOH A O   1 
HETATM 933 O  O   . HOH C 2 .  ? -10.180 -6.099  -2.418  1.00 50.81 ? 174 HOH A O   1 
HETATM 934 O  O   . HOH C 2 .  ? -8.227  -3.218  13.349  1.00 40.94 ? 177 HOH A O   1 
HETATM 935 O  O   . HOH C 2 .  ? -0.291  7.180   13.551  1.00 50.96 ? 178 HOH A O   1 
HETATM 936 O  O   . HOH C 2 .  ? -10.724 3.803   16.038  1.00 57.14 ? 188 HOH A O   1 
HETATM 937 O  O   . HOH C 2 .  ? -15.075 22.266  10.218  1.00 59.20 ? 189 HOH A O   1 
HETATM 938 O  O   . HOH D 2 .  ? 2.210   3.041   -7.534  1.00 19.65 ? 101 HOH B O   1 
HETATM 939 O  O   . HOH D 2 .  ? 14.082  -4.752  -2.235  1.00 26.12 ? 102 HOH B O   1 
HETATM 940 O  O   . HOH D 2 .  ? 16.108  -13.509 -15.388 1.00 46.42 ? 104 HOH B O   1 
HETATM 941 O  O   . HOH D 2 .  ? 4.278   -13.652 -8.572  1.00 20.91 ? 106 HOH B O   1 
HETATM 942 O  O   . HOH D 2 .  ? 7.410   -10.810 -10.968 1.00 17.97 ? 109 HOH B O   1 
HETATM 943 O  O   . HOH D 2 .  ? 17.862  -10.909 7.394   1.00 44.55 ? 118 HOH B O   1 
HETATM 944 O  O   . HOH D 2 .  ? 4.042   -13.663 -1.948  1.00 21.31 ? 128 HOH B O   1 
HETATM 945 O  O   . HOH D 2 .  ? 18.738  -12.678 -3.511  1.00 35.94 ? 129 HOH B O   1 
HETATM 946 O  O   . HOH D 2 .  ? -5.580  -9.133  3.788   1.00 33.95 ? 131 HOH B O   1 
HETATM 947 O  O   . HOH D 2 .  ? 18.730  -10.589 -6.764  1.00 18.84 ? 132 HOH B O   1 
HETATM 948 O  O   . HOH D 2 .  ? -6.302  -8.753  -3.461  1.00 24.01 ? 133 HOH B O   1 
HETATM 949 O  O   . HOH D 2 .  ? 19.271  -7.228  1.843   1.00 30.22 ? 134 HOH B O   1 
HETATM 950 O  O   . HOH D 2 .  ? 14.254  -21.636 -7.246  1.00 35.39 ? 135 HOH B O   1 
HETATM 951 O  O   . HOH D 2 .  ? 5.931   13.572  -9.220  1.00 39.48 ? 136 HOH B O   1 
HETATM 952 O  O   . HOH D 2 .  ? 6.809   -2.030  -10.209 1.00 35.67 ? 137 HOH B O   1 
HETATM 953 O  O   . HOH D 2 .  ? 4.622   -12.435 -11.035 1.00 18.93 ? 141 HOH B O   1 
HETATM 954 O  O   . HOH D 2 .  ? 9.746   -11.877 -9.159  1.00 37.25 ? 146 HOH B O   1 
HETATM 955 O  O   . HOH D 2 .  ? 8.292   -19.164 -0.080  1.00 41.81 ? 149 HOH B O   1 
HETATM 956 O  O   . HOH D 2 .  ? 15.020  -21.780 -13.388 1.00 54.30 ? 153 HOH B O   1 
HETATM 957 O  O   . HOH D 2 .  ? 8.681   -1.830  -14.406 1.00 50.60 ? 154 HOH B O   1 
HETATM 958 O  O   . HOH D 2 .  ? 7.511   -5.836  -12.141 1.00 39.44 ? 156 HOH B O   1 
HETATM 959 O  O   . HOH D 2 .  ? 4.417   -1.089  -10.694 1.00 50.59 ? 158 HOH B O   1 
HETATM 960 O  O   . HOH D 2 .  ? 15.268  -4.699  -8.421  1.00 30.31 ? 162 HOH B O   1 
HETATM 961 O  O   . HOH D 2 .  ? 0.513   -7.295  7.289   1.00 45.14 ? 166 HOH B O   1 
HETATM 962 O  O   . HOH D 2 .  ? 10.819  -18.570 -11.650 1.00 42.57 ? 171 HOH B O   1 
HETATM 963 O  O   . HOH D 2 .  ? 1.483   12.485  -8.424  1.00 47.83 ? 173 HOH B O   1 
HETATM 964 O  O   . HOH D 2 .  ? 3.116   -15.839 0.140   1.00 42.63 ? 176 HOH B O   1 
HETATM 965 O  O   . HOH D 2 .  ? 17.989  -0.590  2.243   1.00 47.06 ? 179 HOH B O   1 
HETATM 966 O  O   . HOH D 2 .  ? 15.580  -16.653 5.663   1.00 50.98 ? 180 HOH B O   1 
HETATM 967 O  O   . HOH D 2 .  ? 3.605   -19.720 8.071   1.00 49.37 ? 181 HOH B O   1 
HETATM 968 O  O   . HOH D 2 .  ? 9.654   0.793   -3.099  1.00 41.51 ? 183 HOH B O   1 
HETATM 969 O  O   . HOH D 2 .  ? 12.275  -4.647  -5.798  1.00 46.48 ? 184 HOH B O   1 
HETATM 970 O  O   . HOH D 2 .  ? 10.226  -16.088 -12.938 1.00 43.29 ? 186 HOH B O   1 
HETATM 971 O  O   . HOH D 2 .  ? 6.560   -12.010 10.265  1.00 46.99 ? 192 HOH B O   1 
# 
